data_4PZ2
#
_entry.id   4PZ2
#
_cell.length_a   233.880
_cell.length_b   233.880
_cell.length_c   82.900
_cell.angle_alpha   90.00
_cell.angle_beta   90.00
_cell.angle_gamma   90.00
#
_symmetry.space_group_name_H-M   'I 41'
#
loop_
_entity.id
_entity.type
_entity.pdbx_description
1 polymer ZmALDH
2 non-polymer 'SODIUM ION'
3 non-polymer DI(HYDROXYETHYL)ETHER
4 non-polymer NICOTINAMIDE-ADENINE-DINUCLEOTIDE
5 non-polymer 1,2-ETHANEDIOL
6 water water
#
_entity_poly.entity_id   1
_entity_poly.type   'polypeptide(L)'
_entity_poly.pdbx_seq_one_letter_code
;GSSHHHHHHSQDPNSMVSESNRGGADRTTAAGEEKEERGQLLFDVPEIRFTKLFINGSFVDAVSGRTFDTRDPRTGGVIA
SVAEADKEDVDLAVRAARAAFDHGEWPRMSGSERGRIMARLADLVEEHAGELAALESLDAGKHPAVTRAVDVGNAAGSLR
YFAGAADKIHGETLKMPGQFQGHTLREPLGVAGVIIPWNFPSTMFAVKVAPALAAGCALVVKPAEQTPLSALYLAQLAKQ
AGVPDGVINVVPGFGPTAGAALASHMDVDMVSFTGSTEVGRLIMKASAESNLKPVYLELGGKSPLIVFDDADLDMAVELA
VGASFFNKGEACVAASRVYVQERVYDRFEERLAERMRSWVVGDPFSDPRADQGPQVDKAQYERVLSYIDHGKREGATLLT
GGRPCAPEGKGYYIEPTVFTNVKEDMIIAKEEIFGPVMCLMKFKTVEEAIARANDTRYGLGAGVVTRDLDVANRVVRSVR
AGVVWVNCYFAMGSDCPFGGRKMSGFGKDEGMHALDKYLAVKSVVTPLRASPWI
;
_entity_poly.pdbx_strand_id   A,B,C,D
#
# COMPACT_ATOMS: atom_id res chain seq x y z
N LEU A 42 -40.41 -25.17 11.74
CA LEU A 42 -39.87 -26.41 11.21
C LEU A 42 -38.97 -26.20 9.99
N PHE A 43 -37.83 -26.90 9.99
CA PHE A 43 -36.81 -26.91 8.95
C PHE A 43 -36.61 -28.35 8.52
N ASP A 44 -36.46 -28.55 7.21
CA ASP A 44 -36.26 -29.89 6.66
C ASP A 44 -34.88 -30.45 7.02
N VAL A 45 -34.87 -31.67 7.62
CA VAL A 45 -33.67 -32.41 7.99
C VAL A 45 -32.99 -32.83 6.67
N PRO A 46 -31.70 -32.50 6.47
CA PRO A 46 -31.06 -32.83 5.19
C PRO A 46 -30.65 -34.30 5.05
N GLU A 47 -30.47 -34.75 3.81
CA GLU A 47 -29.99 -36.10 3.54
C GLU A 47 -28.46 -36.00 3.45
N ILE A 48 -27.76 -36.89 4.14
CA ILE A 48 -26.29 -36.90 4.18
C ILE A 48 -25.80 -37.67 2.96
N ARG A 49 -25.06 -36.99 2.07
CA ARG A 49 -24.58 -37.61 0.85
C ARG A 49 -23.07 -37.78 0.79
N PHE A 50 -22.32 -36.85 1.41
CA PHE A 50 -20.85 -36.86 1.41
C PHE A 50 -20.29 -37.24 2.75
N THR A 51 -19.77 -38.48 2.84
CA THR A 51 -19.23 -39.08 4.05
C THR A 51 -17.80 -39.61 3.90
N LYS A 52 -17.27 -39.66 2.66
CA LYS A 52 -15.93 -40.16 2.36
C LYS A 52 -14.87 -39.03 2.35
N LEU A 53 -13.57 -39.37 2.31
CA LEU A 53 -12.47 -38.41 2.22
C LEU A 53 -12.46 -37.80 0.81
N PHE A 54 -12.07 -36.53 0.68
CA PHE A 54 -11.99 -35.90 -0.64
C PHE A 54 -10.53 -35.73 -1.03
N ILE A 55 -10.01 -36.63 -1.87
CA ILE A 55 -8.61 -36.64 -2.31
C ILE A 55 -8.54 -36.68 -3.84
N ASN A 56 -7.79 -35.74 -4.43
CA ASN A 56 -7.56 -35.58 -5.86
C ASN A 56 -8.84 -35.58 -6.72
N GLY A 57 -9.84 -34.83 -6.26
CA GLY A 57 -11.12 -34.67 -6.92
C GLY A 57 -12.11 -35.81 -6.75
N SER A 58 -11.78 -36.80 -5.91
CA SER A 58 -12.64 -37.96 -5.70
C SER A 58 -12.98 -38.23 -4.25
N PHE A 59 -14.17 -38.80 -4.01
CA PHE A 59 -14.62 -39.25 -2.68
C PHE A 59 -14.17 -40.68 -2.52
N VAL A 60 -13.19 -40.88 -1.64
CA VAL A 60 -12.55 -42.17 -1.36
C VAL A 60 -12.61 -42.55 0.12
N ASP A 61 -12.56 -43.85 0.41
CA ASP A 61 -12.52 -44.35 1.78
C ASP A 61 -11.09 -44.25 2.31
N ALA A 62 -10.93 -44.34 3.63
CA ALA A 62 -9.62 -44.34 4.28
C ALA A 62 -8.90 -45.63 3.91
N VAL A 63 -7.55 -45.61 3.86
CA VAL A 63 -6.72 -46.76 3.52
C VAL A 63 -7.11 -48.00 4.39
N SER A 64 -7.38 -47.75 5.69
CA SER A 64 -7.77 -48.72 6.71
C SER A 64 -9.22 -49.20 6.57
N GLY A 65 -10.06 -48.41 5.90
CA GLY A 65 -11.48 -48.70 5.74
C GLY A 65 -12.26 -48.31 6.98
N ARG A 66 -11.58 -47.63 7.94
CA ARG A 66 -12.15 -47.17 9.20
C ARG A 66 -13.07 -45.98 9.02
N THR A 67 -14.09 -45.91 9.89
CA THR A 67 -15.05 -44.82 9.95
C THR A 67 -15.18 -44.35 11.40
N PHE A 68 -15.64 -43.12 11.58
CA PHE A 68 -15.93 -42.53 12.88
C PHE A 68 -17.32 -41.93 12.78
N ASP A 69 -18.08 -41.95 13.86
CA ASP A 69 -19.43 -41.42 13.82
C ASP A 69 -19.51 -39.95 14.18
N THR A 70 -20.42 -39.25 13.50
CA THR A 70 -20.79 -37.87 13.79
C THR A 70 -22.20 -37.94 14.36
N ARG A 71 -22.47 -37.22 15.45
CA ARG A 71 -23.76 -37.28 16.13
C ARG A 71 -24.52 -35.96 16.12
N ASP A 72 -25.86 -36.03 16.25
CA ASP A 72 -26.76 -34.89 16.33
C ASP A 72 -26.94 -34.53 17.83
N PRO A 73 -26.44 -33.35 18.28
CA PRO A 73 -26.58 -32.98 19.71
C PRO A 73 -28.01 -32.80 20.25
N ARG A 74 -29.01 -32.71 19.36
CA ARG A 74 -30.41 -32.62 19.75
C ARG A 74 -30.91 -33.95 20.34
N THR A 75 -30.35 -35.08 19.87
CA THR A 75 -30.74 -36.44 20.26
C THR A 75 -29.59 -37.27 20.85
N GLY A 76 -28.36 -36.98 20.43
CA GLY A 76 -27.16 -37.73 20.81
C GLY A 76 -26.92 -38.95 19.93
N GLY A 77 -27.74 -39.07 18.87
CA GLY A 77 -27.69 -40.18 17.91
C GLY A 77 -26.81 -39.92 16.70
N VAL A 78 -26.27 -41.01 16.11
CA VAL A 78 -25.40 -41.02 14.93
C VAL A 78 -26.13 -40.47 13.68
N ILE A 79 -25.52 -39.46 13.05
CA ILE A 79 -26.01 -38.80 11.82
C ILE A 79 -25.46 -39.59 10.63
N ALA A 80 -24.15 -39.83 10.62
CA ALA A 80 -23.42 -40.51 9.55
C ALA A 80 -22.16 -41.18 10.07
N SER A 81 -21.63 -42.12 9.29
CA SER A 81 -20.36 -42.79 9.57
C SER A 81 -19.36 -42.25 8.53
N VAL A 82 -18.43 -41.38 8.99
CA VAL A 82 -17.43 -40.67 8.18
C VAL A 82 -16.09 -41.44 8.09
N ALA A 83 -15.50 -41.51 6.88
CA ALA A 83 -14.20 -42.13 6.67
C ALA A 83 -13.17 -41.49 7.61
N GLU A 84 -12.43 -42.34 8.34
CA GLU A 84 -11.45 -41.90 9.33
C GLU A 84 -10.05 -41.81 8.75
N ALA A 85 -9.60 -40.57 8.42
CA ALA A 85 -8.26 -40.35 7.89
C ALA A 85 -7.19 -40.48 8.96
N ASP A 86 -6.06 -41.06 8.56
CA ASP A 86 -4.87 -41.24 9.40
C ASP A 86 -3.66 -40.77 8.59
N LYS A 87 -2.43 -41.02 9.08
CA LYS A 87 -1.16 -40.65 8.46
C LYS A 87 -1.08 -40.97 6.95
N GLU A 88 -1.44 -42.20 6.56
CA GLU A 88 -1.40 -42.67 5.16
C GLU A 88 -2.29 -41.87 4.21
N ASP A 89 -3.49 -41.48 4.70
CA ASP A 89 -4.49 -40.70 3.95
C ASP A 89 -4.05 -39.25 3.80
N VAL A 90 -3.40 -38.70 4.84
CA VAL A 90 -2.84 -37.35 4.84
C VAL A 90 -1.71 -37.31 3.79
N ASP A 91 -0.85 -38.34 3.76
CA ASP A 91 0.24 -38.51 2.79
C ASP A 91 -0.28 -38.44 1.35
N LEU A 92 -1.35 -39.23 1.06
CA LEU A 92 -2.08 -39.30 -0.22
C LEU A 92 -2.63 -37.90 -0.62
N ALA A 93 -3.28 -37.20 0.33
CA ALA A 93 -3.82 -35.85 0.11
C ALA A 93 -2.69 -34.82 -0.14
N VAL A 94 -1.58 -34.90 0.63
CA VAL A 94 -0.41 -34.00 0.46
C VAL A 94 0.27 -34.21 -0.92
N ARG A 95 0.33 -35.49 -1.37
CA ARG A 95 0.89 -35.86 -2.68
C ARG A 95 0.03 -35.32 -3.82
N ALA A 96 -1.33 -35.37 -3.66
CA ALA A 96 -2.31 -34.84 -4.61
C ALA A 96 -2.17 -33.31 -4.73
N ALA A 97 -1.96 -32.62 -3.58
CA ALA A 97 -1.79 -31.17 -3.52
C ALA A 97 -0.45 -30.76 -4.12
N ARG A 98 0.60 -31.54 -3.83
CA ARG A 98 1.95 -31.32 -4.38
C ARG A 98 1.93 -31.40 -5.93
N ALA A 99 1.26 -32.43 -6.49
CA ALA A 99 1.15 -32.59 -7.95
C ALA A 99 0.35 -31.43 -8.56
N ALA A 100 -0.74 -31.01 -7.89
CA ALA A 100 -1.59 -29.89 -8.33
C ALA A 100 -0.83 -28.56 -8.34
N PHE A 101 0.06 -28.35 -7.36
CA PHE A 101 0.86 -27.13 -7.28
C PHE A 101 2.06 -27.15 -8.24
N ASP A 102 2.87 -28.22 -8.19
CA ASP A 102 4.08 -28.35 -8.98
C ASP A 102 3.86 -28.52 -10.45
N HIS A 103 2.78 -29.25 -10.85
CA HIS A 103 2.52 -29.55 -12.27
C HIS A 103 1.15 -29.18 -12.80
N GLY A 104 0.19 -28.94 -11.91
CA GLY A 104 -1.17 -28.61 -12.27
C GLY A 104 -1.42 -27.17 -12.71
N GLU A 105 -2.65 -26.96 -13.19
CA GLU A 105 -3.20 -25.73 -13.75
C GLU A 105 -3.35 -24.56 -12.80
N TRP A 106 -3.83 -24.79 -11.56
CA TRP A 106 -4.13 -23.74 -10.57
C TRP A 106 -3.09 -22.59 -10.39
N PRO A 107 -1.78 -22.87 -10.11
CA PRO A 107 -0.83 -21.74 -9.98
C PRO A 107 -0.49 -21.10 -11.34
N ARG A 108 -0.73 -21.85 -12.44
CA ARG A 108 -0.45 -21.40 -13.81
C ARG A 108 -1.58 -20.58 -14.44
N MET A 109 -2.74 -20.57 -13.79
CA MET A 109 -3.89 -19.76 -14.20
C MET A 109 -3.67 -18.31 -13.80
N SER A 110 -4.28 -17.40 -14.54
CA SER A 110 -4.23 -15.98 -14.18
C SER A 110 -5.11 -15.74 -12.93
N GLY A 111 -4.80 -14.69 -12.17
CA GLY A 111 -5.61 -14.31 -11.02
C GLY A 111 -7.07 -14.14 -11.40
N SER A 112 -7.33 -13.61 -12.62
CA SER A 112 -8.67 -13.44 -13.19
C SER A 112 -9.38 -14.79 -13.35
N GLU A 113 -8.65 -15.82 -13.84
CA GLU A 113 -9.16 -17.19 -14.04
C GLU A 113 -9.50 -17.84 -12.71
N ARG A 114 -8.59 -17.72 -11.73
CA ARG A 114 -8.81 -18.23 -10.38
C ARG A 114 -10.02 -17.53 -9.74
N GLY A 115 -10.10 -16.20 -9.92
CA GLY A 115 -11.18 -15.32 -9.46
C GLY A 115 -12.56 -15.71 -9.95
N ARG A 116 -12.69 -16.08 -11.24
CA ARG A 116 -13.96 -16.54 -11.83
C ARG A 116 -14.42 -17.86 -11.21
N ILE A 117 -13.48 -18.80 -11.02
CA ILE A 117 -13.77 -20.11 -10.43
C ILE A 117 -14.21 -19.93 -8.99
N MET A 118 -13.45 -19.09 -8.24
CA MET A 118 -13.73 -18.75 -6.85
C MET A 118 -15.08 -18.09 -6.69
N ALA A 119 -15.46 -17.23 -7.65
CA ALA A 119 -16.76 -16.54 -7.59
C ALA A 119 -17.91 -17.51 -7.92
N ARG A 120 -17.67 -18.49 -8.81
CA ARG A 120 -18.61 -19.58 -9.17
C ARG A 120 -18.90 -20.43 -7.93
N LEU A 121 -17.87 -20.68 -7.11
CA LEU A 121 -17.97 -21.39 -5.84
C LEU A 121 -18.84 -20.59 -4.84
N ALA A 122 -18.62 -19.27 -4.74
CA ALA A 122 -19.43 -18.39 -3.87
C ALA A 122 -20.90 -18.39 -4.33
N ASP A 123 -21.14 -18.42 -5.66
CA ASP A 123 -22.48 -18.52 -6.27
C ASP A 123 -23.19 -19.83 -5.89
N LEU A 124 -22.43 -20.94 -5.87
CA LEU A 124 -22.91 -22.28 -5.50
C LEU A 124 -23.27 -22.40 -4.01
N VAL A 125 -22.43 -21.81 -3.13
CA VAL A 125 -22.64 -21.76 -1.68
C VAL A 125 -23.96 -21.01 -1.39
N GLU A 126 -24.23 -19.96 -2.17
CA GLU A 126 -25.43 -19.13 -2.10
C GLU A 126 -26.68 -19.87 -2.62
N GLU A 127 -26.54 -20.57 -3.75
CA GLU A 127 -27.56 -21.39 -4.40
C GLU A 127 -28.01 -22.57 -3.49
N HIS A 128 -27.04 -23.19 -2.78
CA HIS A 128 -27.26 -24.33 -1.87
C HIS A 128 -27.21 -23.94 -0.38
N ALA A 129 -27.43 -22.65 -0.06
CA ALA A 129 -27.39 -22.09 1.28
C ALA A 129 -28.28 -22.78 2.30
N GLY A 130 -29.52 -23.09 1.90
CA GLY A 130 -30.52 -23.76 2.74
C GLY A 130 -30.12 -25.15 3.15
N GLU A 131 -29.62 -25.95 2.16
CA GLU A 131 -29.15 -27.32 2.36
C GLU A 131 -27.92 -27.35 3.26
N LEU A 132 -26.94 -26.46 2.98
CA LEU A 132 -25.70 -26.33 3.74
C LEU A 132 -25.98 -25.87 5.18
N ALA A 133 -26.92 -24.93 5.36
CA ALA A 133 -27.31 -24.43 6.68
C ALA A 133 -27.93 -25.53 7.54
N ALA A 134 -28.83 -26.35 6.94
CA ALA A 134 -29.53 -27.44 7.61
C ALA A 134 -28.55 -28.54 7.97
N LEU A 135 -27.62 -28.86 7.05
CA LEU A 135 -26.54 -29.83 7.23
C LEU A 135 -25.63 -29.41 8.42
N GLU A 136 -25.10 -28.16 8.40
CA GLU A 136 -24.24 -27.63 9.46
C GLU A 136 -25.01 -27.56 10.78
N SER A 137 -26.30 -27.18 10.74
CA SER A 137 -27.14 -27.10 11.93
C SER A 137 -27.38 -28.44 12.61
N LEU A 138 -27.64 -29.51 11.83
CA LEU A 138 -27.91 -30.84 12.36
C LEU A 138 -26.66 -31.39 13.07
N ASP A 139 -25.49 -31.18 12.43
CA ASP A 139 -24.15 -31.60 12.85
C ASP A 139 -23.59 -30.85 14.09
N ALA A 140 -23.80 -29.50 14.15
CA ALA A 140 -23.27 -28.64 15.22
C ALA A 140 -24.25 -28.15 16.27
N GLY A 141 -25.53 -28.52 16.13
CA GLY A 141 -26.59 -28.12 17.04
C GLY A 141 -26.94 -26.65 16.95
N LYS A 142 -27.11 -26.14 15.72
CA LYS A 142 -27.40 -24.73 15.45
C LYS A 142 -28.83 -24.46 14.94
N HIS A 143 -29.22 -23.17 14.90
CA HIS A 143 -30.52 -22.80 14.34
C HIS A 143 -30.31 -22.67 12.81
N PRO A 144 -31.08 -23.42 11.99
CA PRO A 144 -30.85 -23.35 10.52
C PRO A 144 -31.00 -21.97 9.88
N ALA A 145 -31.87 -21.09 10.42
CA ALA A 145 -32.05 -19.73 9.89
C ALA A 145 -30.85 -18.82 10.25
N VAL A 146 -30.28 -19.02 11.46
CA VAL A 146 -29.11 -18.27 11.94
C VAL A 146 -27.87 -18.71 11.14
N THR A 147 -27.70 -20.04 10.93
CA THR A 147 -26.59 -20.64 10.17
C THR A 147 -26.61 -20.14 8.72
N ARG A 148 -27.80 -20.02 8.11
CA ARG A 148 -27.95 -19.50 6.75
C ARG A 148 -27.55 -18.02 6.65
N ALA A 149 -28.12 -17.18 7.51
CA ALA A 149 -27.87 -15.73 7.51
C ALA A 149 -26.47 -15.33 7.95
N VAL A 150 -25.93 -16.02 8.97
CA VAL A 150 -24.62 -15.70 9.53
C VAL A 150 -23.50 -16.56 8.93
N ASP A 151 -23.41 -17.83 9.32
CA ASP A 151 -22.37 -18.78 8.91
C ASP A 151 -22.19 -18.96 7.40
N VAL A 152 -23.27 -19.33 6.68
CA VAL A 152 -23.24 -19.55 5.22
C VAL A 152 -23.00 -18.23 4.45
N GLY A 153 -23.65 -17.14 4.91
CA GLY A 153 -23.49 -15.81 4.34
C GLY A 153 -22.05 -15.31 4.45
N ASN A 154 -21.38 -15.55 5.60
CA ASN A 154 -19.99 -15.16 5.81
C ASN A 154 -19.05 -16.04 4.98
N ALA A 155 -19.41 -17.32 4.77
CA ALA A 155 -18.64 -18.27 3.97
C ALA A 155 -18.66 -17.84 2.48
N ALA A 156 -19.85 -17.54 1.94
CA ALA A 156 -20.04 -17.05 0.58
C ALA A 156 -19.32 -15.69 0.38
N GLY A 157 -19.43 -14.82 1.40
CA GLY A 157 -18.82 -13.49 1.45
C GLY A 157 -17.30 -13.47 1.46
N SER A 158 -16.68 -14.43 2.17
CA SER A 158 -15.23 -14.61 2.24
C SER A 158 -14.69 -15.09 0.87
N LEU A 159 -15.43 -16.02 0.23
CA LEU A 159 -15.09 -16.54 -1.11
C LEU A 159 -15.13 -15.45 -2.17
N ARG A 160 -16.12 -14.55 -2.08
CA ARG A 160 -16.33 -13.44 -3.00
C ARG A 160 -15.25 -12.36 -2.86
N TYR A 161 -14.92 -12.00 -1.61
CA TYR A 161 -13.89 -11.02 -1.30
C TYR A 161 -12.54 -11.41 -1.89
N PHE A 162 -12.11 -12.68 -1.71
CA PHE A 162 -10.84 -13.18 -2.23
C PHE A 162 -10.82 -13.47 -3.71
N ALA A 163 -12.01 -13.73 -4.32
CA ALA A 163 -12.19 -13.87 -5.77
C ALA A 163 -11.82 -12.52 -6.42
N GLY A 164 -12.20 -11.43 -5.76
CA GLY A 164 -11.91 -10.06 -6.16
C GLY A 164 -10.50 -9.61 -5.82
N ALA A 165 -9.81 -10.34 -4.92
CA ALA A 165 -8.40 -10.10 -4.54
C ALA A 165 -7.41 -10.75 -5.54
N ALA A 166 -7.82 -11.88 -6.14
CA ALA A 166 -7.03 -12.72 -7.02
C ALA A 166 -6.33 -12.05 -8.21
N ASP A 167 -6.99 -11.07 -8.86
CA ASP A 167 -6.48 -10.33 -10.03
C ASP A 167 -5.75 -9.03 -9.67
N LYS A 168 -5.50 -8.78 -8.37
CA LYS A 168 -4.89 -7.54 -7.91
C LYS A 168 -3.87 -7.70 -6.77
N ILE A 169 -3.26 -8.87 -6.65
CA ILE A 169 -2.21 -9.14 -5.66
C ILE A 169 -0.93 -8.47 -6.20
N HIS A 170 -0.33 -7.57 -5.39
CA HIS A 170 0.86 -6.81 -5.80
C HIS A 170 2.10 -7.03 -4.95
N GLY A 171 3.25 -6.98 -5.62
CA GLY A 171 4.56 -6.93 -4.99
C GLY A 171 5.01 -5.49 -5.15
N GLU A 172 6.28 -5.20 -4.88
CA GLU A 172 6.82 -3.85 -5.00
C GLU A 172 7.99 -3.77 -5.97
N THR A 173 8.28 -2.55 -6.45
CA THR A 173 9.50 -2.18 -7.17
C THR A 173 10.17 -1.27 -6.13
N LEU A 174 11.37 -1.67 -5.72
CA LEU A 174 12.10 -1.07 -4.61
C LEU A 174 12.99 0.10 -4.96
N LYS A 175 13.41 0.87 -3.93
CA LYS A 175 14.35 1.98 -4.09
C LYS A 175 15.73 1.44 -3.74
N MET A 176 16.63 1.41 -4.71
CA MET A 176 17.94 0.78 -4.59
C MET A 176 19.11 1.66 -4.18
N PRO A 177 20.13 1.08 -3.46
CA PRO A 177 21.29 1.89 -3.01
C PRO A 177 22.29 2.38 -4.07
N GLY A 178 22.02 2.08 -5.34
CA GLY A 178 22.86 2.49 -6.47
C GLY A 178 22.25 2.11 -7.81
N GLN A 179 23.10 1.87 -8.83
CA GLN A 179 22.67 1.48 -10.18
C GLN A 179 22.20 0.02 -10.21
N PHE A 180 21.03 -0.23 -9.59
CA PHE A 180 20.36 -1.51 -9.44
C PHE A 180 18.87 -1.34 -9.59
N GLN A 181 18.18 -2.39 -10.05
CA GLN A 181 16.72 -2.45 -10.13
C GLN A 181 16.31 -3.61 -9.25
N GLY A 182 15.46 -3.32 -8.28
CA GLY A 182 15.00 -4.31 -7.32
C GLY A 182 13.50 -4.40 -7.26
N HIS A 183 13.00 -5.63 -7.11
CA HIS A 183 11.57 -5.83 -6.99
C HIS A 183 11.24 -7.08 -6.17
N THR A 184 10.00 -7.14 -5.67
CA THR A 184 9.52 -8.30 -4.95
C THR A 184 8.39 -8.93 -5.73
N LEU A 185 8.37 -10.25 -5.78
CA LEU A 185 7.32 -11.02 -6.42
C LEU A 185 6.57 -11.72 -5.30
N ARG A 186 5.25 -11.72 -5.38
CA ARG A 186 4.37 -12.32 -4.38
C ARG A 186 3.82 -13.56 -5.03
N GLU A 187 4.57 -14.64 -4.87
CA GLU A 187 4.28 -15.94 -5.48
C GLU A 187 3.38 -16.82 -4.63
N PRO A 188 2.57 -17.72 -5.27
CA PRO A 188 1.88 -18.77 -4.47
C PRO A 188 2.93 -19.58 -3.71
N LEU A 189 2.71 -19.83 -2.42
CA LEU A 189 3.67 -20.57 -1.59
C LEU A 189 3.86 -22.06 -1.97
N GLY A 190 2.76 -22.78 -2.09
CA GLY A 190 2.78 -24.20 -2.39
C GLY A 190 1.61 -24.93 -1.78
N VAL A 191 1.92 -25.89 -0.90
CA VAL A 191 0.94 -26.73 -0.19
C VAL A 191 0.62 -26.15 1.20
N ALA A 192 -0.65 -25.69 1.34
CA ALA A 192 -1.21 -25.14 2.57
C ALA A 192 -1.96 -26.20 3.39
N GLY A 193 -1.53 -26.38 4.64
CA GLY A 193 -2.15 -27.28 5.60
C GLY A 193 -3.11 -26.49 6.48
N VAL A 194 -4.37 -26.94 6.56
CA VAL A 194 -5.44 -26.28 7.32
C VAL A 194 -6.06 -27.23 8.34
N ILE A 195 -6.03 -26.82 9.63
CA ILE A 195 -6.61 -27.53 10.78
C ILE A 195 -7.60 -26.58 11.49
N ILE A 196 -8.89 -26.93 11.46
CA ILE A 196 -9.95 -26.06 11.98
C ILE A 196 -10.90 -26.69 13.05
N PRO A 197 -11.61 -25.84 13.86
CA PRO A 197 -12.48 -26.40 14.91
C PRO A 197 -13.89 -26.71 14.43
N TRP A 198 -14.73 -27.19 15.36
CA TRP A 198 -16.10 -27.64 15.14
C TRP A 198 -17.19 -26.59 15.24
N ASN A 199 -16.90 -25.42 15.86
CA ASN A 199 -17.92 -24.39 16.13
C ASN A 199 -18.51 -23.65 14.94
N PHE A 200 -17.69 -23.32 13.93
CA PHE A 200 -18.18 -22.66 12.72
C PHE A 200 -17.60 -23.43 11.53
N PRO A 201 -18.13 -24.65 11.24
CA PRO A 201 -17.55 -25.49 10.16
C PRO A 201 -17.40 -24.87 8.77
N SER A 202 -18.49 -24.31 8.19
CA SER A 202 -18.53 -23.67 6.87
C SER A 202 -17.67 -22.43 6.83
N THR A 203 -17.83 -21.54 7.82
CA THR A 203 -17.07 -20.31 7.93
C THR A 203 -15.57 -20.60 8.05
N MET A 204 -15.18 -21.57 8.91
CA MET A 204 -13.78 -21.97 9.10
C MET A 204 -13.17 -22.48 7.81
N PHE A 205 -13.91 -23.33 7.07
CA PHE A 205 -13.48 -23.85 5.76
C PHE A 205 -13.19 -22.69 4.79
N ALA A 206 -14.16 -21.79 4.57
CA ALA A 206 -14.08 -20.64 3.65
C ALA A 206 -12.98 -19.60 3.98
N VAL A 207 -12.85 -19.24 5.27
CA VAL A 207 -11.90 -18.26 5.79
C VAL A 207 -10.42 -18.69 5.64
N LYS A 208 -10.17 -20.00 5.50
CA LYS A 208 -8.82 -20.53 5.28
C LYS A 208 -8.61 -20.83 3.81
N VAL A 209 -9.60 -21.48 3.18
CA VAL A 209 -9.57 -21.87 1.77
C VAL A 209 -9.54 -20.66 0.83
N ALA A 210 -10.43 -19.64 1.03
CA ALA A 210 -10.51 -18.44 0.17
C ALA A 210 -9.20 -17.67 -0.04
N PRO A 211 -8.44 -17.19 0.97
CA PRO A 211 -7.18 -16.50 0.65
C PRO A 211 -6.14 -17.47 0.04
N ALA A 212 -6.14 -18.75 0.45
CA ALA A 212 -5.20 -19.77 -0.05
C ALA A 212 -5.43 -20.00 -1.53
N LEU A 213 -6.72 -20.08 -1.90
CA LEU A 213 -7.19 -20.29 -3.25
C LEU A 213 -6.78 -19.11 -4.12
N ALA A 214 -7.02 -17.86 -3.65
CA ALA A 214 -6.69 -16.60 -4.33
C ALA A 214 -5.19 -16.45 -4.57
N ALA A 215 -4.37 -16.89 -3.60
CA ALA A 215 -2.91 -16.86 -3.65
C ALA A 215 -2.33 -17.87 -4.66
N GLY A 216 -3.12 -18.89 -5.05
CA GLY A 216 -2.70 -19.91 -6.00
C GLY A 216 -2.11 -21.17 -5.39
N CYS A 217 -2.40 -21.42 -4.09
CA CYS A 217 -1.95 -22.58 -3.33
C CYS A 217 -2.85 -23.78 -3.56
N ALA A 218 -2.32 -24.97 -3.23
CA ALA A 218 -3.05 -26.23 -3.22
C ALA A 218 -3.28 -26.49 -1.72
N LEU A 219 -4.42 -27.09 -1.35
CA LEU A 219 -4.81 -27.28 0.06
C LEU A 219 -5.05 -28.68 0.55
N VAL A 220 -4.78 -28.90 1.85
CA VAL A 220 -5.07 -30.12 2.61
C VAL A 220 -5.78 -29.63 3.89
N VAL A 221 -7.10 -29.90 3.96
CA VAL A 221 -7.97 -29.44 5.04
C VAL A 221 -8.34 -30.59 5.97
N LYS A 222 -8.04 -30.40 7.27
CA LYS A 222 -8.39 -31.37 8.31
C LYS A 222 -9.49 -30.74 9.16
N PRO A 223 -10.78 -31.07 8.87
CA PRO A 223 -11.87 -30.50 9.70
C PRO A 223 -12.00 -31.23 11.04
N ALA A 224 -12.61 -30.58 12.05
CA ALA A 224 -12.82 -31.18 13.36
C ALA A 224 -13.75 -32.38 13.24
N GLU A 225 -13.43 -33.46 13.97
CA GLU A 225 -14.14 -34.75 13.98
C GLU A 225 -15.60 -34.66 14.44
N GLN A 226 -15.94 -33.63 15.23
CA GLN A 226 -17.30 -33.42 15.78
C GLN A 226 -18.29 -32.95 14.72
N THR A 227 -17.82 -32.17 13.71
CA THR A 227 -18.64 -31.61 12.62
C THR A 227 -17.93 -31.74 11.26
N PRO A 228 -17.70 -32.96 10.73
CA PRO A 228 -16.94 -33.08 9.47
C PRO A 228 -17.75 -32.92 8.17
N LEU A 229 -19.09 -32.85 8.28
CA LEU A 229 -19.99 -32.87 7.13
C LEU A 229 -19.97 -31.68 6.19
N SER A 230 -19.97 -30.44 6.73
CA SER A 230 -19.96 -29.23 5.92
C SER A 230 -18.77 -29.17 4.96
N ALA A 231 -17.55 -29.50 5.44
CA ALA A 231 -16.32 -29.49 4.66
C ALA A 231 -16.37 -30.40 3.42
N LEU A 232 -16.99 -31.58 3.57
CA LEU A 232 -17.13 -32.55 2.48
C LEU A 232 -18.13 -32.06 1.44
N TYR A 233 -19.18 -31.36 1.88
CA TYR A 233 -20.20 -30.77 1.01
C TYR A 233 -19.56 -29.64 0.18
N LEU A 234 -18.81 -28.75 0.87
CA LEU A 234 -18.08 -27.62 0.31
C LEU A 234 -17.04 -28.07 -0.75
N ALA A 235 -16.38 -29.21 -0.49
CA ALA A 235 -15.39 -29.85 -1.37
C ALA A 235 -16.04 -30.25 -2.70
N GLN A 236 -17.28 -30.81 -2.64
CA GLN A 236 -18.06 -31.20 -3.81
C GLN A 236 -18.45 -29.97 -4.63
N LEU A 237 -18.88 -28.89 -3.96
CA LEU A 237 -19.27 -27.60 -4.54
C LEU A 237 -18.08 -26.98 -5.31
N ALA A 238 -16.88 -27.04 -4.72
CA ALA A 238 -15.61 -26.57 -5.31
C ALA A 238 -15.31 -27.30 -6.64
N LYS A 239 -15.54 -28.62 -6.68
CA LYS A 239 -15.35 -29.48 -7.85
C LYS A 239 -16.28 -29.03 -8.98
N GLN A 240 -17.57 -28.75 -8.64
CA GLN A 240 -18.61 -28.26 -9.55
C GLN A 240 -18.27 -26.86 -10.09
N ALA A 241 -17.64 -26.00 -9.27
CA ALA A 241 -17.22 -24.64 -9.63
C ALA A 241 -16.06 -24.60 -10.63
N GLY A 242 -15.30 -25.69 -10.72
CA GLY A 242 -14.18 -25.83 -11.63
C GLY A 242 -12.80 -25.83 -10.99
N VAL A 243 -12.72 -25.99 -9.64
CA VAL A 243 -11.44 -26.06 -8.91
C VAL A 243 -10.77 -27.36 -9.36
N PRO A 244 -9.53 -27.27 -9.92
CA PRO A 244 -8.86 -28.49 -10.42
C PRO A 244 -8.63 -29.54 -9.34
N ASP A 245 -8.63 -30.81 -9.73
CA ASP A 245 -8.39 -31.95 -8.85
C ASP A 245 -7.03 -31.80 -8.16
N GLY A 246 -7.00 -32.05 -6.86
CA GLY A 246 -5.79 -31.94 -6.04
C GLY A 246 -5.61 -30.61 -5.33
N VAL A 247 -6.31 -29.56 -5.77
CA VAL A 247 -6.23 -28.22 -5.19
C VAL A 247 -6.94 -28.15 -3.81
N ILE A 248 -8.06 -28.87 -3.64
CA ILE A 248 -8.76 -28.94 -2.35
C ILE A 248 -8.90 -30.40 -1.94
N ASN A 249 -8.25 -30.77 -0.84
CA ASN A 249 -8.29 -32.11 -0.28
C ASN A 249 -8.79 -32.01 1.16
N VAL A 250 -9.88 -32.75 1.44
CA VAL A 250 -10.51 -32.75 2.75
C VAL A 250 -10.31 -34.11 3.39
N VAL A 251 -9.62 -34.12 4.54
CA VAL A 251 -9.30 -35.34 5.27
C VAL A 251 -9.85 -35.36 6.70
N PRO A 252 -11.18 -35.58 6.90
CA PRO A 252 -11.70 -35.68 8.27
C PRO A 252 -11.07 -36.85 9.03
N GLY A 253 -10.89 -36.66 10.32
CA GLY A 253 -10.30 -37.64 11.22
C GLY A 253 -10.04 -37.04 12.59
N PHE A 254 -9.30 -37.76 13.41
CA PHE A 254 -9.02 -37.28 14.76
C PHE A 254 -7.79 -36.40 14.75
N GLY A 255 -7.72 -35.50 15.73
CA GLY A 255 -6.62 -34.57 15.87
C GLY A 255 -5.25 -35.21 16.03
N PRO A 256 -5.03 -36.02 17.10
CA PRO A 256 -3.70 -36.67 17.26
C PRO A 256 -3.28 -37.63 16.14
N THR A 257 -4.20 -38.03 15.25
CA THR A 257 -3.92 -38.92 14.12
C THR A 257 -3.71 -38.11 12.84
N ALA A 258 -4.81 -37.77 12.12
CA ALA A 258 -4.85 -37.00 10.89
C ALA A 258 -4.31 -35.58 11.04
N GLY A 259 -4.70 -34.88 12.12
CA GLY A 259 -4.26 -33.51 12.39
C GLY A 259 -2.77 -33.39 12.62
N ALA A 260 -2.22 -34.28 13.48
CA ALA A 260 -0.78 -34.34 13.80
C ALA A 260 0.06 -34.71 12.58
N ALA A 261 -0.46 -35.61 11.72
CA ALA A 261 0.20 -36.04 10.49
C ALA A 261 0.35 -34.89 9.51
N LEU A 262 -0.67 -34.02 9.43
CA LEU A 262 -0.67 -32.85 8.54
C LEU A 262 0.29 -31.76 9.06
N ALA A 263 0.28 -31.54 10.38
CA ALA A 263 1.12 -30.55 11.05
C ALA A 263 2.60 -30.93 10.98
N SER A 264 2.90 -32.26 10.94
CA SER A 264 4.23 -32.87 10.91
C SER A 264 4.70 -33.21 9.50
N HIS A 265 3.87 -32.95 8.48
CA HIS A 265 4.26 -33.34 7.12
C HIS A 265 5.45 -32.57 6.58
N MET A 266 6.43 -33.29 6.04
CA MET A 266 7.66 -32.77 5.45
C MET A 266 7.46 -32.03 4.11
N ASP A 267 6.29 -32.22 3.47
CA ASP A 267 6.02 -31.61 2.17
C ASP A 267 4.90 -30.55 2.18
N VAL A 268 4.51 -30.13 3.38
CA VAL A 268 3.51 -29.09 3.61
C VAL A 268 4.31 -27.79 3.88
N ASP A 269 4.02 -26.74 3.10
CA ASP A 269 4.75 -25.47 3.14
C ASP A 269 4.39 -24.53 4.29
N MET A 270 3.15 -24.65 4.82
CA MET A 270 2.65 -23.88 5.96
C MET A 270 1.48 -24.57 6.63
N VAL A 271 1.20 -24.13 7.88
CA VAL A 271 0.02 -24.59 8.60
C VAL A 271 -0.77 -23.42 9.21
N SER A 272 -2.07 -23.37 8.89
CA SER A 272 -2.98 -22.39 9.46
C SER A 272 -3.85 -23.20 10.39
N PHE A 273 -3.79 -22.87 11.67
CA PHE A 273 -4.52 -23.59 12.71
C PHE A 273 -5.48 -22.71 13.46
N THR A 274 -6.67 -23.25 13.68
CA THR A 274 -7.70 -22.65 14.52
C THR A 274 -8.17 -23.71 15.50
N GLY A 275 -8.08 -23.38 16.78
CA GLY A 275 -8.47 -24.27 17.85
C GLY A 275 -8.00 -23.76 19.19
N SER A 276 -7.87 -24.66 20.17
CA SER A 276 -7.45 -24.31 21.53
C SER A 276 -5.97 -23.90 21.62
N THR A 277 -5.63 -23.11 22.66
CA THR A 277 -4.29 -22.62 22.98
C THR A 277 -3.37 -23.82 23.29
N GLU A 278 -3.93 -24.87 23.94
CA GLU A 278 -3.17 -26.08 24.27
C GLU A 278 -2.77 -26.91 23.06
N VAL A 279 -3.66 -27.05 22.07
CA VAL A 279 -3.37 -27.79 20.81
C VAL A 279 -2.40 -26.97 19.93
N GLY A 280 -2.49 -25.65 20.01
CA GLY A 280 -1.58 -24.71 19.32
C GLY A 280 -0.12 -25.01 19.62
N ARG A 281 0.17 -25.45 20.86
CA ARG A 281 1.50 -25.84 21.35
C ARG A 281 2.02 -27.02 20.53
N LEU A 282 1.14 -27.98 20.25
CA LEU A 282 1.43 -29.20 19.50
C LEU A 282 1.67 -28.95 18.02
N ILE A 283 1.01 -27.94 17.44
CA ILE A 283 1.14 -27.52 16.04
C ILE A 283 2.54 -26.91 15.84
N MET A 284 2.97 -26.06 16.80
CA MET A 284 4.29 -25.44 16.82
C MET A 284 5.39 -26.48 17.00
N LYS A 285 5.16 -27.50 17.85
CA LYS A 285 6.09 -28.60 18.08
C LYS A 285 6.20 -29.48 16.83
N ALA A 286 5.06 -29.79 16.18
CA ALA A 286 5.02 -30.60 14.95
C ALA A 286 5.83 -29.99 13.80
N SER A 287 5.87 -28.65 13.70
CA SER A 287 6.63 -27.92 12.70
C SER A 287 8.12 -27.98 13.06
N ALA A 288 8.45 -27.74 14.34
CA ALA A 288 9.81 -27.76 14.87
C ALA A 288 10.47 -29.12 14.67
N GLU A 289 9.68 -30.21 14.81
CA GLU A 289 10.13 -31.61 14.69
C GLU A 289 10.12 -32.11 13.24
N SER A 290 9.62 -31.30 12.29
CA SER A 290 9.55 -31.67 10.88
C SER A 290 10.36 -30.71 9.97
N ASN A 291 9.70 -29.91 9.13
CA ASN A 291 10.34 -29.01 8.19
C ASN A 291 10.37 -27.52 8.57
N LEU A 292 10.02 -27.18 9.81
CA LEU A 292 9.98 -25.79 10.31
C LEU A 292 9.13 -24.88 9.43
N LYS A 293 8.00 -25.42 8.93
CA LYS A 293 7.03 -24.68 8.11
C LYS A 293 6.44 -23.53 8.95
N PRO A 294 6.18 -22.32 8.39
CA PRO A 294 5.52 -21.28 9.20
C PRO A 294 4.15 -21.77 9.68
N VAL A 295 3.84 -21.44 10.94
CA VAL A 295 2.62 -21.79 11.65
C VAL A 295 1.83 -20.49 11.95
N TYR A 296 0.49 -20.54 11.76
CA TYR A 296 -0.40 -19.40 12.01
C TYR A 296 -1.48 -19.91 12.95
N LEU A 297 -1.60 -19.27 14.13
CA LEU A 297 -2.48 -19.74 15.22
C LEU A 297 -3.60 -18.78 15.59
N GLU A 298 -4.84 -19.32 15.55
CA GLU A 298 -6.10 -18.67 15.90
C GLU A 298 -6.58 -19.48 17.08
N LEU A 299 -6.26 -18.99 18.27
CA LEU A 299 -6.52 -19.70 19.52
C LEU A 299 -7.75 -19.23 20.30
N GLY A 300 -7.85 -19.65 21.57
CA GLY A 300 -8.98 -19.32 22.43
C GLY A 300 -9.08 -17.89 22.90
N GLY A 301 -10.05 -17.63 23.77
CA GLY A 301 -10.25 -16.29 24.30
C GLY A 301 -11.05 -16.20 25.57
N LYS A 302 -10.98 -15.03 26.21
CA LYS A 302 -11.73 -14.67 27.40
C LYS A 302 -12.04 -13.19 27.23
N SER A 303 -12.84 -12.92 26.20
CA SER A 303 -13.21 -11.59 25.74
C SER A 303 -14.03 -10.71 26.69
N PRO A 304 -13.51 -9.49 27.01
CA PRO A 304 -14.28 -8.60 27.88
C PRO A 304 -15.19 -7.60 27.14
N LEU A 305 -16.38 -7.33 27.69
CA LEU A 305 -17.32 -6.34 27.15
C LEU A 305 -17.48 -5.27 28.24
N ILE A 306 -17.06 -4.03 27.96
CA ILE A 306 -17.11 -2.93 28.93
C ILE A 306 -18.29 -1.99 28.65
N VAL A 307 -19.20 -1.83 29.63
CA VAL A 307 -20.37 -0.95 29.55
C VAL A 307 -20.22 0.22 30.54
N PHE A 308 -20.30 1.46 30.04
CA PHE A 308 -20.20 2.70 30.85
C PHE A 308 -21.58 3.28 31.24
N ASP A 309 -21.63 4.16 32.28
CA ASP A 309 -22.86 4.85 32.78
C ASP A 309 -23.61 5.53 31.64
N ASP A 310 -22.82 5.96 30.65
CA ASP A 310 -23.12 6.61 29.38
C ASP A 310 -24.16 5.88 28.56
N ALA A 311 -24.12 4.56 28.59
CA ALA A 311 -24.86 3.67 27.72
C ALA A 311 -26.36 3.60 27.88
N ASP A 312 -27.06 3.29 26.77
CA ASP A 312 -28.49 3.01 26.76
C ASP A 312 -28.54 1.56 27.25
N LEU A 313 -29.04 1.38 28.47
CA LEU A 313 -29.12 0.11 29.18
C LEU A 313 -29.85 -1.00 28.44
N ASP A 314 -30.94 -0.66 27.76
CA ASP A 314 -31.71 -1.64 26.99
C ASP A 314 -30.90 -2.17 25.81
N MET A 315 -30.14 -1.28 25.11
CA MET A 315 -29.29 -1.72 24.00
C MET A 315 -28.08 -2.50 24.50
N ALA A 316 -27.48 -2.07 25.65
CA ALA A 316 -26.32 -2.69 26.28
C ALA A 316 -26.61 -4.10 26.80
N VAL A 317 -27.83 -4.31 27.37
CA VAL A 317 -28.27 -5.63 27.86
C VAL A 317 -28.46 -6.56 26.65
N GLU A 318 -29.20 -6.10 25.63
CA GLU A 318 -29.47 -6.83 24.39
C GLU A 318 -28.20 -7.21 23.64
N LEU A 319 -27.19 -6.32 23.67
CA LEU A 319 -25.89 -6.53 23.05
C LEU A 319 -25.10 -7.59 23.83
N ALA A 320 -25.13 -7.52 25.18
CA ALA A 320 -24.45 -8.48 26.07
C ALA A 320 -24.98 -9.88 25.91
N VAL A 321 -26.31 -10.03 25.80
CA VAL A 321 -27.01 -11.32 25.62
C VAL A 321 -26.52 -12.01 24.35
N GLY A 322 -26.49 -11.25 23.26
CA GLY A 322 -26.01 -11.73 21.97
C GLY A 322 -24.53 -12.03 21.99
N ALA A 323 -23.72 -11.11 22.59
CA ALA A 323 -22.26 -11.25 22.67
C ALA A 323 -21.81 -12.49 23.47
N SER A 324 -22.54 -12.83 24.56
CA SER A 324 -22.23 -13.98 25.42
C SER A 324 -22.86 -15.28 24.98
N PHE A 325 -24.12 -15.23 24.53
CA PHE A 325 -24.90 -16.42 24.23
C PHE A 325 -25.09 -16.84 22.78
N PHE A 326 -24.54 -16.06 21.81
CA PHE A 326 -24.62 -16.43 20.40
C PHE A 326 -23.94 -17.79 20.23
N ASN A 327 -24.61 -18.71 19.49
CA ASN A 327 -24.11 -20.06 19.22
C ASN A 327 -23.79 -20.82 20.53
N LYS A 328 -24.68 -20.69 21.54
CA LYS A 328 -24.58 -21.29 22.90
C LYS A 328 -23.19 -21.13 23.54
N GLY A 329 -22.61 -19.93 23.40
CA GLY A 329 -21.29 -19.60 23.92
C GLY A 329 -20.13 -20.31 23.23
N GLU A 330 -20.42 -21.10 22.17
CA GLU A 330 -19.42 -21.82 21.37
C GLU A 330 -18.93 -20.90 20.23
N ALA A 331 -18.31 -19.79 20.67
CA ALA A 331 -17.72 -18.73 19.88
C ALA A 331 -16.45 -18.32 20.61
N CYS A 332 -15.35 -18.25 19.89
CA CYS A 332 -14.02 -17.87 20.38
C CYS A 332 -13.96 -16.43 20.86
N VAL A 333 -14.77 -15.59 20.24
CA VAL A 333 -14.80 -14.18 20.51
C VAL A 333 -15.93 -13.75 21.46
N ALA A 334 -16.70 -14.74 21.98
CA ALA A 334 -17.80 -14.57 22.93
C ALA A 334 -17.39 -13.69 24.13
N ALA A 335 -18.26 -12.73 24.50
CA ALA A 335 -18.04 -11.85 25.65
C ALA A 335 -18.38 -12.64 26.92
N SER A 336 -17.42 -13.43 27.38
CA SER A 336 -17.53 -14.29 28.56
C SER A 336 -17.41 -13.48 29.86
N ARG A 337 -16.82 -12.28 29.76
CA ARG A 337 -16.64 -11.33 30.84
C ARG A 337 -17.38 -10.04 30.47
N VAL A 338 -18.37 -9.63 31.29
CA VAL A 338 -19.12 -8.38 31.05
C VAL A 338 -18.89 -7.44 32.23
N TYR A 339 -18.32 -6.25 31.95
CA TYR A 339 -17.99 -5.23 32.95
C TYR A 339 -18.94 -4.04 32.84
N VAL A 340 -19.71 -3.76 33.91
CA VAL A 340 -20.68 -2.66 33.93
C VAL A 340 -20.29 -1.65 35.02
N GLN A 341 -20.21 -0.34 34.66
CA GLN A 341 -19.84 0.74 35.57
C GLN A 341 -20.87 0.86 36.69
N GLU A 342 -20.37 0.95 37.94
CA GLU A 342 -21.12 0.97 39.21
C GLU A 342 -22.46 1.73 39.27
N ARG A 343 -22.58 2.89 38.58
CA ARG A 343 -23.80 3.70 38.61
C ARG A 343 -24.99 3.06 37.90
N VAL A 344 -24.74 2.22 36.90
CA VAL A 344 -25.79 1.54 36.13
C VAL A 344 -25.82 0.01 36.33
N TYR A 345 -24.87 -0.52 37.14
CA TYR A 345 -24.74 -1.95 37.41
C TYR A 345 -26.01 -2.64 37.89
N ASP A 346 -26.63 -2.10 38.95
CA ASP A 346 -27.84 -2.69 39.54
C ASP A 346 -29.00 -2.80 38.55
N ARG A 347 -29.21 -1.75 37.73
CA ARG A 347 -30.25 -1.70 36.71
C ARG A 347 -29.94 -2.70 35.60
N PHE A 348 -28.68 -2.73 35.12
CA PHE A 348 -28.22 -3.66 34.08
C PHE A 348 -28.48 -5.11 34.51
N GLU A 349 -28.05 -5.48 35.74
CA GLU A 349 -28.20 -6.82 36.33
C GLU A 349 -29.67 -7.27 36.38
N GLU A 350 -30.59 -6.37 36.78
CA GLU A 350 -32.03 -6.63 36.85
C GLU A 350 -32.66 -6.78 35.46
N ARG A 351 -32.28 -5.89 34.52
CA ARG A 351 -32.76 -5.94 33.13
C ARG A 351 -32.27 -7.20 32.42
N LEU A 352 -31.03 -7.65 32.69
CA LEU A 352 -30.43 -8.87 32.14
C LEU A 352 -31.18 -10.12 32.62
N ALA A 353 -31.48 -10.21 33.94
CA ALA A 353 -32.22 -11.33 34.53
C ALA A 353 -33.66 -11.41 33.97
N GLU A 354 -34.30 -10.24 33.74
CA GLU A 354 -35.63 -10.13 33.16
C GLU A 354 -35.63 -10.55 31.69
N ARG A 355 -34.60 -10.13 30.92
CA ARG A 355 -34.43 -10.46 29.51
C ARG A 355 -34.27 -11.97 29.31
N MET A 356 -33.52 -12.63 30.21
CA MET A 356 -33.26 -14.06 30.16
C MET A 356 -34.48 -14.94 30.39
N ARG A 357 -35.53 -14.37 31.01
CA ARG A 357 -36.79 -15.06 31.30
C ARG A 357 -37.59 -15.40 30.04
N SER A 358 -37.39 -14.63 28.95
CA SER A 358 -38.04 -14.81 27.65
C SER A 358 -37.13 -15.55 26.63
N TRP A 359 -35.91 -15.96 27.05
CA TRP A 359 -34.95 -16.67 26.21
C TRP A 359 -35.35 -18.16 26.13
N VAL A 360 -35.41 -18.69 24.88
CA VAL A 360 -35.82 -20.08 24.64
C VAL A 360 -34.65 -21.00 24.24
N VAL A 361 -34.45 -22.07 25.03
CA VAL A 361 -33.46 -23.12 24.80
C VAL A 361 -34.29 -24.34 24.38
N GLY A 362 -34.03 -24.83 23.17
CA GLY A 362 -34.75 -25.96 22.64
C GLY A 362 -34.31 -26.37 21.25
N ASP A 363 -35.08 -27.32 20.66
CA ASP A 363 -34.84 -27.88 19.34
C ASP A 363 -35.14 -26.82 18.25
N PRO A 364 -34.07 -26.32 17.55
CA PRO A 364 -34.29 -25.30 16.51
C PRO A 364 -35.04 -25.81 15.28
N PHE A 365 -35.10 -27.14 15.09
CA PHE A 365 -35.78 -27.80 13.97
C PHE A 365 -37.28 -28.00 14.23
N SER A 366 -37.71 -28.01 15.50
CA SER A 366 -39.13 -28.21 15.84
C SER A 366 -39.78 -27.04 16.61
N ASP A 367 -38.96 -26.18 17.28
CA ASP A 367 -39.44 -25.03 18.04
C ASP A 367 -39.11 -23.70 17.33
N PRO A 368 -40.13 -22.90 16.94
CA PRO A 368 -39.85 -21.64 16.23
C PRO A 368 -39.22 -20.54 17.11
N ARG A 369 -39.61 -20.51 18.41
CA ARG A 369 -39.13 -19.54 19.41
C ARG A 369 -37.67 -19.74 19.84
N ALA A 370 -37.04 -20.87 19.44
CA ALA A 370 -35.69 -21.28 19.83
C ALA A 370 -34.59 -20.25 19.58
N ASP A 371 -34.01 -19.76 20.69
CA ASP A 371 -32.91 -18.78 20.67
C ASP A 371 -31.56 -19.49 20.78
N GLN A 372 -31.55 -20.70 21.39
CA GLN A 372 -30.35 -21.48 21.68
C GLN A 372 -30.58 -22.97 21.50
N GLY A 373 -29.64 -23.62 20.84
CA GLY A 373 -29.69 -25.06 20.61
C GLY A 373 -28.87 -25.84 21.62
N PRO A 374 -28.67 -27.15 21.35
CA PRO A 374 -27.85 -27.94 22.28
C PRO A 374 -26.36 -27.67 22.06
N GLN A 375 -25.53 -27.95 23.07
CA GLN A 375 -24.08 -27.85 22.97
C GLN A 375 -23.65 -28.97 22.00
N VAL A 376 -22.55 -28.78 21.24
CA VAL A 376 -22.07 -29.71 20.20
C VAL A 376 -22.14 -31.23 20.44
N ASP A 377 -21.67 -31.71 21.61
CA ASP A 377 -21.63 -33.14 21.96
C ASP A 377 -21.59 -33.33 23.47
N LYS A 378 -21.57 -34.59 23.93
CA LYS A 378 -21.57 -34.98 25.33
C LYS A 378 -20.34 -34.44 26.08
N ALA A 379 -19.14 -34.55 25.46
CA ALA A 379 -17.87 -34.07 26.03
C ALA A 379 -17.93 -32.57 26.37
N GLN A 380 -18.43 -31.73 25.42
CA GLN A 380 -18.56 -30.29 25.59
C GLN A 380 -19.61 -29.92 26.63
N TYR A 381 -20.74 -30.65 26.61
CA TYR A 381 -21.87 -30.55 27.53
C TYR A 381 -21.42 -30.74 28.99
N GLU A 382 -20.66 -31.82 29.27
CA GLU A 382 -20.14 -32.12 30.60
C GLU A 382 -19.08 -31.12 31.05
N ARG A 383 -18.22 -30.68 30.11
CA ARG A 383 -17.17 -29.69 30.34
C ARG A 383 -17.76 -28.34 30.81
N VAL A 384 -18.88 -27.90 30.19
CA VAL A 384 -19.56 -26.66 30.56
C VAL A 384 -20.19 -26.82 31.95
N LEU A 385 -20.92 -27.94 32.19
CA LEU A 385 -21.56 -28.23 33.48
C LEU A 385 -20.53 -28.27 34.63
N SER A 386 -19.31 -28.76 34.33
CA SER A 386 -18.19 -28.82 35.26
C SER A 386 -17.75 -27.42 35.67
N TYR A 387 -17.64 -26.51 34.69
CA TYR A 387 -17.26 -25.11 34.93
C TYR A 387 -18.34 -24.37 35.75
N ILE A 388 -19.65 -24.61 35.45
CA ILE A 388 -20.79 -24.02 36.19
C ILE A 388 -20.74 -24.47 37.67
N ASP A 389 -20.52 -25.78 37.90
CA ASP A 389 -20.40 -26.37 39.23
C ASP A 389 -19.19 -25.76 39.96
N HIS A 390 -18.07 -25.58 39.25
CA HIS A 390 -16.87 -25.00 39.81
C HIS A 390 -17.09 -23.54 40.27
N GLY A 391 -17.86 -22.78 39.47
CA GLY A 391 -18.22 -21.39 39.78
C GLY A 391 -19.01 -21.29 41.06
N LYS A 392 -20.00 -22.19 41.26
CA LYS A 392 -20.83 -22.25 42.48
C LYS A 392 -19.92 -22.51 43.69
N ARG A 393 -18.98 -23.48 43.54
CA ARG A 393 -18.03 -23.90 44.57
C ARG A 393 -17.01 -22.82 44.94
N GLU A 394 -16.64 -21.95 44.01
CA GLU A 394 -15.70 -20.90 44.38
C GLU A 394 -16.30 -19.64 45.01
N GLY A 395 -17.63 -19.62 45.17
CA GLY A 395 -18.36 -18.53 45.80
C GLY A 395 -19.07 -17.51 44.93
N ALA A 396 -19.13 -17.75 43.59
CA ALA A 396 -19.82 -16.85 42.68
C ALA A 396 -21.33 -17.07 42.78
N THR A 397 -22.08 -15.96 42.67
CA THR A 397 -23.54 -15.96 42.75
C THR A 397 -24.10 -16.38 41.41
N LEU A 398 -25.17 -17.19 41.43
CA LEU A 398 -25.86 -17.63 40.23
C LEU A 398 -27.07 -16.69 40.03
N LEU A 399 -26.96 -15.76 39.04
CA LEU A 399 -28.03 -14.82 38.72
C LEU A 399 -29.16 -15.53 37.96
N THR A 400 -28.82 -16.32 36.91
CA THR A 400 -29.77 -17.06 36.07
C THR A 400 -29.14 -18.34 35.52
N GLY A 401 -29.99 -19.31 35.19
CA GLY A 401 -29.58 -20.60 34.62
C GLY A 401 -28.76 -21.45 35.56
N GLY A 402 -27.64 -21.99 35.06
CA GLY A 402 -26.71 -22.81 35.84
C GLY A 402 -27.08 -24.27 35.97
N ARG A 403 -28.04 -24.74 35.18
CA ARG A 403 -28.51 -26.13 35.24
C ARG A 403 -28.97 -26.64 33.86
N PRO A 404 -29.00 -27.97 33.61
CA PRO A 404 -29.44 -28.45 32.28
C PRO A 404 -30.94 -28.32 32.09
N CYS A 405 -31.37 -28.29 30.82
CA CYS A 405 -32.80 -28.24 30.53
C CYS A 405 -33.39 -29.44 29.79
N ALA A 406 -33.07 -29.59 28.48
CA ALA A 406 -33.57 -30.66 27.60
C ALA A 406 -35.14 -30.71 27.54
N PRO A 407 -35.74 -29.92 26.61
CA PRO A 407 -37.21 -29.87 26.52
C PRO A 407 -37.90 -31.20 26.20
N LYS A 410 -32.76 -37.06 24.94
CA LYS A 410 -33.32 -35.76 25.36
C LYS A 410 -32.54 -34.53 24.83
N GLY A 411 -31.21 -34.66 24.65
CA GLY A 411 -30.34 -33.60 24.13
C GLY A 411 -29.40 -32.92 25.11
N TYR A 412 -28.36 -32.26 24.59
CA TYR A 412 -27.31 -31.59 25.37
C TYR A 412 -27.60 -30.09 25.61
N TYR A 413 -28.75 -29.80 26.22
CA TYR A 413 -29.23 -28.45 26.49
C TYR A 413 -28.84 -27.91 27.87
N ILE A 414 -28.17 -26.74 27.88
CA ILE A 414 -27.74 -26.05 29.09
C ILE A 414 -28.37 -24.65 29.08
N GLU A 415 -28.97 -24.24 30.21
CA GLU A 415 -29.56 -22.91 30.38
C GLU A 415 -28.44 -21.84 30.31
N PRO A 416 -28.68 -20.69 29.63
CA PRO A 416 -27.67 -19.62 29.64
C PRO A 416 -27.45 -19.17 31.08
N THR A 417 -26.19 -19.08 31.44
CA THR A 417 -25.78 -18.84 32.80
C THR A 417 -25.12 -17.49 33.01
N VAL A 418 -25.59 -16.77 34.02
CA VAL A 418 -25.00 -15.50 34.41
C VAL A 418 -24.51 -15.63 35.86
N PHE A 419 -23.21 -15.39 36.04
CA PHE A 419 -22.56 -15.40 37.35
C PHE A 419 -22.28 -13.97 37.80
N THR A 420 -22.75 -13.61 38.99
CA THR A 420 -22.51 -12.31 39.63
C THR A 420 -21.59 -12.55 40.82
N ASN A 421 -21.02 -11.47 41.41
CA ASN A 421 -20.07 -11.50 42.55
C ASN A 421 -18.86 -12.40 42.22
N VAL A 422 -18.33 -12.20 41.01
CA VAL A 422 -17.19 -12.92 40.45
C VAL A 422 -15.91 -12.13 40.76
N LYS A 423 -14.93 -12.82 41.37
CA LYS A 423 -13.61 -12.27 41.68
C LYS A 423 -12.75 -12.59 40.47
N GLU A 424 -11.78 -11.71 40.16
CA GLU A 424 -10.88 -11.89 39.01
C GLU A 424 -10.05 -13.17 39.07
N ASP A 425 -9.65 -13.60 40.28
CA ASP A 425 -8.86 -14.80 40.55
C ASP A 425 -9.61 -16.14 40.34
N MET A 426 -10.95 -16.11 40.24
CA MET A 426 -11.83 -17.28 40.03
C MET A 426 -11.54 -17.99 38.69
N ILE A 427 -11.73 -19.33 38.67
CA ILE A 427 -11.52 -20.21 37.49
C ILE A 427 -12.45 -19.78 36.34
N ILE A 428 -13.72 -19.51 36.68
CA ILE A 428 -14.76 -19.08 35.75
C ILE A 428 -14.44 -17.73 35.11
N ALA A 429 -13.65 -16.88 35.81
CA ALA A 429 -13.24 -15.55 35.36
C ALA A 429 -12.05 -15.59 34.41
N LYS A 430 -11.16 -16.58 34.58
CA LYS A 430 -9.92 -16.72 33.81
C LYS A 430 -9.96 -17.74 32.66
N GLU A 431 -10.59 -18.89 32.88
CA GLU A 431 -10.60 -19.98 31.89
C GLU A 431 -11.72 -19.91 30.86
N GLU A 432 -11.40 -20.33 29.63
CA GLU A 432 -12.35 -20.40 28.52
C GLU A 432 -13.31 -21.59 28.70
N ILE A 433 -14.57 -21.28 29.05
CA ILE A 433 -15.63 -22.25 29.30
C ILE A 433 -16.17 -22.80 27.97
N PHE A 434 -16.35 -21.92 26.94
CA PHE A 434 -16.86 -22.29 25.61
C PHE A 434 -18.29 -22.89 25.68
N GLY A 435 -19.11 -22.24 26.51
CA GLY A 435 -20.51 -22.59 26.76
C GLY A 435 -21.33 -21.34 27.05
N PRO A 436 -22.67 -21.46 27.25
CA PRO A 436 -23.48 -20.23 27.51
C PRO A 436 -23.33 -19.72 28.94
N VAL A 437 -22.13 -19.23 29.26
CA VAL A 437 -21.79 -18.75 30.60
C VAL A 437 -21.22 -17.32 30.51
N MET A 438 -21.84 -16.41 31.26
CA MET A 438 -21.42 -15.02 31.35
C MET A 438 -20.99 -14.73 32.79
N CYS A 439 -19.87 -14.01 32.95
CA CYS A 439 -19.40 -13.52 34.24
C CYS A 439 -19.70 -12.03 34.22
N LEU A 440 -20.66 -11.59 35.06
CA LEU A 440 -21.08 -10.19 35.15
C LEU A 440 -20.39 -9.49 36.32
N MET A 441 -19.63 -8.43 36.00
CA MET A 441 -18.86 -7.67 36.97
C MET A 441 -19.09 -6.17 36.96
N LYS A 442 -18.76 -5.57 38.11
CA LYS A 442 -18.90 -4.15 38.41
C LYS A 442 -17.51 -3.49 38.41
N PHE A 443 -17.43 -2.23 37.96
CA PHE A 443 -16.21 -1.44 37.97
C PHE A 443 -16.50 0.05 38.27
N LYS A 444 -15.48 0.78 38.72
CA LYS A 444 -15.61 2.20 39.04
C LYS A 444 -14.98 3.08 37.96
N THR A 445 -13.68 2.91 37.69
CA THR A 445 -12.95 3.77 36.76
C THR A 445 -12.60 3.17 35.40
N VAL A 446 -12.31 4.06 34.41
CA VAL A 446 -11.88 3.75 33.05
C VAL A 446 -10.57 2.94 33.16
N GLU A 447 -9.64 3.41 34.03
CA GLU A 447 -8.34 2.80 34.35
C GLU A 447 -8.51 1.35 34.84
N GLU A 448 -9.45 1.13 35.77
CA GLU A 448 -9.80 -0.17 36.35
C GLU A 448 -10.38 -1.09 35.25
N ALA A 449 -11.32 -0.57 34.40
CA ALA A 449 -11.94 -1.33 33.31
C ALA A 449 -10.87 -1.86 32.35
N ILE A 450 -9.86 -1.02 32.02
CA ILE A 450 -8.74 -1.32 31.12
C ILE A 450 -7.83 -2.42 31.69
N ALA A 451 -7.40 -2.24 32.94
CA ALA A 451 -6.52 -3.16 33.66
C ALA A 451 -7.17 -4.54 33.83
N ARG A 452 -8.48 -4.58 34.13
CA ARG A 452 -9.25 -5.81 34.33
C ARG A 452 -9.50 -6.51 33.00
N ALA A 453 -9.76 -5.74 31.93
CA ALA A 453 -9.95 -6.28 30.58
C ALA A 453 -8.65 -6.99 30.12
N ASN A 454 -7.50 -6.39 30.44
CA ASN A 454 -6.18 -6.89 30.11
C ASN A 454 -5.67 -8.00 31.03
N ASP A 455 -6.35 -8.24 32.16
CA ASP A 455 -5.96 -9.28 33.12
C ASP A 455 -6.37 -10.70 32.65
N THR A 456 -5.72 -11.12 31.56
CA THR A 456 -5.94 -12.40 30.87
C THR A 456 -4.67 -12.74 30.11
N ARG A 457 -4.46 -14.02 29.82
CA ARG A 457 -3.32 -14.51 29.03
C ARG A 457 -3.71 -14.34 27.55
N TYR A 458 -5.02 -14.25 27.30
CA TYR A 458 -5.68 -14.09 26.01
C TYR A 458 -5.70 -12.64 25.51
N GLY A 459 -6.17 -12.47 24.28
CA GLY A 459 -6.29 -11.16 23.63
C GLY A 459 -6.84 -11.26 22.23
N LEU A 460 -7.98 -11.96 22.08
CA LEU A 460 -8.64 -12.13 20.78
C LEU A 460 -9.58 -10.93 20.49
N GLY A 461 -10.69 -10.84 21.22
CA GLY A 461 -11.65 -9.75 21.07
C GLY A 461 -11.98 -9.00 22.35
N ALA A 462 -12.69 -7.88 22.22
CA ALA A 462 -13.14 -7.00 23.31
C ALA A 462 -14.23 -6.08 22.76
N GLY A 463 -15.05 -5.53 23.66
CA GLY A 463 -16.12 -4.61 23.34
C GLY A 463 -16.21 -3.45 24.30
N VAL A 464 -16.63 -2.26 23.80
CA VAL A 464 -16.82 -1.03 24.59
C VAL A 464 -18.19 -0.47 24.27
N VAL A 465 -18.98 -0.18 25.30
CA VAL A 465 -20.27 0.46 25.11
C VAL A 465 -20.22 1.81 25.83
N THR A 466 -20.13 2.91 25.03
CA THR A 466 -20.05 4.30 25.46
C THR A 466 -20.43 5.27 24.34
N ARG A 467 -20.95 6.45 24.70
CA ARG A 467 -21.28 7.56 23.82
C ARG A 467 -20.08 8.54 23.75
N ASP A 468 -19.18 8.47 24.74
CA ASP A 468 -18.02 9.35 24.83
C ASP A 468 -16.89 8.93 23.90
N LEU A 469 -16.57 9.82 22.95
CA LEU A 469 -15.51 9.65 21.97
C LEU A 469 -14.10 9.47 22.58
N ASP A 470 -13.78 10.23 23.63
CA ASP A 470 -12.47 10.14 24.30
C ASP A 470 -12.30 8.88 25.14
N VAL A 471 -13.39 8.40 25.77
CA VAL A 471 -13.41 7.16 26.55
C VAL A 471 -13.24 5.98 25.56
N ALA A 472 -14.04 5.97 24.48
CA ALA A 472 -13.97 4.96 23.41
C ALA A 472 -12.54 4.84 22.87
N ASN A 473 -11.91 5.95 22.48
CA ASN A 473 -10.54 6.00 21.96
C ASN A 473 -9.51 5.46 22.93
N ARG A 474 -9.61 5.85 24.22
CA ARG A 474 -8.70 5.40 25.26
C ARG A 474 -8.80 3.89 25.50
N VAL A 475 -10.01 3.35 25.67
CA VAL A 475 -10.21 1.91 25.92
C VAL A 475 -9.75 1.08 24.71
N VAL A 476 -10.19 1.46 23.48
CA VAL A 476 -9.81 0.80 22.23
C VAL A 476 -8.28 0.64 22.12
N ARG A 477 -7.54 1.74 22.40
CA ARG A 477 -6.08 1.78 22.28
C ARG A 477 -5.33 1.18 23.43
N SER A 478 -6.00 0.94 24.57
CA SER A 478 -5.39 0.40 25.79
C SER A 478 -5.63 -1.10 26.00
N VAL A 479 -6.74 -1.65 25.45
CA VAL A 479 -7.06 -3.08 25.56
C VAL A 479 -6.24 -3.88 24.53
N ARG A 480 -5.36 -4.79 25.01
CA ARG A 480 -4.49 -5.64 24.18
C ARG A 480 -5.24 -6.83 23.54
N ALA A 481 -6.09 -6.52 22.56
CA ALA A 481 -6.92 -7.48 21.83
C ALA A 481 -6.84 -7.19 20.33
N GLY A 482 -6.94 -8.25 19.54
CA GLY A 482 -6.88 -8.17 18.09
C GLY A 482 -8.02 -7.41 17.43
N VAL A 483 -9.23 -7.52 18.02
CA VAL A 483 -10.47 -6.85 17.57
C VAL A 483 -11.16 -6.16 18.74
N VAL A 484 -11.58 -4.91 18.55
CA VAL A 484 -12.31 -4.12 19.55
C VAL A 484 -13.57 -3.58 18.87
N TRP A 485 -14.75 -3.99 19.37
CA TRP A 485 -16.04 -3.51 18.90
C TRP A 485 -16.51 -2.37 19.78
N VAL A 486 -16.97 -1.27 19.18
CA VAL A 486 -17.46 -0.10 19.91
C VAL A 486 -18.92 0.02 19.58
N ASN A 487 -19.81 -0.10 20.57
CA ASN A 487 -21.27 0.04 20.43
C ASN A 487 -21.94 -0.98 19.50
N CYS A 488 -21.30 -2.15 19.38
CA CYS A 488 -21.69 -3.29 18.58
C CYS A 488 -20.84 -4.48 19.01
N TYR A 489 -21.02 -5.63 18.36
CA TYR A 489 -20.26 -6.86 18.57
C TYR A 489 -20.32 -7.74 17.33
N PHE A 490 -19.30 -8.58 17.10
CA PHE A 490 -19.18 -9.53 15.97
C PHE A 490 -18.96 -8.94 14.57
N ALA A 491 -19.71 -7.87 14.22
CA ALA A 491 -19.70 -7.19 12.92
C ALA A 491 -18.30 -6.87 12.43
N MET A 492 -17.95 -7.42 11.24
CA MET A 492 -16.63 -7.21 10.65
C MET A 492 -16.61 -7.07 9.14
N GLY A 493 -16.99 -8.14 8.46
CA GLY A 493 -16.93 -8.23 7.01
C GLY A 493 -15.57 -8.78 6.61
N SER A 494 -15.46 -9.28 5.38
CA SER A 494 -14.24 -9.89 4.87
C SER A 494 -13.05 -8.93 4.64
N ASP A 495 -13.24 -7.61 4.74
CA ASP A 495 -12.13 -6.64 4.58
C ASP A 495 -11.42 -6.42 5.93
N CYS A 496 -12.06 -6.87 7.01
CA CYS A 496 -11.60 -6.69 8.37
C CYS A 496 -10.68 -7.85 8.84
N PRO A 497 -9.36 -7.60 9.06
CA PRO A 497 -8.49 -8.69 9.53
C PRO A 497 -8.84 -9.16 10.94
N PHE A 498 -8.84 -10.49 11.16
CA PHE A 498 -9.15 -11.14 12.43
C PHE A 498 -8.02 -12.02 12.90
N GLY A 499 -7.53 -11.74 14.09
CA GLY A 499 -6.44 -12.49 14.70
C GLY A 499 -6.20 -12.10 16.14
N GLY A 500 -5.62 -13.03 16.89
CA GLY A 500 -5.31 -12.85 18.29
C GLY A 500 -4.06 -12.04 18.58
N ARG A 501 -3.91 -11.72 19.86
CA ARG A 501 -2.78 -11.07 20.50
C ARG A 501 -2.53 -11.92 21.76
N LYS A 502 -1.30 -11.87 22.30
CA LYS A 502 -0.92 -12.63 23.50
C LYS A 502 -1.16 -14.15 23.26
N MET A 503 -1.81 -14.88 24.20
CA MET A 503 -2.05 -16.32 24.03
C MET A 503 -3.28 -16.70 23.17
N SER A 504 -3.88 -15.71 22.51
CA SER A 504 -4.99 -15.91 21.58
C SER A 504 -4.45 -16.16 20.16
N GLY A 505 -3.13 -16.04 20.01
CA GLY A 505 -2.44 -16.34 18.77
C GLY A 505 -1.79 -15.20 18.02
N PHE A 506 -1.55 -15.45 16.74
CA PHE A 506 -0.91 -14.57 15.78
C PHE A 506 -1.31 -15.01 14.35
N GLY A 507 -1.36 -14.06 13.44
CA GLY A 507 -1.76 -14.29 12.06
C GLY A 507 -3.16 -13.78 11.83
N LYS A 508 -3.45 -13.33 10.61
CA LYS A 508 -4.76 -12.76 10.30
C LYS A 508 -5.58 -13.61 9.35
N ASP A 509 -6.87 -13.82 9.66
CA ASP A 509 -7.83 -14.45 8.75
C ASP A 509 -8.67 -13.22 8.36
N GLU A 510 -9.20 -13.23 7.12
CA GLU A 510 -9.95 -12.13 6.52
C GLU A 510 -9.04 -10.92 6.22
N GLY A 511 -9.52 -10.06 5.32
CA GLY A 511 -8.80 -8.89 4.85
C GLY A 511 -7.76 -9.26 3.80
N MET A 512 -7.10 -8.27 3.20
CA MET A 512 -6.01 -8.51 2.25
C MET A 512 -4.81 -9.10 2.99
N HIS A 513 -4.80 -8.91 4.33
CA HIS A 513 -3.85 -9.39 5.34
C HIS A 513 -3.77 -10.92 5.35
N ALA A 514 -4.92 -11.62 5.13
CA ALA A 514 -5.02 -13.09 5.14
C ALA A 514 -4.22 -13.82 4.01
N LEU A 515 -3.87 -13.10 2.97
CA LEU A 515 -3.11 -13.60 1.82
C LEU A 515 -1.65 -13.87 2.15
N ASP A 516 -1.04 -13.05 3.03
CA ASP A 516 0.37 -13.11 3.42
C ASP A 516 0.91 -14.50 3.75
N LYS A 517 0.17 -15.26 4.57
CA LYS A 517 0.52 -16.62 5.01
C LYS A 517 0.60 -17.66 3.86
N TYR A 518 -0.05 -17.35 2.70
CA TYR A 518 -0.09 -18.22 1.52
C TYR A 518 0.79 -17.75 0.35
N LEU A 519 1.64 -16.76 0.62
CA LEU A 519 2.48 -16.22 -0.44
C LEU A 519 3.94 -16.31 -0.10
N ALA A 520 4.78 -16.43 -1.12
CA ALA A 520 6.22 -16.40 -0.99
C ALA A 520 6.64 -15.04 -1.56
N VAL A 521 7.28 -14.21 -0.73
CA VAL A 521 7.79 -12.92 -1.15
C VAL A 521 9.23 -13.18 -1.58
N LYS A 522 9.50 -12.95 -2.86
CA LYS A 522 10.80 -13.15 -3.47
C LYS A 522 11.41 -11.81 -3.89
N SER A 523 12.60 -11.49 -3.36
CA SER A 523 13.33 -10.28 -3.72
C SER A 523 14.22 -10.57 -4.91
N VAL A 524 14.18 -9.70 -5.95
CA VAL A 524 14.93 -9.85 -7.19
C VAL A 524 15.77 -8.59 -7.43
N VAL A 525 17.10 -8.75 -7.58
CA VAL A 525 18.03 -7.64 -7.76
C VAL A 525 18.91 -7.82 -9.01
N THR A 526 19.01 -6.75 -9.83
CA THR A 526 19.88 -6.73 -10.99
C THR A 526 20.58 -5.39 -11.14
N PRO A 527 21.85 -5.32 -11.65
CA PRO A 527 22.46 -4.01 -11.89
C PRO A 527 21.80 -3.31 -13.07
N LEU A 528 21.97 -1.99 -13.14
CA LEU A 528 21.48 -1.18 -14.24
C LEU A 528 22.69 -0.55 -14.89
N ARG A 529 22.63 -0.42 -16.22
CA ARG A 529 23.66 0.23 -16.99
C ARG A 529 23.14 1.57 -17.48
N ALA A 530 23.76 2.67 -16.99
CA ALA A 530 23.49 4.07 -17.35
C ALA A 530 22.02 4.50 -17.27
N SER A 531 21.34 4.15 -16.16
CA SER A 531 19.96 4.56 -15.97
C SER A 531 19.94 6.08 -15.70
N PRO A 532 19.13 6.87 -16.45
CA PRO A 532 19.11 8.33 -16.23
C PRO A 532 18.58 8.79 -14.86
N TRP A 533 17.93 7.88 -14.13
CA TRP A 533 17.38 8.07 -12.78
C TRP A 533 17.49 6.75 -12.00
N ILE A 534 17.50 6.85 -10.65
CA ILE A 534 17.44 5.75 -9.68
C ILE A 534 16.64 6.24 -8.46
N LEU B 41 -24.47 -12.42 -45.41
CA LEU B 41 -23.33 -11.98 -44.59
C LEU B 41 -22.84 -13.01 -43.55
N LEU B 42 -21.51 -13.00 -43.27
CA LEU B 42 -20.81 -13.89 -42.31
C LEU B 42 -21.08 -13.58 -40.83
N PHE B 43 -21.48 -12.33 -40.54
CA PHE B 43 -21.84 -11.91 -39.20
C PHE B 43 -23.17 -11.20 -39.26
N ASP B 44 -24.10 -11.58 -38.37
CA ASP B 44 -25.43 -10.98 -38.31
C ASP B 44 -25.38 -9.50 -37.96
N VAL B 45 -25.97 -8.67 -38.86
CA VAL B 45 -26.08 -7.21 -38.70
C VAL B 45 -27.08 -6.99 -37.56
N PRO B 46 -26.72 -6.23 -36.52
CA PRO B 46 -27.63 -6.11 -35.36
C PRO B 46 -28.84 -5.21 -35.58
N GLU B 47 -29.85 -5.39 -34.70
CA GLU B 47 -31.09 -4.63 -34.63
C GLU B 47 -30.78 -3.42 -33.74
N ILE B 48 -31.01 -2.18 -34.22
CA ILE B 48 -30.74 -0.96 -33.46
C ILE B 48 -31.96 -0.70 -32.59
N ARG B 49 -31.79 -0.82 -31.27
CA ARG B 49 -32.86 -0.69 -30.29
C ARG B 49 -32.78 0.59 -29.45
N PHE B 50 -31.57 1.07 -29.17
CA PHE B 50 -31.32 2.21 -28.30
C PHE B 50 -30.71 3.36 -29.05
N THR B 51 -31.52 4.41 -29.30
CA THR B 51 -31.16 5.61 -30.07
C THR B 51 -31.42 6.91 -29.31
N LYS B 52 -32.11 6.86 -28.16
CA LYS B 52 -32.45 8.04 -27.36
C LYS B 52 -31.41 8.30 -26.26
N LEU B 53 -31.48 9.47 -25.58
CA LEU B 53 -30.59 9.81 -24.45
C LEU B 53 -30.98 8.97 -23.24
N PHE B 54 -30.00 8.59 -22.39
CA PHE B 54 -30.32 7.83 -21.21
C PHE B 54 -30.16 8.71 -19.98
N ILE B 55 -31.28 9.23 -19.46
CA ILE B 55 -31.31 10.13 -18.30
C ILE B 55 -32.27 9.58 -17.23
N ASN B 56 -31.78 9.47 -15.99
CA ASN B 56 -32.49 9.00 -14.80
C ASN B 56 -33.22 7.65 -14.99
N GLY B 57 -32.52 6.70 -15.61
CA GLY B 57 -33.03 5.37 -15.89
C GLY B 57 -33.99 5.24 -17.06
N SER B 58 -34.20 6.32 -17.82
CA SER B 58 -35.12 6.30 -18.96
C SER B 58 -34.49 6.75 -20.26
N PHE B 59 -34.99 6.19 -21.40
CA PHE B 59 -34.59 6.59 -22.73
C PHE B 59 -35.52 7.71 -23.16
N VAL B 60 -34.97 8.93 -23.25
CA VAL B 60 -35.70 10.16 -23.58
C VAL B 60 -35.10 10.87 -24.79
N ASP B 61 -35.93 11.69 -25.46
CA ASP B 61 -35.48 12.51 -26.59
C ASP B 61 -34.83 13.77 -26.03
N ALA B 62 -34.03 14.45 -26.87
CA ALA B 62 -33.41 15.71 -26.53
C ALA B 62 -34.52 16.77 -26.37
N VAL B 63 -34.28 17.79 -25.53
CA VAL B 63 -35.22 18.87 -25.25
C VAL B 63 -35.68 19.54 -26.56
N SER B 64 -34.74 19.69 -27.52
CA SER B 64 -34.95 20.25 -28.86
C SER B 64 -35.67 19.30 -29.82
N GLY B 65 -35.59 18.00 -29.55
CA GLY B 65 -36.17 16.98 -30.42
C GLY B 65 -35.27 16.67 -31.59
N ARG B 66 -34.04 17.23 -31.57
CA ARG B 66 -33.04 17.09 -32.61
C ARG B 66 -32.35 15.72 -32.54
N THR B 67 -31.95 15.23 -33.72
CA THR B 67 -31.23 13.99 -33.90
C THR B 67 -30.00 14.24 -34.77
N PHE B 68 -29.02 13.34 -34.68
CA PHE B 68 -27.81 13.35 -35.50
C PHE B 68 -27.66 11.93 -35.99
N ASP B 69 -27.12 11.75 -37.19
CA ASP B 69 -26.97 10.42 -37.75
C ASP B 69 -25.64 9.79 -37.43
N THR B 70 -25.66 8.47 -37.23
CA THR B 70 -24.48 7.62 -37.10
C THR B 70 -24.44 6.79 -38.38
N ARG B 71 -23.26 6.68 -39.01
CA ARG B 71 -23.13 5.98 -40.28
C ARG B 71 -22.24 4.76 -40.24
N ASP B 72 -22.45 3.86 -41.22
CA ASP B 72 -21.72 2.61 -41.41
C ASP B 72 -20.56 2.92 -42.37
N PRO B 73 -19.29 2.93 -41.88
CA PRO B 73 -18.16 3.23 -42.78
C PRO B 73 -17.94 2.26 -43.95
N ARG B 74 -18.59 1.07 -43.93
CA ARG B 74 -18.52 0.07 -44.99
C ARG B 74 -19.31 0.55 -46.22
N THR B 75 -20.38 1.35 -46.00
CA THR B 75 -21.29 1.83 -47.04
C THR B 75 -21.42 3.35 -47.13
N GLY B 76 -21.22 4.03 -46.00
CA GLY B 76 -21.36 5.47 -45.87
C GLY B 76 -22.79 5.87 -45.54
N GLY B 77 -23.65 4.88 -45.33
CA GLY B 77 -25.07 5.04 -45.04
C GLY B 77 -25.41 5.11 -43.57
N VAL B 78 -26.51 5.82 -43.26
CA VAL B 78 -27.06 6.03 -41.92
C VAL B 78 -27.51 4.69 -41.31
N ILE B 79 -27.00 4.41 -40.10
CA ILE B 79 -27.32 3.23 -39.29
C ILE B 79 -28.57 3.58 -38.45
N ALA B 80 -28.52 4.71 -37.75
CA ALA B 80 -29.57 5.19 -36.87
C ALA B 80 -29.55 6.71 -36.73
N SER B 81 -30.67 7.28 -36.28
CA SER B 81 -30.82 8.70 -36.00
C SER B 81 -30.88 8.80 -34.49
N VAL B 82 -29.77 9.26 -33.90
CA VAL B 82 -29.55 9.35 -32.45
C VAL B 82 -29.91 10.74 -31.91
N ALA B 83 -30.58 10.80 -30.73
CA ALA B 83 -30.98 12.03 -30.04
C ALA B 83 -29.75 12.91 -29.81
N GLU B 84 -29.85 14.19 -30.20
CA GLU B 84 -28.74 15.14 -30.11
C GLU B 84 -28.79 15.96 -28.83
N ALA B 85 -27.94 15.59 -27.85
CA ALA B 85 -27.89 16.32 -26.57
C ALA B 85 -27.17 17.66 -26.72
N ASP B 86 -27.69 18.65 -25.99
CA ASP B 86 -27.14 20.00 -25.91
C ASP B 86 -27.05 20.37 -24.42
N LYS B 87 -26.75 21.65 -24.10
CA LYS B 87 -26.61 22.19 -22.75
C LYS B 87 -27.74 21.78 -21.79
N GLU B 88 -29.01 21.92 -22.22
CA GLU B 88 -30.21 21.60 -21.44
C GLU B 88 -30.31 20.14 -21.01
N ASP B 89 -29.92 19.24 -21.92
CA ASP B 89 -29.92 17.79 -21.71
C ASP B 89 -28.81 17.36 -20.76
N VAL B 90 -27.65 18.02 -20.85
CA VAL B 90 -26.50 17.78 -19.96
C VAL B 90 -26.88 18.20 -18.52
N ASP B 91 -27.61 19.33 -18.36
CA ASP B 91 -28.12 19.83 -17.08
C ASP B 91 -29.06 18.81 -16.43
N LEU B 92 -30.03 18.30 -17.22
CA LEU B 92 -31.00 17.26 -16.83
C LEU B 92 -30.27 16.01 -16.31
N ALA B 93 -29.24 15.57 -17.04
CA ALA B 93 -28.40 14.43 -16.73
C ALA B 93 -27.58 14.67 -15.45
N VAL B 94 -27.01 15.89 -15.30
CA VAL B 94 -26.21 16.28 -14.12
C VAL B 94 -27.12 16.37 -12.87
N ARG B 95 -28.37 16.85 -13.03
CA ARG B 95 -29.36 16.95 -11.95
C ARG B 95 -29.78 15.56 -11.48
N ALA B 96 -29.94 14.60 -12.42
CA ALA B 96 -30.27 13.18 -12.16
C ALA B 96 -29.14 12.51 -11.39
N ALA B 97 -27.89 12.83 -11.76
CA ALA B 97 -26.65 12.31 -11.18
C ALA B 97 -26.42 12.89 -9.78
N ARG B 98 -26.78 14.18 -9.61
CA ARG B 98 -26.70 14.89 -8.33
C ARG B 98 -27.69 14.29 -7.31
N ALA B 99 -28.96 14.06 -7.74
CA ALA B 99 -29.99 13.45 -6.88
C ALA B 99 -29.60 12.02 -6.48
N ALA B 100 -29.02 11.23 -7.43
CA ALA B 100 -28.57 9.86 -7.20
C ALA B 100 -27.42 9.79 -6.19
N PHE B 101 -26.50 10.78 -6.24
CA PHE B 101 -25.38 10.84 -5.31
C PHE B 101 -25.77 11.40 -3.93
N ASP B 102 -26.44 12.56 -3.92
CA ASP B 102 -26.82 13.25 -2.68
C ASP B 102 -27.87 12.55 -1.87
N HIS B 103 -28.85 11.90 -2.54
CA HIS B 103 -29.99 11.27 -1.86
C HIS B 103 -30.27 9.83 -2.20
N GLY B 104 -29.70 9.34 -3.29
CA GLY B 104 -29.90 7.97 -3.74
C GLY B 104 -29.12 6.89 -2.99
N GLU B 105 -29.46 5.63 -3.32
CA GLU B 105 -28.93 4.39 -2.77
C GLU B 105 -27.48 4.08 -3.05
N TRP B 106 -26.99 4.33 -4.28
CA TRP B 106 -25.63 4.00 -4.72
C TRP B 106 -24.45 4.33 -3.74
N PRO B 107 -24.26 5.59 -3.25
CA PRO B 107 -23.14 5.84 -2.30
C PRO B 107 -23.41 5.25 -0.91
N ARG B 108 -24.68 4.94 -0.60
CA ARG B 108 -25.13 4.39 0.67
C ARG B 108 -25.07 2.87 0.74
N MET B 109 -24.88 2.21 -0.42
CA MET B 109 -24.70 0.77 -0.52
C MET B 109 -23.27 0.42 -0.10
N SER B 110 -23.09 -0.79 0.43
CA SER B 110 -21.76 -1.29 0.78
C SER B 110 -20.99 -1.60 -0.51
N GLY B 111 -19.67 -1.58 -0.44
CA GLY B 111 -18.80 -1.94 -1.54
C GLY B 111 -19.14 -3.32 -2.10
N SER B 112 -19.53 -4.25 -1.21
CA SER B 112 -19.98 -5.60 -1.55
C SER B 112 -21.24 -5.55 -2.42
N GLU B 113 -22.20 -4.66 -2.09
CA GLU B 113 -23.47 -4.47 -2.78
C GLU B 113 -23.25 -3.91 -4.16
N ARG B 114 -22.39 -2.88 -4.23
CA ARG B 114 -21.99 -2.23 -5.48
C ARG B 114 -21.26 -3.25 -6.38
N GLY B 115 -20.39 -4.07 -5.78
CA GLY B 115 -19.60 -5.14 -6.40
C GLY B 115 -20.46 -6.21 -7.06
N ARG B 116 -21.56 -6.64 -6.38
CA ARG B 116 -22.49 -7.67 -6.92
C ARG B 116 -23.22 -7.16 -8.13
N ILE B 117 -23.67 -5.89 -8.08
CA ILE B 117 -24.37 -5.22 -9.18
C ILE B 117 -23.43 -5.04 -10.39
N MET B 118 -22.16 -4.62 -10.11
CA MET B 118 -21.09 -4.46 -11.10
C MET B 118 -20.72 -5.80 -11.80
N ALA B 119 -20.69 -6.92 -11.03
CA ALA B 119 -20.40 -8.27 -11.52
C ALA B 119 -21.56 -8.78 -12.38
N ARG B 120 -22.82 -8.43 -12.01
CA ARG B 120 -24.03 -8.76 -12.78
C ARG B 120 -23.94 -8.05 -14.14
N LEU B 121 -23.43 -6.80 -14.16
CA LEU B 121 -23.24 -6.00 -15.38
C LEU B 121 -22.16 -6.66 -16.26
N ALA B 122 -21.04 -7.09 -15.65
CA ALA B 122 -19.95 -7.80 -16.32
C ALA B 122 -20.49 -9.11 -16.95
N ASP B 123 -21.38 -9.82 -16.22
CA ASP B 123 -22.04 -11.05 -16.68
C ASP B 123 -22.95 -10.82 -17.88
N LEU B 124 -23.68 -9.69 -17.89
CA LEU B 124 -24.58 -9.26 -18.97
C LEU B 124 -23.82 -8.89 -20.26
N VAL B 125 -22.68 -8.17 -20.11
CA VAL B 125 -21.78 -7.77 -21.20
C VAL B 125 -21.25 -9.04 -21.90
N GLU B 126 -20.97 -10.07 -21.11
CA GLU B 126 -20.49 -11.39 -21.55
C GLU B 126 -21.60 -12.21 -22.26
N GLU B 127 -22.81 -12.19 -21.70
CA GLU B 127 -24.01 -12.85 -22.20
C GLU B 127 -24.45 -12.25 -23.55
N HIS B 128 -24.33 -10.91 -23.69
CA HIS B 128 -24.71 -10.16 -24.90
C HIS B 128 -23.50 -9.68 -25.72
N ALA B 129 -22.34 -10.37 -25.56
CA ALA B 129 -21.07 -10.06 -26.23
C ALA B 129 -21.15 -10.00 -27.75
N GLY B 130 -21.85 -10.97 -28.36
CA GLY B 130 -22.04 -11.08 -29.79
C GLY B 130 -22.82 -9.93 -30.38
N GLU B 131 -23.93 -9.55 -29.72
CA GLU B 131 -24.78 -8.43 -30.14
C GLU B 131 -24.04 -7.10 -30.00
N LEU B 132 -23.35 -6.89 -28.86
CA LEU B 132 -22.57 -5.69 -28.58
C LEU B 132 -21.40 -5.55 -29.56
N ALA B 133 -20.69 -6.67 -29.83
CA ALA B 133 -19.57 -6.76 -30.77
C ALA B 133 -20.03 -6.35 -32.16
N ALA B 134 -21.20 -6.89 -32.64
CA ALA B 134 -21.80 -6.61 -33.94
C ALA B 134 -22.20 -5.14 -34.06
N LEU B 135 -22.77 -4.59 -32.97
CA LEU B 135 -23.21 -3.20 -32.83
C LEU B 135 -22.03 -2.24 -32.90
N GLU B 136 -20.96 -2.49 -32.10
CA GLU B 136 -19.75 -1.65 -32.07
C GLU B 136 -19.03 -1.69 -33.43
N SER B 137 -18.90 -2.90 -34.00
CA SER B 137 -18.25 -3.17 -35.28
C SER B 137 -18.92 -2.47 -36.46
N LEU B 138 -20.28 -2.46 -36.49
CA LEU B 138 -21.07 -1.78 -37.52
C LEU B 138 -20.95 -0.27 -37.38
N ASP B 139 -20.88 0.24 -36.15
CA ASP B 139 -20.76 1.66 -35.85
C ASP B 139 -19.32 2.18 -36.06
N ALA B 140 -18.29 1.37 -35.71
CA ALA B 140 -16.88 1.77 -35.80
C ALA B 140 -16.06 1.29 -36.99
N GLY B 141 -16.58 0.33 -37.76
CA GLY B 141 -15.88 -0.21 -38.92
C GLY B 141 -14.85 -1.23 -38.49
N LYS B 142 -15.26 -2.12 -37.57
CA LYS B 142 -14.41 -3.16 -36.99
C LYS B 142 -14.80 -4.60 -37.41
N HIS B 143 -13.91 -5.55 -37.09
CA HIS B 143 -14.18 -6.96 -37.33
C HIS B 143 -14.97 -7.47 -36.10
N PRO B 144 -16.20 -8.03 -36.30
CA PRO B 144 -16.98 -8.51 -35.13
C PRO B 144 -16.31 -9.51 -34.21
N ALA B 145 -15.44 -10.40 -34.76
CA ALA B 145 -14.71 -11.40 -33.96
C ALA B 145 -13.59 -10.79 -33.13
N VAL B 146 -12.91 -9.77 -33.68
CA VAL B 146 -11.84 -9.03 -32.99
C VAL B 146 -12.45 -8.21 -31.86
N THR B 147 -13.55 -7.53 -32.13
CA THR B 147 -14.28 -6.69 -31.18
C THR B 147 -14.79 -7.53 -30.01
N ARG B 148 -15.34 -8.72 -30.29
CA ARG B 148 -15.81 -9.64 -29.24
C ARG B 148 -14.66 -10.09 -28.32
N ALA B 149 -13.58 -10.58 -28.90
CA ALA B 149 -12.43 -11.10 -28.17
C ALA B 149 -11.61 -10.03 -27.45
N VAL B 150 -11.40 -8.88 -28.11
CA VAL B 150 -10.58 -7.80 -27.56
C VAL B 150 -11.42 -6.76 -26.83
N ASP B 151 -12.15 -5.90 -27.56
CA ASP B 151 -12.94 -4.79 -27.02
C ASP B 151 -14.00 -5.17 -25.97
N VAL B 152 -14.90 -6.12 -26.29
CA VAL B 152 -15.97 -6.57 -25.37
C VAL B 152 -15.37 -7.33 -24.17
N GLY B 153 -14.36 -8.16 -24.42
CA GLY B 153 -13.65 -8.91 -23.39
C GLY B 153 -12.94 -8.00 -22.39
N ASN B 154 -12.31 -6.91 -22.87
CA ASN B 154 -11.65 -5.93 -22.01
C ASN B 154 -12.67 -5.09 -21.24
N ALA B 155 -13.86 -4.84 -21.83
CA ALA B 155 -14.95 -4.11 -21.21
C ALA B 155 -15.50 -4.91 -20.03
N ALA B 156 -15.81 -6.21 -20.25
CA ALA B 156 -16.30 -7.14 -19.23
C ALA B 156 -15.22 -7.33 -18.12
N GLY B 157 -13.95 -7.44 -18.53
CA GLY B 157 -12.77 -7.57 -17.67
C GLY B 157 -12.51 -6.38 -16.76
N SER B 158 -12.74 -5.16 -17.24
CA SER B 158 -12.58 -3.91 -16.46
C SER B 158 -13.69 -3.80 -15.41
N LEU B 159 -14.93 -4.18 -15.78
CA LEU B 159 -16.10 -4.22 -14.89
C LEU B 159 -15.89 -5.23 -13.75
N ARG B 160 -15.30 -6.39 -14.05
CA ARG B 160 -15.02 -7.47 -13.10
C ARG B 160 -13.93 -7.10 -12.11
N TYR B 161 -12.81 -6.52 -12.63
CA TYR B 161 -11.69 -6.07 -11.82
C TYR B 161 -12.13 -5.05 -10.75
N PHE B 162 -12.95 -4.05 -11.13
CA PHE B 162 -13.47 -3.03 -10.21
C PHE B 162 -14.60 -3.48 -9.31
N ALA B 163 -15.35 -4.52 -9.71
CA ALA B 163 -16.38 -5.17 -8.88
C ALA B 163 -15.67 -5.83 -7.66
N GLY B 164 -14.46 -6.35 -7.91
CA GLY B 164 -13.57 -6.95 -6.92
C GLY B 164 -12.81 -5.92 -6.10
N ALA B 165 -12.74 -4.67 -6.59
CA ALA B 165 -12.07 -3.56 -5.91
C ALA B 165 -13.00 -2.88 -4.91
N ALA B 166 -14.32 -2.87 -5.22
CA ALA B 166 -15.38 -2.19 -4.47
C ALA B 166 -15.46 -2.45 -2.97
N ASP B 167 -15.23 -3.70 -2.52
CA ASP B 167 -15.29 -4.12 -1.12
C ASP B 167 -13.94 -4.03 -0.38
N LYS B 168 -12.92 -3.46 -1.01
CA LYS B 168 -11.56 -3.39 -0.46
C LYS B 168 -10.82 -2.07 -0.69
N ILE B 169 -11.55 -0.98 -0.93
CA ILE B 169 -10.98 0.36 -1.05
C ILE B 169 -10.60 0.81 0.37
N HIS B 170 -9.31 1.17 0.56
CA HIS B 170 -8.79 1.55 1.88
C HIS B 170 -8.20 2.94 1.95
N GLY B 171 -8.39 3.57 3.09
CA GLY B 171 -7.74 4.82 3.46
C GLY B 171 -6.64 4.42 4.43
N GLU B 172 -6.03 5.38 5.11
CA GLU B 172 -4.97 5.07 6.10
C GLU B 172 -5.31 5.55 7.51
N THR B 173 -4.60 5.01 8.50
CA THR B 173 -4.55 5.47 9.89
C THR B 173 -3.10 5.97 9.98
N LEU B 174 -2.95 7.25 10.29
CA LEU B 174 -1.70 7.99 10.22
C LEU B 174 -0.85 7.99 11.47
N LYS B 175 0.45 8.36 11.34
CA LYS B 175 1.39 8.51 12.45
C LYS B 175 1.39 10.00 12.82
N MET B 176 0.92 10.32 14.02
CA MET B 176 0.73 11.69 14.48
C MET B 176 1.87 12.33 15.29
N PRO B 177 2.04 13.68 15.20
CA PRO B 177 3.16 14.33 15.93
C PRO B 177 3.07 14.41 17.47
N GLY B 178 1.98 13.88 18.05
CA GLY B 178 1.74 13.84 19.49
C GLY B 178 0.52 13.02 19.85
N GLN B 179 -0.14 13.37 20.98
CA GLN B 179 -1.35 12.69 21.46
C GLN B 179 -2.58 13.05 20.60
N PHE B 180 -2.57 12.52 19.37
CA PHE B 180 -3.59 12.71 18.33
C PHE B 180 -3.80 11.43 17.58
N GLN B 181 -5.02 11.22 17.07
CA GLN B 181 -5.37 10.09 16.21
C GLN B 181 -5.78 10.67 14.87
N GLY B 182 -5.09 10.27 13.82
CA GLY B 182 -5.35 10.75 12.48
C GLY B 182 -5.64 9.64 11.50
N HIS B 183 -6.59 9.91 10.61
CA HIS B 183 -6.93 8.94 9.57
C HIS B 183 -7.44 9.61 8.31
N THR B 184 -7.39 8.88 7.20
CA THR B 184 -7.91 9.37 5.92
C THR B 184 -9.08 8.48 5.53
N LEU B 185 -10.12 9.09 5.01
CA LEU B 185 -11.29 8.41 4.49
C LEU B 185 -11.24 8.62 2.99
N ARG B 186 -11.48 7.54 2.24
CA ARG B 186 -11.51 7.55 0.79
C ARG B 186 -12.98 7.48 0.42
N GLU B 187 -13.57 8.66 0.29
CA GLU B 187 -15.00 8.82 0.01
C GLU B 187 -15.33 8.85 -1.46
N PRO B 188 -16.55 8.42 -1.87
CA PRO B 188 -17.00 8.69 -3.26
C PRO B 188 -16.99 10.21 -3.47
N LEU B 189 -16.43 10.69 -4.60
CA LEU B 189 -16.35 12.12 -4.88
C LEU B 189 -17.68 12.84 -5.10
N GLY B 190 -18.52 12.28 -5.97
CA GLY B 190 -19.80 12.87 -6.31
C GLY B 190 -20.19 12.57 -7.74
N VAL B 191 -20.35 13.63 -8.54
CA VAL B 191 -20.74 13.58 -9.95
C VAL B 191 -19.51 13.61 -10.87
N ALA B 192 -19.29 12.46 -11.56
CA ALA B 192 -18.21 12.26 -12.52
C ALA B 192 -18.65 12.51 -13.95
N GLY B 193 -17.97 13.46 -14.61
CA GLY B 193 -18.19 13.80 -16.01
C GLY B 193 -17.21 13.04 -16.87
N VAL B 194 -17.71 12.26 -17.83
CA VAL B 194 -16.91 11.41 -18.72
C VAL B 194 -17.11 11.80 -20.18
N ILE B 195 -16.00 12.15 -20.88
CA ILE B 195 -15.94 12.51 -22.31
C ILE B 195 -14.94 11.55 -22.99
N ILE B 196 -15.44 10.71 -23.90
CA ILE B 196 -14.64 9.67 -24.55
C ILE B 196 -14.62 9.67 -26.10
N PRO B 197 -13.59 9.06 -26.74
CA PRO B 197 -13.53 9.05 -28.22
C PRO B 197 -14.31 7.89 -28.87
N TRP B 198 -14.26 7.85 -30.21
CA TRP B 198 -14.98 6.91 -31.07
C TRP B 198 -14.27 5.59 -31.40
N ASN B 199 -12.95 5.50 -31.17
CA ASN B 199 -12.18 4.31 -31.57
C ASN B 199 -12.40 3.00 -30.82
N PHE B 200 -12.63 3.07 -29.49
CA PHE B 200 -12.92 1.88 -28.69
C PHE B 200 -14.15 2.22 -27.84
N PRO B 201 -15.36 2.29 -28.46
CA PRO B 201 -16.56 2.72 -27.70
C PRO B 201 -16.92 1.96 -26.41
N SER B 202 -17.00 0.61 -26.45
CA SER B 202 -17.33 -0.25 -25.31
C SER B 202 -16.23 -0.21 -24.25
N THR B 203 -14.96 -0.35 -24.68
CA THR B 203 -13.80 -0.30 -23.79
C THR B 203 -13.71 1.05 -23.08
N MET B 204 -13.88 2.18 -23.81
CA MET B 204 -13.86 3.53 -23.27
C MET B 204 -14.95 3.74 -22.23
N PHE B 205 -16.18 3.27 -22.52
CA PHE B 205 -17.31 3.32 -21.59
C PHE B 205 -16.96 2.59 -20.28
N ALA B 206 -16.50 1.33 -20.37
CA ALA B 206 -16.16 0.48 -19.21
C ALA B 206 -14.99 1.00 -18.36
N VAL B 207 -13.90 1.40 -19.00
CA VAL B 207 -12.66 1.90 -18.39
C VAL B 207 -12.87 3.19 -17.54
N LYS B 208 -13.95 3.92 -17.81
CA LYS B 208 -14.28 5.14 -17.09
C LYS B 208 -15.37 4.88 -16.07
N VAL B 209 -16.44 4.19 -16.51
CA VAL B 209 -17.59 3.85 -15.68
C VAL B 209 -17.23 2.89 -14.54
N ALA B 210 -16.47 1.79 -14.83
CA ALA B 210 -16.10 0.79 -13.82
C ALA B 210 -15.38 1.33 -12.55
N PRO B 211 -14.23 2.06 -12.60
CA PRO B 211 -13.65 2.58 -11.34
C PRO B 211 -14.57 3.58 -10.63
N ALA B 212 -15.33 4.41 -11.39
CA ALA B 212 -16.29 5.42 -10.86
C ALA B 212 -17.44 4.79 -10.10
N LEU B 213 -18.01 3.70 -10.65
CA LEU B 213 -19.10 2.92 -10.08
C LEU B 213 -18.68 2.28 -8.78
N ALA B 214 -17.48 1.66 -8.77
CA ALA B 214 -16.86 1.00 -7.61
C ALA B 214 -16.57 2.02 -6.51
N ALA B 215 -16.15 3.26 -6.89
CA ALA B 215 -15.88 4.35 -5.96
C ALA B 215 -17.16 4.90 -5.32
N GLY B 216 -18.32 4.63 -5.92
CA GLY B 216 -19.62 5.09 -5.42
C GLY B 216 -20.12 6.41 -6.01
N CYS B 217 -19.58 6.79 -7.17
CA CYS B 217 -19.91 8.03 -7.90
C CYS B 217 -21.16 7.83 -8.76
N ALA B 218 -21.79 8.95 -9.13
CA ALA B 218 -22.89 9.01 -10.09
C ALA B 218 -22.22 9.56 -11.36
N LEU B 219 -22.64 9.11 -12.54
CA LEU B 219 -21.99 9.47 -13.82
C LEU B 219 -22.85 10.15 -14.86
N VAL B 220 -22.17 10.98 -15.68
CA VAL B 220 -22.70 11.66 -16.87
C VAL B 220 -21.66 11.38 -17.97
N VAL B 221 -22.02 10.52 -18.90
CA VAL B 221 -21.16 10.07 -20.01
C VAL B 221 -21.55 10.74 -21.33
N LYS B 222 -20.58 11.42 -21.95
CA LYS B 222 -20.74 12.02 -23.25
C LYS B 222 -19.91 11.20 -24.25
N PRO B 223 -20.54 10.23 -24.97
CA PRO B 223 -19.77 9.44 -25.97
C PRO B 223 -19.54 10.25 -27.25
N ALA B 224 -18.52 9.86 -28.04
CA ALA B 224 -18.22 10.51 -29.31
C ALA B 224 -19.39 10.30 -30.27
N GLU B 225 -19.72 11.36 -31.05
CA GLU B 225 -20.83 11.43 -32.00
C GLU B 225 -20.74 10.43 -33.16
N GLN B 226 -19.51 9.99 -33.50
CA GLN B 226 -19.24 9.04 -34.59
C GLN B 226 -19.69 7.61 -34.26
N THR B 227 -19.61 7.20 -32.98
CA THR B 227 -19.98 5.84 -32.52
C THR B 227 -20.78 5.91 -31.20
N PRO B 228 -22.07 6.35 -31.21
CA PRO B 228 -22.77 6.51 -29.93
C PRO B 228 -23.64 5.34 -29.47
N LEU B 229 -23.75 4.28 -30.28
CA LEU B 229 -24.63 3.15 -30.04
C LEU B 229 -24.33 2.24 -28.88
N SER B 230 -23.05 1.85 -28.71
CA SER B 230 -22.53 0.96 -27.66
C SER B 230 -22.80 1.52 -26.28
N ALA B 231 -22.53 2.83 -26.08
CA ALA B 231 -22.74 3.51 -24.80
C ALA B 231 -24.21 3.45 -24.36
N LEU B 232 -25.13 3.53 -25.34
CA LEU B 232 -26.56 3.47 -25.12
C LEU B 232 -27.02 2.07 -24.72
N TYR B 233 -26.45 1.04 -25.39
CA TYR B 233 -26.72 -0.37 -25.15
C TYR B 233 -26.23 -0.77 -23.74
N LEU B 234 -24.99 -0.35 -23.39
CA LEU B 234 -24.34 -0.56 -22.11
C LEU B 234 -25.14 0.07 -20.95
N ALA B 235 -25.76 1.24 -21.19
CA ALA B 235 -26.62 1.96 -20.25
C ALA B 235 -27.85 1.11 -19.90
N GLN B 236 -28.47 0.45 -20.92
CA GLN B 236 -29.62 -0.45 -20.76
C GLN B 236 -29.23 -1.68 -19.95
N LEU B 237 -28.07 -2.28 -20.25
CA LEU B 237 -27.57 -3.46 -19.52
C LEU B 237 -27.25 -3.13 -18.05
N ALA B 238 -26.87 -1.87 -17.73
CA ALA B 238 -26.57 -1.46 -16.35
C ALA B 238 -27.88 -1.36 -15.55
N LYS B 239 -28.95 -0.88 -16.21
CA LYS B 239 -30.30 -0.79 -15.65
C LYS B 239 -30.78 -2.21 -15.28
N GLN B 240 -30.55 -3.19 -16.19
CA GLN B 240 -30.90 -4.60 -16.03
C GLN B 240 -30.12 -5.26 -14.88
N ALA B 241 -28.85 -4.86 -14.71
CA ALA B 241 -27.93 -5.36 -13.67
C ALA B 241 -28.31 -4.88 -12.26
N GLY B 242 -29.08 -3.79 -12.18
CA GLY B 242 -29.53 -3.21 -10.93
C GLY B 242 -28.88 -1.91 -10.52
N VAL B 243 -28.20 -1.22 -11.46
CA VAL B 243 -27.59 0.10 -11.22
C VAL B 243 -28.77 1.06 -11.01
N PRO B 244 -28.85 1.77 -9.85
CA PRO B 244 -29.99 2.68 -9.63
C PRO B 244 -30.09 3.80 -10.65
N ASP B 245 -31.34 4.24 -10.90
CA ASP B 245 -31.63 5.34 -11.83
C ASP B 245 -30.88 6.62 -11.38
N GLY B 246 -30.27 7.29 -12.36
CA GLY B 246 -29.49 8.50 -12.13
C GLY B 246 -28.00 8.29 -11.98
N VAL B 247 -27.57 7.04 -11.68
CA VAL B 247 -26.15 6.69 -11.48
C VAL B 247 -25.39 6.67 -12.82
N ILE B 248 -26.03 6.21 -13.90
CA ILE B 248 -25.41 6.22 -15.24
C ILE B 248 -26.32 6.98 -16.21
N ASN B 249 -25.81 8.11 -16.71
CA ASN B 249 -26.54 8.96 -17.64
C ASN B 249 -25.69 9.12 -18.88
N VAL B 250 -26.24 8.77 -20.05
CA VAL B 250 -25.55 8.81 -21.34
C VAL B 250 -26.16 9.90 -22.21
N VAL B 251 -25.33 10.89 -22.56
CA VAL B 251 -25.73 12.04 -23.37
C VAL B 251 -25.00 12.18 -24.72
N PRO B 252 -25.32 11.32 -25.73
CA PRO B 252 -24.68 11.47 -27.05
C PRO B 252 -25.02 12.82 -27.72
N GLY B 253 -23.99 13.46 -28.24
CA GLY B 253 -24.09 14.75 -28.92
C GLY B 253 -22.75 15.22 -29.43
N PHE B 254 -22.71 16.44 -29.93
CA PHE B 254 -21.46 16.98 -30.48
C PHE B 254 -20.58 17.49 -29.36
N GLY B 255 -19.27 17.51 -29.62
CA GLY B 255 -18.27 17.96 -28.67
C GLY B 255 -18.44 19.39 -28.20
N PRO B 256 -18.37 20.40 -29.12
CA PRO B 256 -18.55 21.81 -28.70
C PRO B 256 -19.92 22.17 -28.10
N THR B 257 -20.92 21.26 -28.21
CA THR B 257 -22.24 21.47 -27.60
C THR B 257 -22.34 20.67 -26.29
N ALA B 258 -22.67 19.35 -26.37
CA ALA B 258 -22.82 18.45 -25.22
C ALA B 258 -21.55 18.22 -24.41
N GLY B 259 -20.41 18.15 -25.09
CA GLY B 259 -19.11 17.95 -24.46
C GLY B 259 -18.63 19.15 -23.68
N ALA B 260 -18.74 20.35 -24.28
CA ALA B 260 -18.37 21.62 -23.65
C ALA B 260 -19.25 21.94 -22.46
N ALA B 261 -20.57 21.63 -22.56
CA ALA B 261 -21.56 21.83 -21.47
C ALA B 261 -21.21 20.98 -20.26
N LEU B 262 -20.77 19.72 -20.48
CA LEU B 262 -20.39 18.83 -19.38
C LEU B 262 -19.09 19.24 -18.70
N ALA B 263 -18.07 19.57 -19.49
CA ALA B 263 -16.77 20.03 -18.98
C ALA B 263 -16.88 21.40 -18.26
N SER B 264 -17.89 22.25 -18.63
CA SER B 264 -18.15 23.58 -18.04
C SER B 264 -19.20 23.55 -16.92
N HIS B 265 -19.82 22.40 -16.65
CA HIS B 265 -20.88 22.32 -15.64
C HIS B 265 -20.41 22.65 -14.23
N MET B 266 -21.16 23.54 -13.58
CA MET B 266 -20.91 24.02 -12.21
C MET B 266 -21.19 22.98 -11.11
N ASP B 267 -21.92 21.89 -11.43
CA ASP B 267 -22.26 20.86 -10.46
C ASP B 267 -21.60 19.48 -10.70
N VAL B 268 -20.60 19.46 -11.60
CA VAL B 268 -19.82 18.28 -11.94
C VAL B 268 -18.54 18.38 -11.08
N ASP B 269 -18.23 17.31 -10.35
CA ASP B 269 -17.10 17.27 -9.40
C ASP B 269 -15.73 17.01 -10.00
N MET B 270 -15.67 16.26 -11.10
CA MET B 270 -14.44 15.96 -11.82
C MET B 270 -14.76 15.67 -13.30
N VAL B 271 -13.74 15.78 -14.16
CA VAL B 271 -13.88 15.35 -15.55
C VAL B 271 -12.75 14.43 -15.98
N SER B 272 -13.11 13.25 -16.51
CA SER B 272 -12.15 12.28 -17.08
C SER B 272 -12.36 12.34 -18.57
N PHE B 273 -11.34 12.84 -19.27
CA PHE B 273 -11.38 13.02 -20.71
C PHE B 273 -10.40 12.15 -21.46
N THR B 274 -10.87 11.57 -22.56
CA THR B 274 -10.07 10.81 -23.50
C THR B 274 -10.36 11.33 -24.89
N GLY B 275 -9.32 11.77 -25.57
CA GLY B 275 -9.44 12.32 -26.91
C GLY B 275 -8.15 12.96 -27.36
N SER B 276 -8.23 13.90 -28.31
CA SER B 276 -7.06 14.57 -28.85
C SER B 276 -6.43 15.57 -27.86
N THR B 277 -5.13 15.88 -28.06
CA THR B 277 -4.33 16.83 -27.27
C THR B 277 -4.90 18.24 -27.44
N GLU B 278 -5.42 18.57 -28.64
CA GLU B 278 -6.01 19.88 -28.90
C GLU B 278 -7.33 20.11 -28.14
N VAL B 279 -8.20 19.09 -28.06
CA VAL B 279 -9.47 19.17 -27.32
C VAL B 279 -9.20 19.18 -25.80
N GLY B 280 -8.12 18.50 -25.36
CA GLY B 280 -7.67 18.47 -23.97
C GLY B 280 -7.47 19.88 -23.41
N ARG B 281 -6.98 20.81 -24.26
CA ARG B 281 -6.77 22.24 -23.94
C ARG B 281 -8.11 22.89 -23.57
N LEU B 282 -9.18 22.55 -24.31
CA LEU B 282 -10.54 23.05 -24.11
C LEU B 282 -11.21 22.52 -22.86
N ILE B 283 -10.84 21.30 -22.44
CA ILE B 283 -11.35 20.64 -21.22
C ILE B 283 -10.78 21.36 -20.00
N MET B 284 -9.48 21.66 -20.04
CA MET B 284 -8.76 22.39 -19.01
C MET B 284 -9.28 23.82 -18.88
N LYS B 285 -9.59 24.47 -20.03
CA LYS B 285 -10.15 25.82 -20.05
C LYS B 285 -11.57 25.83 -19.50
N ALA B 286 -12.40 24.85 -19.91
CA ALA B 286 -13.79 24.71 -19.43
C ALA B 286 -13.88 24.58 -17.89
N SER B 287 -12.90 23.87 -17.28
CA SER B 287 -12.79 23.72 -15.83
C SER B 287 -12.42 25.08 -15.19
N ALA B 288 -11.35 25.73 -15.70
CA ALA B 288 -10.85 27.03 -15.26
C ALA B 288 -11.92 28.13 -15.29
N GLU B 289 -12.77 28.11 -16.34
CA GLU B 289 -13.86 29.07 -16.56
C GLU B 289 -15.14 28.72 -15.79
N SER B 290 -15.18 27.54 -15.12
CA SER B 290 -16.35 27.11 -14.38
C SER B 290 -16.14 26.95 -12.86
N ASN B 291 -16.03 25.72 -12.34
CA ASN B 291 -15.89 25.43 -10.90
C ASN B 291 -14.52 24.84 -10.53
N LEU B 292 -13.53 24.90 -11.46
CA LEU B 292 -12.16 24.40 -11.29
C LEU B 292 -12.09 22.96 -10.87
N LYS B 293 -12.98 22.11 -11.39
CA LYS B 293 -13.03 20.68 -11.08
C LYS B 293 -11.76 19.98 -11.55
N PRO B 294 -11.23 18.98 -10.81
CA PRO B 294 -10.04 18.28 -11.32
C PRO B 294 -10.31 17.64 -12.67
N VAL B 295 -9.34 17.77 -13.58
CA VAL B 295 -9.37 17.27 -14.95
C VAL B 295 -8.33 16.16 -15.10
N TYR B 296 -8.69 15.08 -15.79
CA TYR B 296 -7.81 13.92 -16.05
C TYR B 296 -7.84 13.71 -17.55
N LEU B 297 -6.65 13.80 -18.17
CA LEU B 297 -6.51 13.77 -19.63
C LEU B 297 -5.74 12.59 -20.19
N GLU B 298 -6.42 11.86 -21.11
CA GLU B 298 -5.90 10.70 -21.86
C GLU B 298 -5.87 11.14 -23.30
N LEU B 299 -4.70 11.57 -23.73
CA LEU B 299 -4.54 12.21 -25.02
C LEU B 299 -3.88 11.40 -26.13
N GLY B 300 -3.47 12.08 -27.19
CA GLY B 300 -2.83 11.48 -28.36
C GLY B 300 -1.49 10.83 -28.09
N GLY B 301 -0.87 10.34 -29.14
CA GLY B 301 0.44 9.70 -29.09
C GLY B 301 1.08 9.56 -30.45
N LYS B 302 2.41 9.32 -30.45
CA LYS B 302 3.25 9.07 -31.62
C LYS B 302 4.26 8.05 -31.10
N SER B 303 3.74 6.85 -30.80
CA SER B 303 4.43 5.76 -30.15
C SER B 303 5.57 5.09 -30.91
N PRO B 304 6.79 5.05 -30.33
CA PRO B 304 7.91 4.40 -31.03
C PRO B 304 8.11 2.92 -30.67
N LEU B 305 8.48 2.10 -31.66
CA LEU B 305 8.79 0.68 -31.47
C LEU B 305 10.25 0.50 -31.86
N ILE B 306 11.10 0.11 -30.91
CA ILE B 306 12.54 -0.05 -31.16
C ILE B 306 12.92 -1.52 -31.30
N VAL B 307 13.50 -1.90 -32.46
CA VAL B 307 13.94 -3.26 -32.77
C VAL B 307 15.47 -3.28 -32.87
N PHE B 308 16.13 -4.08 -32.02
CA PHE B 308 17.60 -4.22 -32.05
C PHE B 308 18.05 -5.39 -32.92
N ASP B 309 19.38 -5.47 -33.21
CA ASP B 309 19.97 -6.52 -34.06
C ASP B 309 19.80 -7.97 -33.58
N ASP B 310 19.66 -8.18 -32.25
CA ASP B 310 19.52 -9.52 -31.65
C ASP B 310 18.10 -10.12 -31.73
N ALA B 311 17.13 -9.32 -32.22
CA ALA B 311 15.73 -9.75 -32.35
C ALA B 311 15.51 -10.81 -33.42
N ASP B 312 14.45 -11.62 -33.23
CA ASP B 312 14.02 -12.60 -34.23
C ASP B 312 13.20 -11.73 -35.18
N LEU B 313 13.73 -11.56 -36.39
CA LEU B 313 13.20 -10.71 -37.45
C LEU B 313 11.76 -11.02 -37.85
N ASP B 314 11.38 -12.30 -37.88
CA ASP B 314 10.03 -12.73 -38.22
C ASP B 314 9.04 -12.34 -37.12
N MET B 315 9.42 -12.48 -35.83
CA MET B 315 8.55 -12.07 -34.73
C MET B 315 8.43 -10.55 -34.64
N ALA B 316 9.56 -9.82 -34.90
CA ALA B 316 9.64 -8.36 -34.86
C ALA B 316 8.80 -7.71 -35.94
N VAL B 317 8.78 -8.30 -37.16
CA VAL B 317 7.99 -7.83 -38.30
C VAL B 317 6.50 -8.03 -37.95
N GLU B 318 6.12 -9.26 -37.53
CA GLU B 318 4.75 -9.62 -37.16
C GLU B 318 4.20 -8.77 -36.01
N LEU B 319 5.09 -8.40 -35.06
CA LEU B 319 4.74 -7.56 -33.93
C LEU B 319 4.50 -6.12 -34.41
N ALA B 320 5.38 -5.60 -35.32
CA ALA B 320 5.27 -4.26 -35.90
C ALA B 320 3.97 -4.07 -36.69
N VAL B 321 3.59 -5.09 -37.48
CA VAL B 321 2.36 -5.14 -38.30
C VAL B 321 1.13 -4.97 -37.39
N GLY B 322 1.07 -5.72 -36.29
CA GLY B 322 -0.01 -5.65 -35.30
C GLY B 322 0.00 -4.34 -34.55
N ALA B 323 1.19 -3.91 -34.05
CA ALA B 323 1.35 -2.67 -33.31
C ALA B 323 0.90 -1.43 -34.07
N SER B 324 1.22 -1.35 -35.41
CA SER B 324 0.88 -0.22 -36.30
C SER B 324 -0.49 -0.27 -36.91
N PHE B 325 -0.92 -1.47 -37.34
CA PHE B 325 -2.17 -1.63 -38.10
C PHE B 325 -3.41 -2.18 -37.39
N PHE B 326 -3.30 -2.52 -36.10
CA PHE B 326 -4.45 -2.99 -35.32
C PHE B 326 -5.51 -1.88 -35.34
N ASN B 327 -6.77 -2.26 -35.61
CA ASN B 327 -7.91 -1.33 -35.68
C ASN B 327 -7.67 -0.19 -36.68
N LYS B 328 -7.10 -0.54 -37.86
CA LYS B 328 -6.73 0.38 -38.97
C LYS B 328 -5.99 1.66 -38.51
N GLY B 329 -5.05 1.48 -37.58
CA GLY B 329 -4.27 2.55 -36.98
C GLY B 329 -5.05 3.51 -36.11
N GLU B 330 -6.35 3.23 -35.86
CA GLU B 330 -7.23 4.03 -35.01
C GLU B 330 -7.11 3.52 -33.56
N ALA B 331 -5.90 3.66 -33.02
CA ALA B 331 -5.45 3.29 -31.71
C ALA B 331 -4.49 4.39 -31.27
N CYS B 332 -4.69 4.92 -30.06
CA CYS B 332 -3.89 5.98 -29.45
C CYS B 332 -2.45 5.56 -29.19
N VAL B 333 -2.28 4.28 -28.90
CA VAL B 333 -1.00 3.70 -28.55
C VAL B 333 -0.28 3.00 -29.73
N ALA B 334 -0.87 3.08 -30.94
CA ALA B 334 -0.34 2.53 -32.19
C ALA B 334 1.13 2.90 -32.42
N ALA B 335 1.95 1.93 -32.85
CA ALA B 335 3.39 2.16 -33.08
C ALA B 335 3.57 2.77 -34.47
N SER B 336 3.32 4.08 -34.55
CA SER B 336 3.38 4.88 -35.78
C SER B 336 4.82 5.13 -36.25
N ARG B 337 5.78 4.93 -35.35
CA ARG B 337 7.20 5.09 -35.59
C ARG B 337 7.89 3.75 -35.27
N VAL B 338 8.55 3.12 -36.26
CA VAL B 338 9.28 1.86 -36.05
C VAL B 338 10.77 2.11 -36.31
N TYR B 339 11.61 1.84 -35.31
CA TYR B 339 13.06 2.04 -35.38
C TYR B 339 13.77 0.71 -35.39
N VAL B 340 14.51 0.42 -36.47
CA VAL B 340 15.22 -0.86 -36.64
C VAL B 340 16.72 -0.59 -36.75
N GLN B 341 17.53 -1.31 -35.93
CA GLN B 341 18.99 -1.17 -35.88
C GLN B 341 19.60 -1.55 -37.22
N GLU B 342 20.52 -0.71 -37.72
CA GLU B 342 21.21 -0.78 -39.02
C GLU B 342 21.61 -2.15 -39.60
N ARG B 343 22.07 -3.09 -38.74
CA ARG B 343 22.52 -4.41 -39.18
C ARG B 343 21.40 -5.31 -39.71
N VAL B 344 20.17 -5.12 -39.20
CA VAL B 344 19.01 -5.93 -39.59
C VAL B 344 17.94 -5.12 -40.34
N TYR B 345 18.19 -3.80 -40.55
CA TYR B 345 17.25 -2.90 -41.23
C TYR B 345 16.80 -3.37 -42.61
N ASP B 346 17.75 -3.67 -43.50
CA ASP B 346 17.43 -4.09 -44.87
C ASP B 346 16.58 -5.35 -44.93
N ARG B 347 16.90 -6.34 -44.07
CA ARG B 347 16.15 -7.60 -43.96
C ARG B 347 14.74 -7.36 -43.42
N PHE B 348 14.62 -6.52 -42.36
CA PHE B 348 13.34 -6.15 -41.74
C PHE B 348 12.42 -5.50 -42.78
N GLU B 349 12.94 -4.50 -43.52
CA GLU B 349 12.24 -3.75 -44.57
C GLU B 349 11.67 -4.66 -45.66
N GLU B 350 12.48 -5.65 -46.12
CA GLU B 350 12.09 -6.62 -47.15
C GLU B 350 11.02 -7.59 -46.63
N ARG B 351 11.19 -8.10 -45.39
CA ARG B 351 10.25 -9.02 -44.75
C ARG B 351 8.90 -8.34 -44.47
N LEU B 352 8.92 -7.04 -44.10
CA LEU B 352 7.73 -6.23 -43.85
C LEU B 352 6.92 -6.03 -45.14
N ALA B 353 7.59 -5.65 -46.25
CA ALA B 353 6.96 -5.45 -47.55
C ALA B 353 6.33 -6.75 -48.08
N GLU B 354 7.00 -7.89 -47.85
CA GLU B 354 6.54 -9.23 -48.22
C GLU B 354 5.31 -9.64 -47.42
N ARG B 355 5.33 -9.36 -46.10
CA ARG B 355 4.22 -9.65 -45.17
C ARG B 355 2.95 -8.89 -45.56
N MET B 356 3.10 -7.62 -45.96
CA MET B 356 2.00 -6.76 -46.34
C MET B 356 1.25 -7.16 -47.61
N ARG B 357 1.90 -7.94 -48.49
CA ARG B 357 1.34 -8.48 -49.75
C ARG B 357 0.14 -9.41 -49.48
N SER B 358 0.17 -10.16 -48.35
CA SER B 358 -0.87 -11.09 -47.92
C SER B 358 -1.95 -10.47 -46.98
N TRP B 359 -1.82 -9.16 -46.67
CA TRP B 359 -2.75 -8.41 -45.83
C TRP B 359 -4.04 -8.06 -46.58
N VAL B 360 -5.22 -8.37 -46.01
CA VAL B 360 -6.53 -8.12 -46.62
C VAL B 360 -7.32 -6.96 -45.96
N VAL B 361 -7.69 -5.98 -46.79
CA VAL B 361 -8.51 -4.82 -46.40
C VAL B 361 -9.86 -5.04 -47.10
N GLY B 362 -10.94 -5.11 -46.31
CA GLY B 362 -12.28 -5.34 -46.84
C GLY B 362 -13.37 -5.36 -45.79
N ASP B 363 -14.61 -5.72 -46.25
CA ASP B 363 -15.79 -5.82 -45.41
C ASP B 363 -15.69 -6.99 -44.41
N PRO B 364 -15.57 -6.69 -43.09
CA PRO B 364 -15.45 -7.78 -42.09
C PRO B 364 -16.71 -8.61 -41.89
N PHE B 365 -17.87 -8.08 -42.33
CA PHE B 365 -19.17 -8.74 -42.25
C PHE B 365 -19.42 -9.72 -43.41
N SER B 366 -18.73 -9.54 -44.56
CA SER B 366 -18.91 -10.40 -45.73
C SER B 366 -17.65 -11.14 -46.19
N ASP B 367 -16.44 -10.66 -45.82
CA ASP B 367 -15.17 -11.27 -46.18
C ASP B 367 -14.49 -11.93 -44.96
N PRO B 368 -14.29 -13.28 -44.99
CA PRO B 368 -13.66 -13.94 -43.83
C PRO B 368 -12.17 -13.61 -43.66
N ARG B 369 -11.48 -13.41 -44.80
CA ARG B 369 -10.04 -13.11 -44.91
C ARG B 369 -9.61 -11.74 -44.36
N ALA B 370 -10.56 -10.78 -44.25
CA ALA B 370 -10.35 -9.41 -43.81
C ALA B 370 -9.52 -9.20 -42.53
N ASP B 371 -8.34 -8.58 -42.68
CA ASP B 371 -7.42 -8.21 -41.59
C ASP B 371 -7.68 -6.79 -41.11
N GLN B 372 -8.30 -5.94 -41.96
CA GLN B 372 -8.55 -4.52 -41.73
C GLN B 372 -9.89 -4.06 -42.34
N GLY B 373 -10.63 -3.28 -41.57
CA GLY B 373 -11.91 -2.73 -42.02
C GLY B 373 -11.83 -1.30 -42.51
N PRO B 374 -12.97 -0.61 -42.71
CA PRO B 374 -12.89 0.80 -43.16
C PRO B 374 -12.60 1.76 -42.01
N GLN B 375 -12.16 2.99 -42.32
CA GLN B 375 -11.91 4.03 -41.32
C GLN B 375 -13.28 4.50 -40.80
N VAL B 376 -13.38 4.98 -39.55
CA VAL B 376 -14.64 5.37 -38.90
C VAL B 376 -15.71 6.13 -39.71
N ASP B 377 -15.29 7.14 -40.48
CA ASP B 377 -16.15 7.99 -41.28
C ASP B 377 -15.35 8.63 -42.42
N LYS B 378 -16.03 9.43 -43.28
CA LYS B 378 -15.48 10.15 -44.43
C LYS B 378 -14.43 11.18 -43.99
N ALA B 379 -14.69 11.91 -42.88
CA ALA B 379 -13.78 12.91 -42.31
C ALA B 379 -12.40 12.30 -41.97
N GLN B 380 -12.40 11.13 -41.29
CA GLN B 380 -11.17 10.42 -40.92
C GLN B 380 -10.42 9.88 -42.12
N TYR B 381 -11.18 9.34 -43.10
CA TYR B 381 -10.72 8.79 -44.37
C TYR B 381 -9.92 9.83 -45.17
N GLU B 382 -10.49 11.05 -45.34
CA GLU B 382 -9.86 12.16 -46.04
C GLU B 382 -8.62 12.68 -45.30
N ARG B 383 -8.70 12.76 -43.97
CA ARG B 383 -7.60 13.18 -43.08
C ARG B 383 -6.36 12.25 -43.19
N VAL B 384 -6.56 10.90 -43.21
CA VAL B 384 -5.47 9.94 -43.37
C VAL B 384 -4.87 10.06 -44.80
N LEU B 385 -5.75 10.20 -45.83
CA LEU B 385 -5.32 10.36 -47.23
C LEU B 385 -4.51 11.63 -47.46
N SER B 386 -4.83 12.69 -46.70
CA SER B 386 -4.15 13.98 -46.71
C SER B 386 -2.74 13.85 -46.12
N TYR B 387 -2.58 13.07 -45.02
CA TYR B 387 -1.29 12.84 -44.39
C TYR B 387 -0.38 12.00 -45.29
N ILE B 388 -0.93 10.97 -45.98
CA ILE B 388 -0.18 10.13 -46.93
C ILE B 388 0.35 11.00 -48.08
N ASP B 389 -0.53 11.89 -48.61
CA ASP B 389 -0.19 12.82 -49.69
C ASP B 389 0.91 13.77 -49.23
N HIS B 390 0.80 14.28 -47.98
CA HIS B 390 1.80 15.16 -47.38
C HIS B 390 3.17 14.47 -47.23
N GLY B 391 3.13 13.18 -46.84
CA GLY B 391 4.29 12.32 -46.69
C GLY B 391 5.09 12.16 -47.98
N LYS B 392 4.36 11.95 -49.11
CA LYS B 392 4.91 11.83 -50.46
C LYS B 392 5.60 13.15 -50.85
N ARG B 393 4.88 14.29 -50.63
CA ARG B 393 5.30 15.68 -50.92
C ARG B 393 6.54 16.15 -50.14
N GLU B 394 6.78 15.60 -48.94
CA GLU B 394 7.97 15.99 -48.16
C GLU B 394 9.24 15.16 -48.42
N GLY B 395 9.12 14.16 -49.31
CA GLY B 395 10.24 13.34 -49.72
C GLY B 395 10.38 11.93 -49.16
N ALA B 396 9.38 11.46 -48.39
CA ALA B 396 9.43 10.11 -47.84
C ALA B 396 9.07 9.06 -48.91
N THR B 397 9.75 7.89 -48.86
CA THR B 397 9.59 6.73 -49.77
C THR B 397 8.37 5.90 -49.36
N LEU B 398 7.53 5.57 -50.33
CA LEU B 398 6.35 4.74 -50.09
C LEU B 398 6.76 3.29 -50.32
N LEU B 399 6.86 2.50 -49.24
CA LEU B 399 7.23 1.09 -49.30
C LEU B 399 6.04 0.21 -49.70
N THR B 400 4.88 0.43 -49.08
CA THR B 400 3.64 -0.29 -49.37
C THR B 400 2.42 0.58 -49.12
N GLY B 401 1.31 0.25 -49.79
CA GLY B 401 0.03 0.93 -49.68
C GLY B 401 0.05 2.36 -50.18
N GLY B 402 -0.52 3.26 -49.39
CA GLY B 402 -0.56 4.69 -49.68
C GLY B 402 -1.69 5.14 -50.57
N ARG B 403 -2.64 4.26 -50.88
CA ARG B 403 -3.75 4.55 -51.79
C ARG B 403 -5.06 3.90 -51.32
N PRO B 404 -6.26 4.41 -51.74
CA PRO B 404 -7.50 3.78 -51.30
C PRO B 404 -7.77 2.46 -52.01
N CYS B 405 -8.62 1.64 -51.38
CA CYS B 405 -9.12 0.36 -51.89
C CYS B 405 -10.65 0.30 -51.47
N ALA B 406 -11.39 -0.86 -51.39
CA ALA B 406 -11.07 -2.24 -51.67
C ALA B 406 -12.24 -3.01 -52.32
N PRO B 407 -13.38 -3.31 -51.63
CA PRO B 407 -14.42 -4.11 -52.30
C PRO B 407 -15.27 -3.35 -53.32
N GLU B 408 -16.28 -4.04 -53.90
CA GLU B 408 -17.20 -3.47 -54.89
C GLU B 408 -18.02 -2.39 -54.20
N GLY B 409 -17.61 -1.14 -54.41
CA GLY B 409 -18.24 0.03 -53.82
C GLY B 409 -17.39 1.29 -53.92
N LYS B 410 -17.46 2.26 -52.94
CA LYS B 410 -18.22 2.33 -51.67
C LYS B 410 -17.45 1.76 -50.46
N GLY B 411 -17.31 2.59 -49.42
CA GLY B 411 -16.60 2.29 -48.18
C GLY B 411 -15.33 3.09 -48.00
N TYR B 412 -14.95 3.39 -46.75
CA TYR B 412 -13.76 4.20 -46.47
C TYR B 412 -12.51 3.36 -46.21
N TYR B 413 -12.10 2.60 -47.22
CA TYR B 413 -10.96 1.68 -47.14
C TYR B 413 -9.65 2.27 -47.63
N ILE B 414 -8.62 2.22 -46.76
CA ILE B 414 -7.26 2.69 -47.06
C ILE B 414 -6.29 1.52 -46.87
N GLU B 415 -5.35 1.35 -47.80
CA GLU B 415 -4.31 0.32 -47.71
C GLU B 415 -3.33 0.66 -46.57
N PRO B 416 -2.82 -0.35 -45.80
CA PRO B 416 -1.84 -0.02 -44.74
C PRO B 416 -0.54 0.49 -45.37
N THR B 417 -0.16 1.71 -45.00
CA THR B 417 0.95 2.45 -45.55
C THR B 417 2.21 2.41 -44.70
N VAL B 418 3.35 2.06 -45.34
CA VAL B 418 4.68 2.06 -44.73
C VAL B 418 5.54 3.08 -45.47
N PHE B 419 6.05 4.07 -44.73
CA PHE B 419 6.92 5.11 -45.24
C PHE B 419 8.37 4.86 -44.83
N THR B 420 9.27 4.88 -45.83
CA THR B 420 10.72 4.68 -45.69
C THR B 420 11.44 6.02 -46.01
N ASN B 421 12.72 6.16 -45.60
CA ASN B 421 13.53 7.37 -45.78
C ASN B 421 12.83 8.59 -45.16
N VAL B 422 12.34 8.41 -43.92
CA VAL B 422 11.63 9.41 -43.15
C VAL B 422 12.63 10.17 -42.28
N LYS B 423 12.62 11.50 -42.37
CA LYS B 423 13.44 12.40 -41.57
C LYS B 423 12.60 12.73 -40.33
N GLU B 424 13.26 12.91 -39.18
CA GLU B 424 12.58 13.22 -37.91
C GLU B 424 11.73 14.50 -37.96
N ASP B 425 12.17 15.51 -38.73
CA ASP B 425 11.51 16.81 -38.91
C ASP B 425 10.22 16.78 -39.76
N MET B 426 9.97 15.68 -40.49
CA MET B 426 8.79 15.47 -41.35
C MET B 426 7.48 15.48 -40.55
N ILE B 427 6.38 15.95 -41.18
CA ILE B 427 5.02 16.02 -40.62
C ILE B 427 4.52 14.63 -40.22
N ILE B 428 4.74 13.66 -41.13
CA ILE B 428 4.35 12.26 -40.95
C ILE B 428 5.07 11.61 -39.76
N ALA B 429 6.28 12.12 -39.42
CA ALA B 429 7.12 11.62 -38.32
C ALA B 429 6.70 12.18 -36.96
N LYS B 430 6.16 13.41 -36.94
CA LYS B 430 5.79 14.12 -35.73
C LYS B 430 4.29 14.11 -35.37
N GLU B 431 3.42 14.23 -36.37
CA GLU B 431 1.97 14.33 -36.15
C GLU B 431 1.23 13.01 -36.10
N GLU B 432 0.21 12.93 -35.23
CA GLU B 432 -0.66 11.77 -35.10
C GLU B 432 -1.64 11.68 -36.29
N ILE B 433 -1.39 10.68 -37.14
CA ILE B 433 -2.18 10.42 -38.35
C ILE B 433 -3.51 9.72 -38.00
N PHE B 434 -3.47 8.76 -37.05
CA PHE B 434 -4.62 7.97 -36.58
C PHE B 434 -5.28 7.18 -37.72
N GLY B 435 -4.41 6.56 -38.54
CA GLY B 435 -4.75 5.75 -39.68
C GLY B 435 -3.73 4.64 -39.87
N PRO B 436 -3.90 3.73 -40.87
CA PRO B 436 -2.93 2.62 -41.02
C PRO B 436 -1.63 3.09 -41.70
N VAL B 437 -0.86 3.92 -40.98
CA VAL B 437 0.39 4.51 -41.49
C VAL B 437 1.54 4.27 -40.51
N MET B 438 2.63 3.66 -40.99
CA MET B 438 3.84 3.35 -40.24
C MET B 438 5.02 4.10 -40.88
N CYS B 439 5.87 4.74 -40.06
CA CYS B 439 7.11 5.43 -40.45
C CYS B 439 8.24 4.50 -40.06
N LEU B 440 8.91 3.91 -41.06
CA LEU B 440 10.01 2.98 -40.85
C LEU B 440 11.36 3.71 -40.94
N MET B 441 12.15 3.61 -39.86
CA MET B 441 13.45 4.27 -39.75
C MET B 441 14.56 3.36 -39.25
N LYS B 442 15.80 3.77 -39.54
CA LYS B 442 17.04 3.09 -39.21
C LYS B 442 17.81 3.83 -38.12
N PHE B 443 18.55 3.10 -37.26
CA PHE B 443 19.36 3.68 -36.18
C PHE B 443 20.64 2.87 -35.93
N LYS B 444 21.64 3.49 -35.32
CA LYS B 444 22.91 2.83 -35.03
C LYS B 444 23.03 2.46 -33.53
N THR B 445 22.93 3.46 -32.63
CA THR B 445 23.14 3.24 -31.20
C THR B 445 21.89 3.23 -30.33
N VAL B 446 22.03 2.63 -29.12
CA VAL B 446 21.02 2.55 -28.06
C VAL B 446 20.67 4.00 -27.66
N GLU B 447 21.71 4.85 -27.47
CA GLU B 447 21.61 6.28 -27.14
C GLU B 447 20.78 7.04 -28.19
N GLU B 448 21.03 6.76 -29.48
CA GLU B 448 20.31 7.33 -30.63
C GLU B 448 18.85 6.89 -30.64
N ALA B 449 18.59 5.58 -30.41
CA ALA B 449 17.23 5.03 -30.35
C ALA B 449 16.40 5.73 -29.27
N ILE B 450 17.02 5.97 -28.08
CA ILE B 450 16.41 6.61 -26.91
C ILE B 450 16.04 8.06 -27.20
N ALA B 451 17.00 8.84 -27.72
CA ALA B 451 16.85 10.26 -28.05
C ALA B 451 15.78 10.47 -29.13
N ARG B 452 15.74 9.59 -30.14
CA ARG B 452 14.76 9.66 -31.23
C ARG B 452 13.37 9.25 -30.78
N ALA B 453 13.27 8.24 -29.89
CA ALA B 453 12.01 7.79 -29.30
C ALA B 453 11.38 8.94 -28.49
N ASN B 454 12.24 9.69 -27.77
CA ASN B 454 11.84 10.83 -26.93
C ASN B 454 11.62 12.12 -27.70
N ASP B 455 12.01 12.18 -28.99
CA ASP B 455 11.84 13.37 -29.84
C ASP B 455 10.38 13.52 -30.33
N THR B 456 9.49 13.77 -29.37
CA THR B 456 8.05 13.92 -29.54
C THR B 456 7.52 14.76 -28.40
N ARG B 457 6.37 15.41 -28.61
CA ARG B 457 5.69 16.19 -27.57
C ARG B 457 4.87 15.22 -26.72
N TYR B 458 4.61 14.04 -27.30
CA TYR B 458 3.84 12.94 -26.73
C TYR B 458 4.68 12.02 -25.82
N GLY B 459 4.00 11.07 -25.20
CA GLY B 459 4.62 10.10 -24.32
C GLY B 459 3.60 9.12 -23.77
N LEU B 460 2.79 8.53 -24.65
CA LEU B 460 1.75 7.57 -24.24
C LEU B 460 2.34 6.16 -24.07
N GLY B 461 2.73 5.54 -25.19
CA GLY B 461 3.30 4.20 -25.24
C GLY B 461 4.60 4.10 -26.02
N ALA B 462 5.28 2.96 -25.89
CA ALA B 462 6.55 2.64 -26.55
C ALA B 462 6.79 1.14 -26.48
N GLY B 463 7.63 0.63 -27.37
CA GLY B 463 7.98 -0.78 -27.44
C GLY B 463 9.47 -1.01 -27.67
N VAL B 464 10.00 -2.11 -27.10
CA VAL B 464 11.40 -2.54 -27.25
C VAL B 464 11.43 -3.99 -27.64
N VAL B 465 12.16 -4.31 -28.72
CA VAL B 465 12.35 -5.70 -29.14
C VAL B 465 13.84 -6.02 -29.04
N THR B 466 14.20 -6.81 -28.00
CA THR B 466 15.57 -7.23 -27.69
C THR B 466 15.57 -8.45 -26.76
N ARG B 467 16.64 -9.27 -26.85
CA ARG B 467 16.87 -10.42 -25.98
C ARG B 467 17.75 -9.99 -24.79
N ASP B 468 18.47 -8.87 -24.95
CA ASP B 468 19.39 -8.35 -23.94
C ASP B 468 18.67 -7.65 -22.79
N LEU B 469 18.80 -8.21 -21.59
CA LEU B 469 18.21 -7.73 -20.36
C LEU B 469 18.69 -6.30 -19.98
N ASP B 470 19.98 -6.00 -20.16
CA ASP B 470 20.54 -4.67 -19.85
C ASP B 470 20.10 -3.59 -20.82
N VAL B 471 19.95 -3.93 -22.11
CA VAL B 471 19.47 -3.02 -23.17
C VAL B 471 17.99 -2.73 -22.90
N ALA B 472 17.18 -3.79 -22.65
CA ALA B 472 15.76 -3.67 -22.32
C ALA B 472 15.55 -2.74 -21.13
N ASN B 473 16.29 -2.95 -20.02
CA ASN B 473 16.21 -2.13 -18.81
C ASN B 473 16.56 -0.66 -19.07
N ARG B 474 17.64 -0.41 -19.83
CA ARG B 474 18.08 0.94 -20.16
C ARG B 474 17.06 1.70 -21.02
N VAL B 475 16.55 1.08 -22.09
CA VAL B 475 15.56 1.65 -23.00
C VAL B 475 14.21 1.90 -22.27
N VAL B 476 13.72 0.94 -21.48
CA VAL B 476 12.49 1.05 -20.67
C VAL B 476 12.55 2.26 -19.74
N ARG B 477 13.67 2.43 -19.03
CA ARG B 477 13.86 3.48 -18.04
C ARG B 477 14.21 4.85 -18.60
N SER B 478 14.64 4.89 -19.88
CA SER B 478 15.05 6.13 -20.53
C SER B 478 13.97 6.75 -21.44
N VAL B 479 13.03 5.94 -21.96
CA VAL B 479 11.94 6.42 -22.82
C VAL B 479 10.83 7.03 -21.96
N ARG B 480 10.55 8.32 -22.13
CA ARG B 480 9.53 9.09 -21.38
C ARG B 480 8.10 8.81 -21.88
N ALA B 481 7.61 7.59 -21.59
CA ALA B 481 6.28 7.09 -21.96
C ALA B 481 5.60 6.43 -20.77
N GLY B 482 4.28 6.55 -20.71
CA GLY B 482 3.47 5.97 -19.63
C GLY B 482 3.46 4.45 -19.56
N VAL B 483 3.59 3.79 -20.74
CA VAL B 483 3.63 2.33 -20.93
C VAL B 483 4.76 1.95 -21.88
N VAL B 484 5.56 0.94 -21.49
CA VAL B 484 6.65 0.41 -22.33
C VAL B 484 6.46 -1.11 -22.42
N TRP B 485 6.27 -1.64 -23.64
CA TRP B 485 6.15 -3.07 -23.86
C TRP B 485 7.48 -3.61 -24.31
N VAL B 486 7.90 -4.73 -23.73
CA VAL B 486 9.17 -5.39 -24.07
C VAL B 486 8.82 -6.71 -24.68
N ASN B 487 9.20 -6.93 -25.95
CA ASN B 487 9.00 -8.18 -26.72
C ASN B 487 7.53 -8.59 -26.89
N CYS B 488 6.65 -7.57 -26.88
CA CYS B 488 5.21 -7.67 -27.03
C CYS B 488 4.68 -6.25 -27.27
N TYR B 489 3.35 -6.11 -27.40
CA TYR B 489 2.65 -4.85 -27.57
C TYR B 489 1.21 -4.98 -27.12
N PHE B 490 0.57 -3.87 -26.68
CA PHE B 490 -0.84 -3.79 -26.23
C PHE B 490 -1.19 -4.47 -24.91
N ALA B 491 -0.70 -5.70 -24.70
CA ALA B 491 -0.97 -6.53 -23.51
C ALA B 491 -0.80 -5.79 -22.20
N MET B 492 -1.86 -5.76 -21.40
CA MET B 492 -1.85 -5.08 -20.11
C MET B 492 -2.67 -5.78 -19.02
N GLY B 493 -3.98 -5.87 -19.23
CA GLY B 493 -4.93 -6.35 -18.23
C GLY B 493 -5.40 -5.18 -17.37
N SER B 494 -6.52 -5.36 -16.66
CA SER B 494 -7.11 -4.31 -15.82
C SER B 494 -6.33 -3.94 -14.57
N ASP B 495 -5.26 -4.70 -14.21
CA ASP B 495 -4.42 -4.37 -13.05
C ASP B 495 -3.32 -3.38 -13.44
N CYS B 496 -3.12 -3.21 -14.74
CA CYS B 496 -2.08 -2.38 -15.30
C CYS B 496 -2.54 -0.93 -15.52
N PRO B 497 -1.99 0.07 -14.78
CA PRO B 497 -2.40 1.47 -15.01
C PRO B 497 -1.95 2.00 -16.37
N PHE B 498 -2.85 2.74 -17.06
CA PHE B 498 -2.62 3.32 -18.38
C PHE B 498 -2.86 4.84 -18.37
N GLY B 499 -1.83 5.57 -18.76
CA GLY B 499 -1.86 7.01 -18.81
C GLY B 499 -0.66 7.59 -19.52
N GLY B 500 -0.81 8.82 -19.99
CA GLY B 500 0.25 9.50 -20.70
C GLY B 500 1.26 10.20 -19.83
N ARG B 501 2.29 10.71 -20.48
CA ARG B 501 3.37 11.55 -19.97
C ARG B 501 3.49 12.67 -21.02
N LYS B 502 4.05 13.83 -20.62
CA LYS B 502 4.23 14.97 -21.54
C LYS B 502 2.87 15.39 -22.16
N MET B 503 2.76 15.61 -23.49
CA MET B 503 1.48 16.01 -24.10
C MET B 503 0.47 14.88 -24.38
N SER B 504 0.77 13.65 -23.90
CA SER B 504 -0.13 12.52 -24.01
C SER B 504 -1.08 12.48 -22.79
N GLY B 505 -0.87 13.40 -21.85
CA GLY B 505 -1.74 13.59 -20.71
C GLY B 505 -1.18 13.27 -19.35
N PHE B 506 -2.10 13.06 -18.41
CA PHE B 506 -1.88 12.75 -17.00
C PHE B 506 -3.14 12.06 -16.43
N GLY B 507 -2.94 11.20 -15.44
CA GLY B 507 -4.02 10.44 -14.83
C GLY B 507 -4.04 9.02 -15.36
N LYS B 508 -4.44 8.06 -14.51
CA LYS B 508 -4.45 6.66 -14.89
C LYS B 508 -5.82 6.08 -15.09
N ASP B 509 -5.97 5.33 -16.19
CA ASP B 509 -7.13 4.51 -16.50
C ASP B 509 -6.65 3.10 -16.25
N GLU B 510 -7.49 2.26 -15.61
CA GLU B 510 -7.16 0.88 -15.21
C GLU B 510 -6.23 0.80 -13.96
N GLY B 511 -6.22 -0.37 -13.34
CA GLY B 511 -5.46 -0.60 -12.11
C GLY B 511 -6.21 -0.02 -10.93
N MET B 512 -5.69 -0.23 -9.71
CA MET B 512 -6.31 0.35 -8.51
C MET B 512 -6.13 1.86 -8.54
N HIS B 513 -5.14 2.32 -9.35
CA HIS B 513 -4.73 3.69 -9.61
C HIS B 513 -5.88 4.54 -10.20
N ALA B 514 -6.76 3.92 -11.00
CA ALA B 514 -7.89 4.55 -11.67
C ALA B 514 -8.92 5.11 -10.71
N LEU B 515 -9.06 4.49 -9.54
CA LEU B 515 -10.01 4.87 -8.50
C LEU B 515 -9.78 6.27 -7.91
N ASP B 516 -8.51 6.72 -7.85
CA ASP B 516 -8.06 7.99 -7.27
C ASP B 516 -8.84 9.21 -7.74
N LYS B 517 -9.10 9.33 -9.05
CA LYS B 517 -9.83 10.47 -9.64
C LYS B 517 -11.31 10.56 -9.25
N TYR B 518 -11.88 9.45 -8.72
CA TYR B 518 -13.29 9.36 -8.34
C TYR B 518 -13.49 9.34 -6.84
N LEU B 519 -12.41 9.54 -6.09
CA LEU B 519 -12.47 9.50 -4.63
C LEU B 519 -12.02 10.79 -4.02
N ALA B 520 -12.64 11.15 -2.89
CA ALA B 520 -12.28 12.31 -2.11
C ALA B 520 -11.52 11.78 -0.90
N VAL B 521 -10.26 12.22 -0.74
CA VAL B 521 -9.43 11.83 0.39
C VAL B 521 -9.63 12.89 1.46
N LYS B 522 -10.20 12.47 2.59
CA LYS B 522 -10.52 13.34 3.71
C LYS B 522 -9.64 12.98 4.93
N SER B 523 -8.84 13.95 5.41
CA SER B 523 -8.01 13.75 6.59
C SER B 523 -8.83 14.14 7.84
N VAL B 524 -8.80 13.27 8.86
CA VAL B 524 -9.57 13.45 10.11
C VAL B 524 -8.60 13.39 11.30
N VAL B 525 -8.59 14.44 12.13
CA VAL B 525 -7.69 14.57 13.29
C VAL B 525 -8.46 14.83 14.59
N THR B 526 -8.10 14.10 15.65
CA THR B 526 -8.67 14.26 16.98
C THR B 526 -7.62 14.07 18.06
N PRO B 527 -7.66 14.81 19.19
CA PRO B 527 -6.69 14.54 20.27
C PRO B 527 -6.97 13.20 20.96
N LEU B 528 -5.97 12.66 21.64
CA LEU B 528 -6.09 11.44 22.41
C LEU B 528 -5.82 11.79 23.84
N ARG B 529 -6.54 11.15 24.77
CA ARG B 529 -6.29 11.37 26.20
C ARG B 529 -5.64 10.11 26.75
N ALA B 530 -4.40 10.25 27.24
CA ALA B 530 -3.59 9.20 27.88
C ALA B 530 -3.48 7.86 27.11
N SER B 531 -3.18 7.95 25.81
CA SER B 531 -2.96 6.74 25.00
C SER B 531 -1.62 6.12 25.43
N PRO B 532 -1.57 4.81 25.79
CA PRO B 532 -0.29 4.22 26.22
C PRO B 532 0.79 4.12 25.11
N TRP B 533 0.39 4.32 23.86
CA TRP B 533 1.25 4.34 22.69
C TRP B 533 0.72 5.37 21.67
N ILE B 534 1.62 5.87 20.81
CA ILE B 534 1.32 6.75 19.65
C ILE B 534 2.24 6.36 18.48
N LEU C 42 48.49 -1.84 7.50
CA LEU C 42 48.26 -2.04 8.92
C LEU C 42 46.95 -1.38 9.38
N PHE C 43 46.40 -1.86 10.51
CA PHE C 43 45.18 -1.35 11.15
C PHE C 43 45.37 -1.32 12.67
N ASP C 44 44.69 -0.39 13.36
CA ASP C 44 44.79 -0.25 14.81
C ASP C 44 43.88 -1.20 15.58
N VAL C 45 44.49 -2.01 16.47
CA VAL C 45 43.80 -2.95 17.34
C VAL C 45 43.00 -2.11 18.36
N PRO C 46 41.67 -2.34 18.50
CA PRO C 46 40.89 -1.48 19.39
C PRO C 46 41.02 -1.76 20.88
N GLU C 47 40.56 -0.80 21.69
CA GLU C 47 40.50 -0.89 23.14
C GLU C 47 39.20 -1.64 23.45
N ILE C 48 39.23 -2.58 24.41
CA ILE C 48 38.00 -3.26 24.81
C ILE C 48 37.48 -2.53 26.04
N ARG C 49 36.34 -1.85 25.88
CA ARG C 49 35.74 -0.99 26.90
C ARG C 49 34.47 -1.56 27.52
N PHE C 50 33.67 -2.27 26.71
CA PHE C 50 32.38 -2.80 27.16
C PHE C 50 32.39 -4.31 27.17
N THR C 51 32.41 -4.88 28.39
CA THR C 51 32.48 -6.32 28.64
C THR C 51 31.36 -6.83 29.55
N LYS C 52 30.58 -5.94 30.18
CA LYS C 52 29.48 -6.31 31.08
C LYS C 52 28.13 -6.41 30.34
N LEU C 53 27.07 -6.94 30.98
CA LEU C 53 25.72 -7.02 30.39
C LEU C 53 25.11 -5.61 30.37
N PHE C 54 24.25 -5.30 29.40
CA PHE C 54 23.62 -3.99 29.38
C PHE C 54 22.13 -4.15 29.71
N ILE C 55 21.76 -3.80 30.96
CA ILE C 55 20.39 -3.92 31.49
C ILE C 55 19.96 -2.58 32.11
N ASN C 56 18.78 -2.09 31.68
CA ASN C 56 18.14 -0.86 32.14
C ASN C 56 19.06 0.38 32.11
N GLY C 57 19.79 0.53 31.00
CA GLY C 57 20.71 1.63 30.74
C GLY C 57 22.05 1.55 31.44
N SER C 58 22.34 0.43 32.11
CA SER C 58 23.60 0.28 32.83
C SER C 58 24.38 -0.99 32.47
N PHE C 59 25.72 -0.91 32.58
CA PHE C 59 26.62 -2.04 32.37
C PHE C 59 26.77 -2.73 33.72
N VAL C 60 26.20 -3.93 33.84
CA VAL C 60 26.18 -4.71 35.07
C VAL C 60 26.75 -6.11 34.86
N ASP C 61 27.24 -6.72 35.94
CA ASP C 61 27.78 -8.07 35.93
C ASP C 61 26.63 -9.06 35.99
N ALA C 62 26.89 -10.32 35.66
CA ALA C 62 25.88 -11.37 35.77
C ALA C 62 25.61 -11.63 37.26
N VAL C 63 24.39 -12.06 37.61
CA VAL C 63 23.96 -12.37 38.99
C VAL C 63 24.96 -13.34 39.66
N SER C 64 25.45 -14.34 38.88
CA SER C 64 26.42 -15.35 39.28
C SER C 64 27.86 -14.81 39.40
N GLY C 65 28.15 -13.70 38.73
CA GLY C 65 29.49 -13.12 38.70
C GLY C 65 30.39 -13.84 37.71
N ARG C 66 29.80 -14.76 36.92
CA ARG C 66 30.48 -15.56 35.92
C ARG C 66 30.82 -14.76 34.66
N THR C 67 31.94 -15.14 34.01
CA THR C 67 32.40 -14.57 32.76
C THR C 67 32.72 -15.71 31.78
N PHE C 68 32.73 -15.39 30.48
CA PHE C 68 33.12 -16.31 29.41
C PHE C 68 34.10 -15.53 28.55
N ASP C 69 35.07 -16.21 27.95
CA ASP C 69 36.07 -15.55 27.14
C ASP C 69 35.70 -15.47 25.68
N THR C 70 36.07 -14.35 25.05
CA THR C 70 35.98 -14.14 23.61
C THR C 70 37.45 -14.15 23.12
N ARG C 71 37.72 -14.86 22.04
CA ARG C 71 39.09 -15.01 21.54
C ARG C 71 39.32 -14.42 20.16
N ASP C 72 40.59 -14.13 19.88
CA ASP C 72 41.05 -13.59 18.62
C ASP C 72 41.38 -14.75 17.67
N PRO C 73 40.56 -14.95 16.60
CA PRO C 73 40.85 -16.07 15.68
C PRO C 73 42.24 -16.06 15.02
N ARG C 74 42.92 -14.90 14.98
CA ARG C 74 44.25 -14.76 14.37
C ARG C 74 45.33 -15.41 15.24
N THR C 75 45.13 -15.43 16.58
CA THR C 75 46.11 -15.94 17.56
C THR C 75 45.60 -17.09 18.43
N GLY C 76 44.27 -17.15 18.64
CA GLY C 76 43.60 -18.12 19.49
C GLY C 76 43.56 -17.68 20.95
N GLY C 77 44.03 -16.45 21.21
CA GLY C 77 44.11 -15.86 22.54
C GLY C 77 42.91 -15.03 22.95
N VAL C 78 42.66 -14.96 24.27
CA VAL C 78 41.56 -14.23 24.91
C VAL C 78 41.68 -12.72 24.65
N ILE C 79 40.61 -12.11 24.12
CA ILE C 79 40.48 -10.69 23.83
C ILE C 79 39.95 -10.01 25.09
N ALA C 80 38.85 -10.56 25.64
CA ALA C 80 38.16 -10.04 26.82
C ALA C 80 37.41 -11.14 27.56
N SER C 81 37.08 -10.88 28.82
CA SER C 81 36.30 -11.77 29.67
C SER C 81 34.95 -11.06 29.83
N VAL C 82 33.96 -11.58 29.13
CA VAL C 82 32.59 -11.03 29.04
C VAL C 82 31.67 -11.67 30.07
N ALA C 83 30.81 -10.83 30.74
CA ALA C 83 29.80 -11.28 31.71
C ALA C 83 28.89 -12.35 31.09
N GLU C 84 28.74 -13.48 31.79
CA GLU C 84 27.97 -14.62 31.31
C GLU C 84 26.52 -14.60 31.81
N ALA C 85 25.59 -14.18 30.94
CA ALA C 85 24.17 -14.13 31.30
C ALA C 85 23.55 -15.52 31.34
N ASP C 86 22.64 -15.69 32.29
CA ASP C 86 21.87 -16.92 32.50
C ASP C 86 20.40 -16.51 32.67
N LYS C 87 19.53 -17.46 33.04
CA LYS C 87 18.08 -17.26 33.24
C LYS C 87 17.72 -16.02 34.07
N GLU C 88 18.39 -15.81 35.22
CA GLU C 88 18.16 -14.70 36.15
C GLU C 88 18.42 -13.33 35.54
N ASP C 89 19.47 -13.24 34.71
CA ASP C 89 19.88 -12.01 34.00
C ASP C 89 18.91 -11.67 32.86
N VAL C 90 18.41 -12.71 32.17
CA VAL C 90 17.41 -12.58 31.10
C VAL C 90 16.11 -12.03 31.74
N ASP C 91 15.72 -12.58 32.91
CA ASP C 91 14.56 -12.16 33.68
C ASP C 91 14.61 -10.66 34.02
N LEU C 92 15.77 -10.19 34.53
CA LEU C 92 16.11 -8.80 34.87
C LEU C 92 15.97 -7.89 33.63
N ALA C 93 16.54 -8.32 32.49
CA ALA C 93 16.48 -7.61 31.23
C ALA C 93 15.03 -7.53 30.68
N VAL C 94 14.26 -8.65 30.77
CA VAL C 94 12.84 -8.70 30.33
C VAL C 94 11.97 -7.78 31.20
N ARG C 95 12.25 -7.71 32.52
CA ARG C 95 11.55 -6.84 33.47
C ARG C 95 11.80 -5.38 33.16
N ALA C 96 13.06 -5.04 32.79
CA ALA C 96 13.50 -3.69 32.40
C ALA C 96 12.79 -3.25 31.11
N ALA C 97 12.66 -4.18 30.14
CA ALA C 97 11.99 -3.94 28.86
C ALA C 97 10.48 -3.80 29.07
N ARG C 98 9.90 -4.64 29.95
CA ARG C 98 8.49 -4.58 30.31
C ARG C 98 8.12 -3.21 30.92
N ALA C 99 8.94 -2.71 31.87
CA ALA C 99 8.74 -1.40 32.50
C ALA C 99 8.88 -0.27 31.46
N ALA C 100 9.85 -0.38 30.54
CA ALA C 100 10.10 0.60 29.48
C ALA C 100 8.94 0.69 28.49
N PHE C 101 8.32 -0.46 28.18
CA PHE C 101 7.17 -0.51 27.29
C PHE C 101 5.85 -0.10 27.97
N ASP C 102 5.54 -0.71 29.13
CA ASP C 102 4.30 -0.47 29.84
C ASP C 102 4.19 0.89 30.46
N HIS C 103 5.31 1.45 30.98
CA HIS C 103 5.30 2.72 31.71
C HIS C 103 6.27 3.79 31.22
N GLY C 104 7.25 3.41 30.42
CA GLY C 104 8.25 4.32 29.90
C GLY C 104 7.84 5.19 28.72
N GLU C 105 8.73 6.12 28.37
CA GLU C 105 8.62 7.14 27.32
C GLU C 105 8.57 6.64 25.89
N TRP C 106 9.40 5.65 25.53
CA TRP C 106 9.52 5.15 24.14
C TRP C 106 8.23 4.88 23.34
N PRO C 107 7.24 4.07 23.82
CA PRO C 107 6.01 3.89 23.02
C PRO C 107 5.12 5.13 23.02
N ARG C 108 5.30 6.04 24.03
CA ARG C 108 4.54 7.26 24.20
C ARG C 108 5.09 8.45 23.40
N MET C 109 6.33 8.32 22.86
CA MET C 109 6.95 9.34 22.02
C MET C 109 6.35 9.21 20.61
N SER C 110 6.36 10.31 19.83
CA SER C 110 5.88 10.33 18.46
C SER C 110 6.90 9.59 17.57
N GLY C 111 6.44 9.08 16.42
CA GLY C 111 7.32 8.45 15.44
C GLY C 111 8.48 9.35 15.05
N SER C 112 8.20 10.67 14.96
CA SER C 112 9.18 11.71 14.67
C SER C 112 10.27 11.77 15.76
N GLU C 113 9.86 11.66 17.05
CA GLU C 113 10.75 11.67 18.21
C GLU C 113 11.63 10.45 18.24
N ARG C 114 11.03 9.25 18.04
CA ARG C 114 11.78 8.00 17.99
C ARG C 114 12.75 8.01 16.77
N GLY C 115 12.32 8.61 15.66
CA GLY C 115 13.11 8.75 14.45
C GLY C 115 14.35 9.63 14.59
N ARG C 116 14.25 10.74 15.37
CA ARG C 116 15.39 11.63 15.61
C ARG C 116 16.45 10.94 16.43
N ILE C 117 16.03 10.19 17.46
CA ILE C 117 16.93 9.44 18.34
C ILE C 117 17.65 8.32 17.54
N MET C 118 16.91 7.60 16.66
CA MET C 118 17.45 6.55 15.79
C MET C 118 18.45 7.11 14.77
N ALA C 119 18.18 8.33 14.22
CA ALA C 119 19.07 9.00 13.27
C ALA C 119 20.35 9.45 13.99
N ARG C 120 20.23 9.90 15.27
CA ARG C 120 21.36 10.27 16.13
C ARG C 120 22.24 9.03 16.36
N LEU C 121 21.60 7.86 16.56
CA LEU C 121 22.28 6.56 16.72
C LEU C 121 23.01 6.18 15.42
N ALA C 122 22.34 6.35 14.26
CA ALA C 122 22.93 6.09 12.94
C ALA C 122 24.17 6.99 12.77
N ASP C 123 24.06 8.29 13.14
CA ASP C 123 25.13 9.29 13.10
C ASP C 123 26.34 8.87 13.94
N LEU C 124 26.08 8.31 15.14
CA LEU C 124 27.10 7.80 16.06
C LEU C 124 27.85 6.57 15.55
N VAL C 125 27.12 5.64 14.92
CA VAL C 125 27.66 4.41 14.30
C VAL C 125 28.61 4.81 13.17
N GLU C 126 28.27 5.88 12.44
CA GLU C 126 29.04 6.46 11.34
C GLU C 126 30.30 7.18 11.85
N GLU C 127 30.15 7.97 12.94
CA GLU C 127 31.21 8.73 13.62
C GLU C 127 32.26 7.78 14.22
N HIS C 128 31.81 6.63 14.78
CA HIS C 128 32.67 5.63 15.42
C HIS C 128 32.84 4.36 14.58
N ALA C 129 32.65 4.48 13.25
CA ALA C 129 32.75 3.39 12.27
C ALA C 129 34.07 2.63 12.29
N GLY C 130 35.18 3.37 12.38
CA GLY C 130 36.53 2.81 12.40
C GLY C 130 36.81 1.96 13.62
N GLU C 131 36.41 2.46 14.81
CA GLU C 131 36.55 1.76 16.10
C GLU C 131 35.69 0.49 16.11
N LEU C 132 34.41 0.62 15.67
CA LEU C 132 33.46 -0.49 15.60
C LEU C 132 33.92 -1.56 14.59
N ALA C 133 34.41 -1.14 13.40
CA ALA C 133 34.93 -2.07 12.39
C ALA C 133 36.12 -2.87 12.94
N ALA C 134 37.04 -2.21 13.65
CA ALA C 134 38.21 -2.79 14.29
C ALA C 134 37.80 -3.75 15.42
N LEU C 135 36.73 -3.39 16.18
CA LEU C 135 36.19 -4.18 17.26
C LEU C 135 35.58 -5.47 16.72
N GLU C 136 34.66 -5.36 15.74
CA GLU C 136 34.02 -6.48 15.04
C GLU C 136 35.04 -7.37 14.30
N SER C 137 36.07 -6.75 13.68
CA SER C 137 37.11 -7.46 12.94
C SER C 137 38.00 -8.38 13.78
N LEU C 138 38.49 -7.88 14.93
CA LEU C 138 39.36 -8.64 15.82
C LEU C 138 38.61 -9.84 16.43
N ASP C 139 37.35 -9.60 16.83
CA ASP C 139 36.42 -10.54 17.44
C ASP C 139 35.95 -11.63 16.44
N ALA C 140 35.66 -11.25 15.18
CA ALA C 140 35.15 -12.17 14.16
C ALA C 140 36.15 -12.69 13.09
N GLY C 141 37.37 -12.17 13.06
CA GLY C 141 38.39 -12.56 12.08
C GLY C 141 38.22 -11.88 10.72
N LYS C 142 37.75 -10.62 10.74
CA LYS C 142 37.46 -9.86 9.52
C LYS C 142 38.52 -8.80 9.15
N HIS C 143 38.42 -8.32 7.89
CA HIS C 143 39.26 -7.23 7.41
C HIS C 143 38.61 -5.92 7.88
N PRO C 144 39.34 -5.06 8.64
CA PRO C 144 38.72 -3.81 9.15
C PRO C 144 38.15 -2.86 8.10
N ALA C 145 38.75 -2.81 6.89
CA ALA C 145 38.26 -1.94 5.80
C ALA C 145 36.97 -2.49 5.17
N VAL C 146 36.85 -3.84 5.06
CA VAL C 146 35.68 -4.52 4.54
C VAL C 146 34.52 -4.36 5.55
N THR C 147 34.85 -4.52 6.87
CA THR C 147 33.86 -4.39 7.95
C THR C 147 33.28 -2.98 7.97
N ARG C 148 34.14 -1.96 7.78
CA ARG C 148 33.71 -0.56 7.76
C ARG C 148 32.79 -0.26 6.58
N ALA C 149 33.21 -0.62 5.36
CA ALA C 149 32.46 -0.38 4.13
C ALA C 149 31.17 -1.21 3.99
N VAL C 150 31.22 -2.48 4.39
CA VAL C 150 30.09 -3.39 4.27
C VAL C 150 29.26 -3.45 5.55
N ASP C 151 29.75 -4.17 6.59
CA ASP C 151 29.07 -4.40 7.88
C ASP C 151 28.58 -3.14 8.60
N VAL C 152 29.49 -2.20 8.90
CA VAL C 152 29.18 -0.95 9.63
C VAL C 152 28.29 -0.01 8.79
N GLY C 153 28.57 0.08 7.48
CA GLY C 153 27.78 0.85 6.52
C GLY C 153 26.35 0.36 6.43
N ASN C 154 26.14 -0.98 6.41
CA ASN C 154 24.81 -1.59 6.37
C ASN C 154 24.09 -1.42 7.71
N ALA C 155 24.84 -1.40 8.83
CA ALA C 155 24.29 -1.20 10.17
C ALA C 155 23.75 0.23 10.33
N ALA C 156 24.56 1.24 9.92
CA ALA C 156 24.20 2.66 9.94
C ALA C 156 23.02 2.91 8.97
N GLY C 157 23.07 2.26 7.80
CA GLY C 157 22.06 2.34 6.75
C GLY C 157 20.70 1.78 7.14
N SER C 158 20.68 0.68 7.91
CA SER C 158 19.46 0.04 8.43
C SER C 158 18.81 0.95 9.50
N LEU C 159 19.63 1.56 10.39
CA LEU C 159 19.18 2.51 11.41
C LEU C 159 18.56 3.76 10.80
N ARG C 160 19.14 4.26 9.70
CA ARG C 160 18.68 5.44 8.97
C ARG C 160 17.36 5.19 8.22
N TYR C 161 17.26 4.05 7.55
CA TYR C 161 16.07 3.63 6.81
C TYR C 161 14.85 3.56 7.74
N PHE C 162 14.99 2.94 8.93
CA PHE C 162 13.92 2.80 9.91
C PHE C 162 13.62 4.05 10.70
N ALA C 163 14.61 4.97 10.84
CA ALA C 163 14.43 6.30 11.43
C ALA C 163 13.45 7.10 10.56
N GLY C 164 13.55 6.91 9.25
CA GLY C 164 12.69 7.50 8.23
C GLY C 164 11.36 6.77 8.07
N ALA C 165 11.25 5.55 8.61
CA ALA C 165 10.01 4.74 8.61
C ALA C 165 9.11 5.11 9.80
N ALA C 166 9.73 5.52 10.93
CA ALA C 166 9.10 5.80 12.21
C ALA C 166 7.91 6.77 12.21
N ASP C 167 7.98 7.85 11.41
CA ASP C 167 6.95 8.90 11.30
C ASP C 167 5.91 8.63 10.18
N LYS C 168 5.96 7.45 9.56
CA LYS C 168 5.08 7.12 8.44
C LYS C 168 4.53 5.69 8.45
N ILE C 169 4.45 5.05 9.63
CA ILE C 169 3.86 3.73 9.79
C ILE C 169 2.34 3.91 9.69
N HIS C 170 1.70 3.19 8.75
CA HIS C 170 0.27 3.30 8.50
C HIS C 170 -0.55 2.05 8.72
N GLY C 171 -1.76 2.23 9.24
CA GLY C 171 -2.79 1.21 9.32
C GLY C 171 -3.76 1.54 8.21
N GLU C 172 -4.93 0.91 8.19
CA GLU C 172 -5.93 1.17 7.15
C GLU C 172 -7.29 1.63 7.75
N THR C 173 -8.12 2.23 6.90
CA THR C 173 -9.52 2.53 7.14
C THR C 173 -10.19 1.60 6.12
N LEU C 174 -11.02 0.68 6.62
CA LEU C 174 -11.60 -0.43 5.87
C LEU C 174 -12.90 -0.17 5.14
N LYS C 175 -13.30 -1.09 4.24
CA LYS C 175 -14.59 -1.01 3.52
C LYS C 175 -15.52 -1.96 4.26
N MET C 176 -16.60 -1.40 4.84
CA MET C 176 -17.52 -2.14 5.70
C MET C 176 -18.78 -2.74 5.05
N PRO C 177 -19.30 -3.88 5.58
CA PRO C 177 -20.51 -4.50 4.97
C PRO C 177 -21.86 -3.79 5.19
N GLY C 178 -21.84 -2.62 5.83
CA GLY C 178 -23.02 -1.81 6.08
C GLY C 178 -22.68 -0.49 6.75
N GLN C 179 -23.63 0.06 7.55
CA GLN C 179 -23.46 1.31 8.29
C GLN C 179 -22.53 1.12 9.50
N PHE C 180 -21.25 0.92 9.19
CA PHE C 180 -20.14 0.69 10.13
C PHE C 180 -18.89 1.41 9.66
N GLN C 181 -18.03 1.81 10.59
CA GLN C 181 -16.73 2.41 10.30
C GLN C 181 -15.71 1.48 10.93
N GLY C 182 -14.82 0.96 10.11
CA GLY C 182 -13.78 0.05 10.55
C GLY C 182 -12.40 0.55 10.21
N HIS C 183 -11.45 0.33 11.10
CA HIS C 183 -10.05 0.71 10.88
C HIS C 183 -9.07 -0.23 11.61
N THR C 184 -7.81 -0.21 11.18
CA THR C 184 -6.77 -0.99 11.83
C THR C 184 -5.75 -0.01 12.39
N LEU C 185 -5.26 -0.31 13.57
CA LEU C 185 -4.22 0.45 14.25
C LEU C 185 -3.01 -0.46 14.25
N ARG C 186 -1.85 0.13 13.93
CA ARG C 186 -0.58 -0.59 13.88
C ARG C 186 0.18 -0.17 15.11
N GLU C 187 -0.05 -0.89 16.20
CA GLU C 187 0.51 -0.59 17.51
C GLU C 187 1.88 -1.20 17.75
N PRO C 188 2.74 -0.58 18.59
CA PRO C 188 3.96 -1.29 19.04
C PRO C 188 3.52 -2.57 19.77
N LEU C 189 4.15 -3.73 19.49
CA LEU C 189 3.76 -5.00 20.11
C LEU C 189 4.04 -5.11 21.62
N GLY C 190 5.26 -4.76 22.03
CA GLY C 190 5.68 -4.88 23.41
C GLY C 190 7.15 -5.19 23.54
N VAL C 191 7.44 -6.32 24.16
CA VAL C 191 8.81 -6.82 24.42
C VAL C 191 9.28 -7.80 23.34
N ALA C 192 10.28 -7.36 22.56
CA ALA C 192 10.89 -8.11 21.47
C ALA C 192 12.16 -8.83 21.92
N GLY C 193 12.16 -10.15 21.75
CA GLY C 193 13.30 -11.00 22.04
C GLY C 193 14.09 -11.23 20.77
N VAL C 194 15.41 -10.91 20.79
CA VAL C 194 16.30 -11.05 19.64
C VAL C 194 17.48 -11.98 19.95
N ILE C 195 17.63 -13.05 19.14
CA ILE C 195 18.72 -14.05 19.21
C ILE C 195 19.44 -14.08 17.84
N ILE C 196 20.73 -13.69 17.82
CA ILE C 196 21.49 -13.53 16.57
C ILE C 196 22.83 -14.30 16.49
N PRO C 197 23.37 -14.57 15.26
CA PRO C 197 24.62 -15.32 15.15
C PRO C 197 25.88 -14.47 15.22
N TRP C 198 27.05 -15.13 15.12
CA TRP C 198 28.39 -14.54 15.23
C TRP C 198 29.02 -13.97 13.97
N ASN C 199 28.50 -14.35 12.78
CA ASN C 199 29.10 -13.96 11.50
C ASN C 199 29.06 -12.49 11.10
N PHE C 200 27.95 -11.79 11.37
CA PHE C 200 27.81 -10.36 11.08
C PHE C 200 27.26 -9.69 12.33
N PRO C 201 28.10 -9.53 13.39
CA PRO C 201 27.59 -8.99 14.68
C PRO C 201 26.89 -7.63 14.66
N SER C 202 27.50 -6.59 14.07
CA SER C 202 26.94 -5.22 13.97
C SER C 202 25.71 -5.17 13.10
N THR C 203 25.79 -5.82 11.91
CA THR C 203 24.69 -5.88 10.96
C THR C 203 23.49 -6.61 11.60
N MET C 204 23.72 -7.76 12.26
CA MET C 204 22.68 -8.52 12.93
C MET C 204 21.98 -7.72 14.02
N PHE C 205 22.76 -7.01 14.86
CA PHE C 205 22.24 -6.13 15.91
C PHE C 205 21.30 -5.05 15.29
N ALA C 206 21.78 -4.36 14.27
CA ALA C 206 21.04 -3.26 13.64
C ALA C 206 19.78 -3.69 12.95
N VAL C 207 19.86 -4.73 12.11
CA VAL C 207 18.78 -5.33 11.32
C VAL C 207 17.57 -5.81 12.16
N LYS C 208 17.78 -6.08 13.44
CA LYS C 208 16.73 -6.51 14.35
C LYS C 208 16.26 -5.36 15.20
N VAL C 209 17.21 -4.62 15.79
CA VAL C 209 16.95 -3.47 16.65
C VAL C 209 16.25 -2.31 15.90
N ALA C 210 16.74 -1.91 14.70
CA ALA C 210 16.16 -0.79 13.93
C ALA C 210 14.64 -0.87 13.64
N PRO C 211 14.04 -1.93 13.05
CA PRO C 211 12.57 -1.92 12.87
C PRO C 211 11.81 -1.99 14.20
N ALA C 212 12.36 -2.68 15.20
CA ALA C 212 11.76 -2.82 16.51
C ALA C 212 11.65 -1.48 17.24
N LEU C 213 12.74 -0.68 17.20
CA LEU C 213 12.86 0.67 17.75
C LEU C 213 11.81 1.60 17.11
N ALA C 214 11.77 1.62 15.77
CA ALA C 214 10.86 2.41 14.94
C ALA C 214 9.39 2.04 15.24
N ALA C 215 9.11 0.74 15.48
CA ALA C 215 7.79 0.23 15.82
C ALA C 215 7.35 0.67 17.22
N GLY C 216 8.30 1.03 18.08
CA GLY C 216 8.04 1.47 19.46
C GLY C 216 8.13 0.38 20.50
N CYS C 217 8.84 -0.72 20.17
CA CYS C 217 9.07 -1.89 21.03
C CYS C 217 10.24 -1.65 21.98
N ALA C 218 10.27 -2.44 23.07
CA ALA C 218 11.40 -2.50 24.00
C ALA C 218 12.09 -3.83 23.64
N LEU C 219 13.41 -3.88 23.75
CA LEU C 219 14.20 -5.05 23.31
C LEU C 219 15.07 -5.75 24.34
N VAL C 220 15.27 -7.06 24.12
CA VAL C 220 16.18 -7.94 24.86
C VAL C 220 16.97 -8.70 23.79
N VAL C 221 18.25 -8.36 23.63
CA VAL C 221 19.15 -8.89 22.62
C VAL C 221 20.14 -9.89 23.22
N LYS C 222 20.14 -11.11 22.68
CA LYS C 222 21.08 -12.15 23.08
C LYS C 222 22.06 -12.36 21.91
N PRO C 223 23.26 -11.72 21.96
CA PRO C 223 24.23 -11.91 20.87
C PRO C 223 24.96 -13.25 21.00
N ALA C 224 25.53 -13.76 19.89
CA ALA C 224 26.28 -15.01 19.90
C ALA C 224 27.53 -14.86 20.77
N GLU C 225 27.84 -15.92 21.56
CA GLU C 225 28.95 -16.00 22.50
C GLU C 225 30.35 -15.84 21.88
N GLN C 226 30.48 -16.17 20.59
CA GLN C 226 31.74 -16.11 19.84
C GLN C 226 32.19 -14.68 19.54
N THR C 227 31.23 -13.76 19.32
CA THR C 227 31.47 -12.35 18.99
C THR C 227 30.51 -11.42 19.79
N PRO C 228 30.63 -11.32 21.14
CA PRO C 228 29.66 -10.50 21.89
C PRO C 228 29.96 -9.01 21.98
N LEU C 229 31.17 -8.59 21.56
CA LEU C 229 31.68 -7.23 21.73
C LEU C 229 30.98 -6.09 21.01
N SER C 230 30.69 -6.25 19.72
CA SER C 230 30.00 -5.23 18.92
C SER C 230 28.63 -4.81 19.53
N ALA C 231 27.78 -5.80 19.94
CA ALA C 231 26.46 -5.57 20.54
C ALA C 231 26.50 -4.69 21.80
N LEU C 232 27.56 -4.83 22.62
CA LEU C 232 27.75 -4.05 23.86
C LEU C 232 28.19 -2.62 23.54
N TYR C 233 29.00 -2.44 22.48
CA TYR C 233 29.45 -1.14 22.02
C TYR C 233 28.26 -0.35 21.47
N LEU C 234 27.45 -0.99 20.62
CA LEU C 234 26.24 -0.47 19.99
C LEU C 234 25.20 -0.03 21.05
N ALA C 235 25.08 -0.80 22.16
CA ALA C 235 24.21 -0.53 23.31
C ALA C 235 24.60 0.80 23.98
N GLN C 236 25.93 1.06 24.13
CA GLN C 236 26.46 2.29 24.70
C GLN C 236 26.14 3.49 23.80
N LEU C 237 26.29 3.32 22.48
CA LEU C 237 26.00 4.37 21.49
C LEU C 237 24.52 4.74 21.52
N ALA C 238 23.61 3.74 21.65
CA ALA C 238 22.17 3.94 21.74
C ALA C 238 21.76 4.75 22.97
N LYS C 239 22.51 4.60 24.10
CA LYS C 239 22.35 5.35 25.36
C LYS C 239 22.74 6.82 25.11
N GLN C 240 23.87 7.04 24.39
CA GLN C 240 24.39 8.36 24.01
C GLN C 240 23.44 9.11 23.07
N ALA C 241 22.77 8.37 22.15
CA ALA C 241 21.83 8.88 21.17
C ALA C 241 20.51 9.37 21.81
N GLY C 242 20.20 8.85 23.01
CA GLY C 242 19.00 9.22 23.74
C GLY C 242 17.93 8.16 23.86
N VAL C 243 18.29 6.87 23.56
CA VAL C 243 17.36 5.74 23.70
C VAL C 243 17.11 5.57 25.20
N PRO C 244 15.83 5.65 25.65
CA PRO C 244 15.55 5.53 27.10
C PRO C 244 16.01 4.20 27.71
N ASP C 245 16.38 4.23 28.99
CA ASP C 245 16.80 3.06 29.74
C ASP C 245 15.71 1.98 29.72
N GLY C 246 16.11 0.74 29.48
CA GLY C 246 15.19 -0.40 29.41
C GLY C 246 14.73 -0.77 28.01
N VAL C 247 14.85 0.15 27.05
CA VAL C 247 14.44 -0.05 25.65
C VAL C 247 15.40 -1.02 24.90
N ILE C 248 16.71 -0.93 25.18
CA ILE C 248 17.71 -1.84 24.61
C ILE C 248 18.48 -2.52 25.73
N ASN C 249 18.30 -3.84 25.82
CA ASN C 249 18.97 -4.66 26.83
C ASN C 249 19.77 -5.74 26.10
N VAL C 250 21.10 -5.80 26.37
CA VAL C 250 22.01 -6.75 25.74
C VAL C 250 22.49 -7.78 26.77
N VAL C 251 22.17 -9.04 26.54
CA VAL C 251 22.51 -10.15 27.43
C VAL C 251 23.44 -11.22 26.81
N PRO C 252 24.76 -10.94 26.63
CA PRO C 252 25.67 -11.97 26.10
C PRO C 252 25.78 -13.17 27.05
N GLY C 253 25.62 -14.35 26.48
CA GLY C 253 25.67 -15.62 27.19
C GLY C 253 25.60 -16.78 26.22
N PHE C 254 25.62 -18.01 26.74
CA PHE C 254 25.55 -19.19 25.90
C PHE C 254 24.12 -19.40 25.44
N GLY C 255 23.97 -20.07 24.29
CA GLY C 255 22.69 -20.36 23.70
C GLY C 255 21.75 -21.17 24.56
N PRO C 256 22.13 -22.40 24.98
CA PRO C 256 21.22 -23.20 25.83
C PRO C 256 20.90 -22.61 27.21
N THR C 257 21.64 -21.55 27.62
CA THR C 257 21.39 -20.87 28.89
C THR C 257 20.61 -19.56 28.64
N ALA C 258 21.33 -18.48 28.32
CA ALA C 258 20.78 -17.14 28.05
C ALA C 258 19.75 -17.13 26.89
N GLY C 259 20.10 -17.79 25.79
CA GLY C 259 19.26 -17.86 24.59
C GLY C 259 17.95 -18.58 24.81
N ALA C 260 18.02 -19.76 25.46
CA ALA C 260 16.86 -20.60 25.77
C ALA C 260 15.92 -19.92 26.79
N ALA C 261 16.48 -19.19 27.75
CA ALA C 261 15.73 -18.44 28.76
C ALA C 261 14.91 -17.32 28.10
N LEU C 262 15.49 -16.64 27.10
CA LEU C 262 14.81 -15.58 26.36
C LEU C 262 13.69 -16.14 25.46
N ALA C 263 13.97 -17.25 24.78
CA ALA C 263 13.03 -17.90 23.87
C ALA C 263 11.85 -18.50 24.65
N SER C 264 12.07 -18.90 25.92
CA SER C 264 11.09 -19.50 26.84
C SER C 264 10.41 -18.52 27.76
N HIS C 265 10.81 -17.24 27.74
CA HIS C 265 10.24 -16.24 28.63
C HIS C 265 8.74 -15.99 28.45
N MET C 266 8.01 -16.06 29.56
CA MET C 266 6.55 -15.86 29.64
C MET C 266 6.09 -14.40 29.41
N ASP C 267 7.03 -13.43 29.47
CA ASP C 267 6.70 -12.01 29.30
C ASP C 267 7.30 -11.35 28.05
N VAL C 268 7.82 -12.18 27.14
CA VAL C 268 8.37 -11.76 25.85
C VAL C 268 7.25 -11.96 24.82
N ASP C 269 6.95 -10.91 24.06
CA ASP C 269 5.83 -10.88 23.10
C ASP C 269 6.10 -11.50 21.74
N MET C 270 7.35 -11.50 21.29
CA MET C 270 7.75 -12.14 20.04
C MET C 270 9.25 -12.51 20.10
N VAL C 271 9.68 -13.42 19.21
CA VAL C 271 11.10 -13.73 19.10
C VAL C 271 11.56 -13.71 17.63
N SER C 272 12.60 -12.91 17.34
CA SER C 272 13.23 -12.86 16.02
C SER C 272 14.55 -13.57 16.16
N PHE C 273 14.67 -14.71 15.49
CA PHE C 273 15.87 -15.54 15.56
C PHE C 273 16.61 -15.64 14.24
N THR C 274 17.93 -15.53 14.32
CA THR C 274 18.84 -15.74 13.21
C THR C 274 19.92 -16.72 13.67
N GLY C 275 20.05 -17.81 12.96
CA GLY C 275 21.02 -18.84 13.28
C GLY C 275 20.82 -20.08 12.47
N SER C 276 21.27 -21.23 12.98
CA SER C 276 21.15 -22.51 12.28
C SER C 276 19.71 -23.04 12.25
N THR C 277 19.41 -23.90 11.26
CA THR C 277 18.11 -24.57 11.05
C THR C 277 17.80 -25.48 12.25
N GLU C 278 18.84 -26.13 12.83
CA GLU C 278 18.68 -27.01 13.98
C GLU C 278 18.29 -26.28 15.25
N VAL C 279 18.87 -25.09 15.51
CA VAL C 279 18.55 -24.26 16.67
C VAL C 279 17.15 -23.64 16.50
N GLY C 280 16.76 -23.34 15.26
CA GLY C 280 15.44 -22.83 14.92
C GLY C 280 14.31 -23.72 15.45
N ARG C 281 14.53 -25.05 15.46
CA ARG C 281 13.62 -26.07 15.99
C ARG C 281 13.39 -25.83 17.49
N LEU C 282 14.47 -25.50 18.22
CA LEU C 282 14.46 -25.24 19.66
C LEU C 282 13.78 -23.95 20.05
N ILE C 283 13.82 -22.92 19.16
CA ILE C 283 13.19 -21.61 19.34
C ILE C 283 11.66 -21.77 19.23
N MET C 284 11.22 -22.59 18.25
CA MET C 284 9.83 -22.94 18.03
C MET C 284 9.27 -23.75 19.17
N LYS C 285 10.08 -24.68 19.73
CA LYS C 285 9.69 -25.51 20.87
C LYS C 285 9.59 -24.65 22.13
N ALA C 286 10.57 -23.75 22.36
CA ALA C 286 10.61 -22.84 23.51
C ALA C 286 9.35 -21.94 23.59
N SER C 287 8.82 -21.46 22.44
CA SER C 287 7.59 -20.65 22.37
C SER C 287 6.37 -21.54 22.66
N ALA C 288 6.31 -22.75 22.04
CA ALA C 288 5.23 -23.72 22.25
C ALA C 288 5.10 -24.15 23.73
N GLU C 289 6.24 -24.33 24.42
CA GLU C 289 6.31 -24.74 25.82
C GLU C 289 6.15 -23.57 26.81
N SER C 290 6.09 -22.34 26.30
CA SER C 290 5.96 -21.16 27.14
C SER C 290 4.64 -20.37 26.91
N ASN C 291 4.68 -19.21 26.22
CA ASN C 291 3.53 -18.34 26.01
C ASN C 291 3.04 -18.25 24.56
N LEU C 292 3.53 -19.16 23.69
CA LEU C 292 3.17 -19.25 22.28
C LEU C 292 3.39 -17.96 21.51
N LYS C 293 4.46 -17.22 21.83
CA LYS C 293 4.81 -15.96 21.17
C LYS C 293 5.17 -16.21 19.70
N PRO C 294 4.79 -15.31 18.77
CA PRO C 294 5.19 -15.52 17.37
C PRO C 294 6.72 -15.57 17.25
N VAL C 295 7.19 -16.50 16.43
CA VAL C 295 8.60 -16.79 16.16
C VAL C 295 8.89 -16.45 14.68
N TYR C 296 10.04 -15.81 14.42
CA TYR C 296 10.49 -15.40 13.08
C TYR C 296 11.88 -15.97 12.92
N LEU C 297 12.05 -16.83 11.91
CA LEU C 297 13.30 -17.58 11.72
C LEU C 297 14.06 -17.27 10.43
N GLU C 298 15.34 -16.89 10.58
CA GLU C 298 16.29 -16.56 9.51
C GLU C 298 17.34 -17.62 9.64
N LEU C 299 17.19 -18.68 8.85
CA LEU C 299 18.02 -19.87 8.99
C LEU C 299 19.16 -20.05 7.98
N GLY C 300 19.76 -21.24 7.93
CA GLY C 300 20.88 -21.50 7.04
C GLY C 300 20.55 -21.53 5.57
N GLY C 301 21.53 -21.92 4.75
CA GLY C 301 21.34 -22.01 3.30
C GLY C 301 22.36 -22.88 2.61
N LYS C 302 22.10 -23.21 1.33
CA LYS C 302 23.02 -23.93 0.43
C LYS C 302 22.73 -23.31 -0.92
N SER C 303 23.06 -22.01 -1.01
CA SER C 303 22.77 -21.13 -2.14
C SER C 303 23.42 -21.47 -3.49
N PRO C 304 22.59 -21.65 -4.55
CA PRO C 304 23.16 -21.94 -5.87
C PRO C 304 23.39 -20.69 -6.74
N LEU C 305 24.49 -20.68 -7.50
CA LEU C 305 24.80 -19.63 -8.46
C LEU C 305 24.82 -20.29 -9.85
N ILE C 306 23.92 -19.87 -10.74
CA ILE C 306 23.80 -20.44 -12.09
C ILE C 306 24.42 -19.52 -13.14
N VAL C 307 25.42 -20.04 -13.89
CA VAL C 307 26.12 -19.33 -14.96
C VAL C 307 25.79 -19.97 -16.31
N PHE C 308 25.20 -19.20 -17.25
CA PHE C 308 24.84 -19.68 -18.59
C PHE C 308 25.92 -19.37 -19.62
N ASP C 309 25.88 -20.06 -20.82
CA ASP C 309 26.87 -19.91 -21.91
C ASP C 309 27.11 -18.49 -22.42
N ASP C 310 26.09 -17.62 -22.34
CA ASP C 310 26.18 -16.23 -22.83
C ASP C 310 26.90 -15.23 -21.90
N ALA C 311 27.25 -15.66 -20.68
CA ALA C 311 27.92 -14.84 -19.67
C ALA C 311 29.36 -14.45 -20.05
N ASP C 312 29.81 -13.29 -19.53
CA ASP C 312 31.20 -12.85 -19.66
C ASP C 312 31.90 -13.64 -18.57
N LEU C 313 32.75 -14.59 -18.99
CA LEU C 313 33.46 -15.51 -18.11
C LEU C 313 34.32 -14.86 -17.05
N ASP C 314 35.00 -13.76 -17.39
CA ASP C 314 35.83 -13.04 -16.43
C ASP C 314 34.99 -12.41 -15.32
N MET C 315 33.80 -11.84 -15.67
CA MET C 315 32.90 -11.27 -14.66
C MET C 315 32.24 -12.36 -13.82
N ALA C 316 31.86 -13.50 -14.45
CA ALA C 316 31.22 -14.65 -13.82
C ALA C 316 32.13 -15.34 -12.82
N VAL C 317 33.44 -15.47 -13.15
CA VAL C 317 34.46 -16.07 -12.27
C VAL C 317 34.64 -15.15 -11.06
N GLU C 318 34.86 -13.84 -11.28
CA GLU C 318 35.03 -12.83 -10.25
C GLU C 318 33.83 -12.73 -9.31
N LEU C 319 32.63 -12.90 -9.86
CA LEU C 319 31.38 -12.87 -9.11
C LEU C 319 31.28 -14.12 -8.23
N ALA C 320 31.64 -15.31 -8.78
CA ALA C 320 31.63 -16.59 -8.06
C ALA C 320 32.60 -16.60 -6.88
N VAL C 321 33.80 -16.04 -7.08
CA VAL C 321 34.87 -15.91 -6.08
C VAL C 321 34.34 -15.13 -4.86
N GLY C 322 33.75 -13.98 -5.12
CA GLY C 322 33.17 -13.13 -4.11
C GLY C 322 31.98 -13.75 -3.44
N ALA C 323 31.08 -14.35 -4.24
CA ALA C 323 29.86 -15.00 -3.75
C ALA C 323 30.13 -16.19 -2.82
N SER C 324 31.19 -16.97 -3.11
CA SER C 324 31.55 -18.15 -2.30
C SER C 324 32.48 -17.84 -1.13
N PHE C 325 33.47 -16.98 -1.36
CA PHE C 325 34.53 -16.71 -0.39
C PHE C 325 34.48 -15.44 0.45
N PHE C 326 33.45 -14.59 0.25
CA PHE C 326 33.27 -13.38 1.07
C PHE C 326 33.13 -13.80 2.53
N ASN C 327 33.86 -13.13 3.43
CA ASN C 327 33.86 -13.40 4.88
C ASN C 327 34.20 -14.86 5.17
N LYS C 328 35.22 -15.41 4.46
CA LYS C 328 35.71 -16.81 4.54
C LYS C 328 34.59 -17.87 4.55
N GLY C 329 33.60 -17.67 3.68
CA GLY C 329 32.43 -18.53 3.55
C GLY C 329 31.47 -18.52 4.74
N GLU C 330 31.75 -17.66 5.75
CA GLU C 330 30.90 -17.49 6.94
C GLU C 330 29.83 -16.42 6.65
N ALA C 331 28.99 -16.77 5.67
CA ALA C 331 27.87 -16.01 5.14
C ALA C 331 26.78 -17.02 4.86
N CYS C 332 25.57 -16.76 5.36
CA CYS C 332 24.37 -17.61 5.21
C CYS C 332 23.92 -17.70 3.76
N VAL C 333 24.16 -16.64 3.01
CA VAL C 333 23.73 -16.51 1.63
C VAL C 333 24.84 -16.83 0.60
N ALA C 334 26.02 -17.27 1.09
CA ALA C 334 27.19 -17.68 0.30
C ALA C 334 26.83 -18.67 -0.79
N ALA C 335 27.36 -18.45 -2.02
CA ALA C 335 27.13 -19.33 -3.17
C ALA C 335 28.04 -20.57 -3.04
N SER C 336 27.62 -21.54 -2.21
CA SER C 336 28.32 -22.80 -1.89
C SER C 336 28.24 -23.83 -3.01
N ARG C 337 27.28 -23.64 -3.95
CA ARG C 337 27.03 -24.45 -5.13
C ARG C 337 27.11 -23.52 -6.36
N VAL C 338 28.03 -23.82 -7.30
CA VAL C 338 28.17 -23.01 -8.53
C VAL C 338 27.91 -23.91 -9.73
N TYR C 339 26.88 -23.57 -10.52
CA TYR C 339 26.47 -24.34 -11.71
C TYR C 339 26.82 -23.60 -12.99
N VAL C 340 27.69 -24.21 -13.83
CA VAL C 340 28.16 -23.59 -15.07
C VAL C 340 27.75 -24.45 -16.25
N GLN C 341 27.10 -23.81 -17.26
CA GLN C 341 26.60 -24.50 -18.47
C GLN C 341 27.75 -25.08 -19.26
N GLU C 342 27.60 -26.37 -19.66
CA GLU C 342 28.60 -27.21 -20.36
C GLU C 342 29.52 -26.57 -21.41
N ARG C 343 29.00 -25.63 -22.24
CA ARG C 343 29.81 -24.99 -23.30
C ARG C 343 30.91 -24.07 -22.79
N VAL C 344 30.74 -23.48 -21.59
CA VAL C 344 31.74 -22.57 -21.00
C VAL C 344 32.38 -23.14 -19.72
N TYR C 345 31.94 -24.35 -19.29
CA TYR C 345 32.44 -24.99 -18.07
C TYR C 345 33.95 -25.13 -17.97
N ASP C 346 34.60 -25.72 -18.98
CA ASP C 346 36.04 -25.95 -18.99
C ASP C 346 36.86 -24.66 -18.86
N ARG C 347 36.44 -23.59 -19.56
CA ARG C 347 37.08 -22.27 -19.50
C ARG C 347 36.89 -21.65 -18.12
N PHE C 348 35.64 -21.69 -17.58
CA PHE C 348 35.31 -21.17 -16.26
C PHE C 348 36.19 -21.83 -15.18
N GLU C 349 36.27 -23.18 -15.19
CA GLU C 349 37.05 -23.99 -14.25
C GLU C 349 38.53 -23.60 -14.24
N GLU C 350 39.14 -23.39 -15.44
CA GLU C 350 40.53 -23.00 -15.60
C GLU C 350 40.78 -21.57 -15.12
N ARG C 351 39.88 -20.64 -15.47
CA ARG C 351 39.95 -19.23 -15.06
C ARG C 351 39.78 -19.07 -13.55
N LEU C 352 38.93 -19.90 -12.93
CA LEU C 352 38.70 -19.92 -11.48
C LEU C 352 39.96 -20.37 -10.72
N ALA C 353 40.60 -21.47 -11.19
CA ALA C 353 41.83 -21.99 -10.59
C ALA C 353 42.99 -20.99 -10.67
N GLU C 354 43.11 -20.25 -11.81
CA GLU C 354 44.16 -19.24 -11.99
C GLU C 354 43.87 -17.98 -11.16
N ARG C 355 42.58 -17.60 -11.01
CA ARG C 355 42.14 -16.46 -10.17
C ARG C 355 42.52 -16.70 -8.70
N MET C 356 42.33 -17.95 -8.23
CA MET C 356 42.62 -18.34 -6.85
C MET C 356 44.11 -18.31 -6.48
N ARG C 357 44.99 -18.35 -7.50
CA ARG C 357 46.45 -18.32 -7.32
C ARG C 357 46.96 -16.96 -6.78
N SER C 358 46.20 -15.87 -7.05
CA SER C 358 46.49 -14.51 -6.59
C SER C 358 45.71 -14.10 -5.31
N TRP C 359 44.89 -15.02 -4.77
CA TRP C 359 44.09 -14.82 -3.56
C TRP C 359 44.98 -14.94 -2.30
N VAL C 360 44.89 -13.95 -1.39
CA VAL C 360 45.71 -13.94 -0.16
C VAL C 360 44.89 -14.24 1.11
N VAL C 361 45.33 -15.28 1.85
CA VAL C 361 44.76 -15.69 3.14
C VAL C 361 45.84 -15.31 4.18
N GLY C 362 45.47 -14.46 5.14
CA GLY C 362 46.37 -14.00 6.17
C GLY C 362 45.75 -13.01 7.15
N ASP C 363 46.61 -12.43 8.01
CA ASP C 363 46.23 -11.46 9.04
C ASP C 363 45.82 -10.11 8.40
N PRO C 364 44.52 -9.70 8.45
CA PRO C 364 44.14 -8.41 7.82
C PRO C 364 44.73 -7.16 8.47
N PHE C 365 45.11 -7.27 9.77
CA PHE C 365 45.68 -6.20 10.59
C PHE C 365 47.15 -5.97 10.29
N SER C 366 47.85 -7.00 9.78
CA SER C 366 49.28 -6.85 9.46
C SER C 366 49.62 -7.00 7.96
N ASP C 367 48.74 -7.67 7.18
CA ASP C 367 48.93 -7.88 5.74
C ASP C 367 47.94 -7.04 4.91
N PRO C 368 48.44 -6.10 4.07
CA PRO C 368 47.52 -5.28 3.26
C PRO C 368 46.82 -6.04 2.13
N ARG C 369 47.51 -7.03 1.52
CA ARG C 369 47.00 -7.87 0.43
C ARG C 369 45.91 -8.86 0.84
N ALA C 370 45.71 -9.09 2.17
CA ALA C 370 44.74 -10.05 2.76
C ALA C 370 43.29 -10.00 2.24
N ASP C 371 42.91 -10.99 1.44
CA ASP C 371 41.56 -11.13 0.86
C ASP C 371 40.67 -11.91 1.81
N GLN C 372 41.27 -12.75 2.67
CA GLN C 372 40.56 -13.65 3.58
C GLN C 372 41.28 -13.77 4.95
N GLY C 373 40.48 -13.66 6.02
CA GLY C 373 40.93 -13.78 7.40
C GLY C 373 40.71 -15.17 7.98
N PRO C 374 40.93 -15.35 9.31
CA PRO C 374 40.73 -16.69 9.88
C PRO C 374 39.27 -17.02 10.17
N GLN C 375 38.97 -18.31 10.38
CA GLN C 375 37.63 -18.77 10.75
C GLN C 375 37.39 -18.34 12.21
N VAL C 376 36.15 -17.91 12.56
CA VAL C 376 35.76 -17.37 13.87
C VAL C 376 36.46 -17.97 15.12
N ASP C 377 36.64 -19.32 15.16
CA ASP C 377 37.26 -20.06 16.27
C ASP C 377 37.77 -21.44 15.89
N LYS C 378 38.31 -22.18 16.89
CA LYS C 378 38.83 -23.54 16.74
C LYS C 378 37.71 -24.52 16.32
N ALA C 379 36.51 -24.42 16.95
CA ALA C 379 35.35 -25.28 16.65
C ALA C 379 34.94 -25.17 15.18
N GLN C 380 34.84 -23.92 14.64
CA GLN C 380 34.47 -23.67 13.25
C GLN C 380 35.54 -24.13 12.27
N TYR C 381 36.81 -23.91 12.63
CA TYR C 381 38.01 -24.29 11.89
C TYR C 381 38.03 -25.81 11.65
N GLU C 382 37.83 -26.61 12.73
CA GLU C 382 37.82 -28.06 12.68
C GLU C 382 36.61 -28.59 11.89
N ARG C 383 35.44 -27.95 12.05
CA ARG C 383 34.21 -28.29 11.36
C ARG C 383 34.37 -28.17 9.83
N VAL C 384 35.02 -27.10 9.35
CA VAL C 384 35.28 -26.88 7.92
C VAL C 384 36.29 -27.93 7.39
N LEU C 385 37.40 -28.15 8.14
CA LEU C 385 38.42 -29.14 7.76
C LEU C 385 37.82 -30.55 7.66
N SER C 386 36.86 -30.86 8.55
CA SER C 386 36.14 -32.14 8.57
C SER C 386 35.34 -32.32 7.29
N TYR C 387 34.63 -31.26 6.84
CA TYR C 387 33.84 -31.27 5.60
C TYR C 387 34.74 -31.43 4.37
N ILE C 388 35.91 -30.75 4.32
CA ILE C 388 36.90 -30.85 3.23
C ILE C 388 37.40 -32.30 3.12
N ASP C 389 37.75 -32.90 4.28
CA ASP C 389 38.21 -34.29 4.36
C ASP C 389 37.12 -35.25 3.90
N HIS C 390 35.86 -34.98 4.30
CA HIS C 390 34.71 -35.78 3.89
C HIS C 390 34.47 -35.72 2.37
N GLY C 391 34.69 -34.52 1.78
CA GLY C 391 34.58 -34.27 0.35
C GLY C 391 35.55 -35.10 -0.47
N LYS C 392 36.82 -35.21 0.02
CA LYS C 392 37.89 -36.01 -0.59
C LYS C 392 37.50 -37.49 -0.55
N ARG C 393 36.98 -37.93 0.62
CA ARG C 393 36.56 -39.30 0.94
C ARG C 393 35.40 -39.78 0.07
N GLU C 394 34.46 -38.89 -0.29
CA GLU C 394 33.33 -39.30 -1.11
C GLU C 394 33.55 -39.30 -2.63
N GLY C 395 34.76 -38.93 -3.06
CA GLY C 395 35.16 -38.96 -4.46
C GLY C 395 35.20 -37.66 -5.22
N ALA C 396 35.00 -36.51 -4.56
CA ALA C 396 35.06 -35.22 -5.24
C ALA C 396 36.51 -34.80 -5.50
N THR C 397 36.75 -34.19 -6.66
CA THR C 397 38.08 -33.72 -7.08
C THR C 397 38.36 -32.37 -6.42
N LEU C 398 39.61 -32.17 -5.98
CA LEU C 398 40.06 -30.95 -5.35
C LEU C 398 40.75 -30.08 -6.41
N LEU C 399 40.11 -28.96 -6.81
CA LEU C 399 40.66 -28.06 -7.83
C LEU C 399 41.68 -27.09 -7.20
N THR C 400 41.34 -26.50 -6.04
CA THR C 400 42.21 -25.57 -5.32
C THR C 400 41.95 -25.67 -3.82
N GLY C 401 42.96 -25.27 -3.03
CA GLY C 401 42.92 -25.26 -1.58
C GLY C 401 42.81 -26.63 -0.96
N GLY C 402 41.90 -26.75 0.01
CA GLY C 402 41.62 -28.00 0.70
C GLY C 402 42.55 -28.35 1.84
N ARG C 403 43.35 -27.38 2.30
CA ARG C 403 44.32 -27.58 3.37
C ARG C 403 44.54 -26.31 4.21
N PRO C 404 45.00 -26.42 5.49
CA PRO C 404 45.24 -25.20 6.29
C PRO C 404 46.48 -24.45 5.82
N CYS C 405 46.55 -23.15 6.14
CA CYS C 405 47.70 -22.34 5.77
C CYS C 405 48.44 -21.74 6.97
N ALA C 406 47.84 -20.72 7.64
CA ALA C 406 48.37 -20.03 8.82
C ALA C 406 49.82 -19.48 8.69
N PRO C 407 50.01 -18.16 8.47
CA PRO C 407 51.38 -17.64 8.35
C PRO C 407 52.05 -17.41 9.71
N LYS C 410 50.69 -19.22 13.19
CA LYS C 410 49.46 -19.99 13.41
C LYS C 410 48.22 -19.11 13.69
N GLY C 411 47.03 -19.71 13.63
CA GLY C 411 45.77 -19.03 13.93
C GLY C 411 44.57 -19.22 13.00
N TYR C 412 44.02 -20.45 12.92
CA TYR C 412 42.79 -20.85 12.19
C TYR C 412 42.58 -20.46 10.70
N TYR C 413 43.65 -20.46 9.87
CA TYR C 413 43.51 -20.11 8.45
C TYR C 413 43.30 -21.33 7.55
N ILE C 414 42.27 -21.27 6.70
CA ILE C 414 41.97 -22.33 5.74
C ILE C 414 42.01 -21.74 4.34
N GLU C 415 42.65 -22.45 3.40
CA GLU C 415 42.71 -22.05 1.98
C GLU C 415 41.29 -22.16 1.36
N PRO C 416 40.89 -21.21 0.47
CA PRO C 416 39.57 -21.34 -0.19
C PRO C 416 39.59 -22.58 -1.08
N THR C 417 38.63 -23.47 -0.83
CA THR C 417 38.52 -24.79 -1.46
C THR C 417 37.45 -24.85 -2.55
N VAL C 418 37.84 -25.34 -3.74
CA VAL C 418 36.94 -25.57 -4.87
C VAL C 418 36.94 -27.07 -5.18
N PHE C 419 35.74 -27.66 -5.10
CA PHE C 419 35.53 -29.08 -5.38
C PHE C 419 34.86 -29.25 -6.74
N THR C 420 35.45 -30.11 -7.58
CA THR C 420 34.92 -30.44 -8.89
C THR C 420 34.49 -31.92 -8.88
N ASN C 421 33.76 -32.37 -9.93
CA ASN C 421 33.25 -33.73 -10.07
C ASN C 421 32.41 -34.12 -8.83
N VAL C 422 31.54 -33.18 -8.43
CA VAL C 422 30.64 -33.29 -7.28
C VAL C 422 29.30 -33.85 -7.76
N LYS C 423 28.83 -34.91 -7.08
CA LYS C 423 27.54 -35.52 -7.31
C LYS C 423 26.56 -34.83 -6.37
N GLU C 424 25.29 -34.68 -6.78
CA GLU C 424 24.27 -34.02 -5.98
C GLU C 424 24.03 -34.68 -4.61
N ASP C 425 24.15 -36.02 -4.54
CA ASP C 425 23.97 -36.85 -3.35
C ASP C 425 25.08 -36.73 -2.29
N MET C 426 26.24 -36.13 -2.64
CA MET C 426 27.39 -35.91 -1.76
C MET C 426 27.05 -34.99 -0.57
N ILE C 427 27.72 -35.22 0.59
CA ILE C 427 27.57 -34.45 1.84
C ILE C 427 27.93 -32.99 1.61
N ILE C 428 29.05 -32.77 0.90
CA ILE C 428 29.57 -31.44 0.56
C ILE C 428 28.62 -30.65 -0.33
N ALA C 429 27.77 -31.36 -1.11
CA ALA C 429 26.79 -30.77 -2.02
C ALA C 429 25.50 -30.37 -1.32
N LYS C 430 25.13 -31.09 -0.25
CA LYS C 430 23.88 -30.88 0.47
C LYS C 430 23.98 -30.10 1.78
N GLU C 431 25.05 -30.32 2.55
CA GLU C 431 25.21 -29.71 3.86
C GLU C 431 25.90 -28.36 3.88
N GLU C 432 25.46 -27.46 4.79
CA GLU C 432 26.04 -26.15 4.98
C GLU C 432 27.38 -26.27 5.72
N ILE C 433 28.47 -26.01 4.98
CA ILE C 433 29.85 -26.07 5.47
C ILE C 433 30.19 -24.85 6.32
N PHE C 434 29.74 -23.65 5.88
CA PHE C 434 29.96 -22.35 6.54
C PHE C 434 31.46 -22.02 6.66
N GLY C 435 32.18 -22.30 5.57
CA GLY C 435 33.61 -22.10 5.42
C GLY C 435 33.95 -21.75 3.97
N PRO C 436 35.23 -21.47 3.64
CA PRO C 436 35.55 -21.10 2.24
C PRO C 436 35.60 -22.32 1.31
N VAL C 437 34.43 -22.93 1.08
CA VAL C 437 34.28 -24.14 0.26
C VAL C 437 33.19 -23.94 -0.80
N MET C 438 33.54 -24.21 -2.06
CA MET C 438 32.66 -24.09 -3.20
C MET C 438 32.64 -25.40 -3.99
N CYS C 439 31.42 -25.87 -4.32
CA CYS C 439 31.16 -27.05 -5.13
C CYS C 439 30.88 -26.56 -6.55
N LEU C 440 31.79 -26.86 -7.49
CA LEU C 440 31.66 -26.44 -8.89
C LEU C 440 31.12 -27.60 -9.75
N MET C 441 29.92 -27.40 -10.33
CA MET C 441 29.23 -28.39 -11.18
C MET C 441 28.87 -27.87 -12.57
N LYS C 442 28.67 -28.82 -13.48
CA LYS C 442 28.33 -28.63 -14.88
C LYS C 442 26.88 -29.01 -15.08
N PHE C 443 26.18 -28.32 -16.01
CA PHE C 443 24.78 -28.60 -16.38
C PHE C 443 24.57 -28.35 -17.88
N LYS C 444 23.54 -28.96 -18.46
CA LYS C 444 23.23 -28.82 -19.87
C LYS C 444 22.07 -27.87 -20.11
N THR C 445 20.90 -28.13 -19.49
CA THR C 445 19.70 -27.32 -19.73
C THR C 445 19.26 -26.38 -18.63
N VAL C 446 18.43 -25.38 -18.99
CA VAL C 446 17.80 -24.38 -18.10
C VAL C 446 16.95 -25.16 -17.07
N GLU C 447 16.16 -26.15 -17.56
CA GLU C 447 15.32 -27.05 -16.78
C GLU C 447 16.13 -27.80 -15.71
N GLU C 448 17.31 -28.32 -16.11
CA GLU C 448 18.26 -29.04 -15.25
C GLU C 448 18.84 -28.11 -14.19
N ALA C 449 19.25 -26.88 -14.59
CA ALA C 449 19.78 -25.87 -13.66
C ALA C 449 18.77 -25.54 -12.57
N ILE C 450 17.47 -25.41 -12.94
CA ILE C 450 16.34 -25.09 -12.05
C ILE C 450 16.10 -26.20 -11.02
N ALA C 451 15.97 -27.44 -11.51
CA ALA C 451 15.70 -28.63 -10.70
C ALA C 451 16.85 -28.90 -9.70
N ARG C 452 18.10 -28.69 -10.13
CA ARG C 452 19.28 -28.88 -9.29
C ARG C 452 19.43 -27.76 -8.26
N ALA C 453 19.09 -26.51 -8.65
CA ALA C 453 19.13 -25.36 -7.73
C ALA C 453 18.13 -25.59 -6.59
N ASN C 454 16.94 -26.16 -6.93
CA ASN C 454 15.87 -26.47 -6.00
C ASN C 454 16.06 -27.75 -5.20
N ASP C 455 17.06 -28.58 -5.57
CA ASP C 455 17.36 -29.83 -4.87
C ASP C 455 18.12 -29.59 -3.53
N THR C 456 17.42 -28.95 -2.60
CA THR C 456 17.90 -28.56 -1.27
C THR C 456 16.72 -28.42 -0.35
N ARG C 457 16.94 -28.55 0.97
CA ARG C 457 15.90 -28.34 1.99
C ARG C 457 15.79 -26.83 2.26
N TYR C 458 16.84 -26.09 1.90
CA TYR C 458 17.00 -24.65 2.04
C TYR C 458 16.31 -23.84 0.91
N GLY C 459 16.29 -22.52 1.08
CA GLY C 459 15.69 -21.58 0.13
C GLY C 459 15.94 -20.14 0.54
N LEU C 460 17.20 -19.81 0.90
CA LEU C 460 17.58 -18.46 1.32
C LEU C 460 17.87 -17.61 0.09
N GLY C 461 19.03 -17.83 -0.54
CA GLY C 461 19.47 -17.08 -1.71
C GLY C 461 19.81 -17.93 -2.92
N ALA C 462 19.99 -17.25 -4.06
CA ALA C 462 20.35 -17.83 -5.36
C ALA C 462 20.84 -16.73 -6.29
N GLY C 463 21.58 -17.11 -7.32
CA GLY C 463 22.11 -16.19 -8.32
C GLY C 463 22.00 -16.73 -9.73
N VAL C 464 21.80 -15.83 -10.72
CA VAL C 464 21.72 -16.16 -12.15
C VAL C 464 22.64 -15.24 -12.92
N VAL C 465 23.50 -15.81 -13.77
CA VAL C 465 24.37 -15.02 -14.63
C VAL C 465 24.02 -15.33 -16.07
N THR C 466 23.33 -14.38 -16.73
CA THR C 466 22.87 -14.45 -18.13
C THR C 466 22.56 -13.06 -18.69
N ARG C 467 22.66 -12.91 -20.02
CA ARG C 467 22.32 -11.70 -20.77
C ARG C 467 20.87 -11.82 -21.28
N ASP C 468 20.35 -13.06 -21.35
CA ASP C 468 19.02 -13.35 -21.86
C ASP C 468 17.91 -13.03 -20.85
N LEU C 469 17.08 -12.07 -21.20
CA LEU C 469 15.96 -11.58 -20.42
C LEU C 469 14.92 -12.69 -20.09
N ASP C 470 14.59 -13.55 -21.06
CA ASP C 470 13.63 -14.64 -20.88
C ASP C 470 14.16 -15.78 -19.98
N VAL C 471 15.47 -16.08 -20.08
CA VAL C 471 16.15 -17.08 -19.27
C VAL C 471 16.21 -16.57 -17.83
N ALA C 472 16.65 -15.30 -17.63
CA ALA C 472 16.72 -14.63 -16.33
C ALA C 472 15.35 -14.70 -15.63
N ASN C 473 14.27 -14.28 -16.33
CA ASN C 473 12.91 -14.30 -15.80
C ASN C 473 12.45 -15.71 -15.39
N ARG C 474 12.72 -16.71 -16.24
CA ARG C 474 12.33 -18.10 -15.96
C ARG C 474 13.06 -18.66 -14.73
N VAL C 475 14.38 -18.46 -14.65
CA VAL C 475 15.19 -18.93 -13.52
C VAL C 475 14.75 -18.25 -12.20
N VAL C 476 14.66 -16.90 -12.20
CA VAL C 476 14.24 -16.10 -11.06
C VAL C 476 12.89 -16.61 -10.48
N ARG C 477 11.90 -16.84 -11.35
CA ARG C 477 10.56 -17.27 -10.97
C ARG C 477 10.42 -18.74 -10.63
N SER C 478 11.42 -19.58 -11.03
CA SER C 478 11.39 -21.02 -10.82
C SER C 478 12.21 -21.51 -9.62
N VAL C 479 13.25 -20.76 -9.22
CA VAL C 479 14.09 -21.10 -8.06
C VAL C 479 13.39 -20.67 -6.77
N ARG C 480 13.07 -21.66 -5.89
CA ARG C 480 12.39 -21.45 -4.60
C ARG C 480 13.32 -20.89 -3.50
N ALA C 481 13.72 -19.62 -3.68
CA ALA C 481 14.60 -18.88 -2.78
C ALA C 481 14.01 -17.50 -2.46
N GLY C 482 14.27 -17.01 -1.26
CA GLY C 482 13.78 -15.71 -0.80
C GLY C 482 14.38 -14.52 -1.53
N VAL C 483 15.65 -14.65 -1.96
CA VAL C 483 16.44 -13.63 -2.71
C VAL C 483 17.10 -14.27 -3.93
N VAL C 484 16.97 -13.60 -5.09
CA VAL C 484 17.58 -14.02 -6.36
C VAL C 484 18.31 -12.79 -6.94
N TRP C 485 19.63 -12.89 -7.09
CA TRP C 485 20.44 -11.85 -7.71
C TRP C 485 20.67 -12.24 -9.15
N VAL C 486 20.50 -11.31 -10.07
CA VAL C 486 20.71 -11.50 -11.51
C VAL C 486 21.89 -10.64 -11.86
N ASN C 487 22.99 -11.24 -12.37
CA ASN C 487 24.22 -10.56 -12.83
C ASN C 487 24.93 -9.74 -11.76
N CYS C 488 24.72 -10.13 -10.50
CA CYS C 488 25.29 -9.56 -9.29
C CYS C 488 25.09 -10.57 -8.17
N TYR C 489 25.50 -10.20 -6.94
CA TYR C 489 25.35 -10.97 -5.71
C TYR C 489 25.42 -10.04 -4.51
N PHE C 490 24.77 -10.41 -3.39
CA PHE C 490 24.75 -9.67 -2.11
C PHE C 490 23.97 -8.34 -2.08
N ALA C 491 24.15 -7.48 -3.10
CA ALA C 491 23.53 -6.16 -3.23
C ALA C 491 22.04 -6.14 -2.95
N MET C 492 21.63 -5.33 -1.96
CA MET C 492 20.23 -5.23 -1.56
C MET C 492 19.79 -3.82 -1.15
N GLY C 493 20.36 -3.31 -0.06
CA GLY C 493 19.94 -2.04 0.53
C GLY C 493 18.83 -2.31 1.54
N SER C 494 18.58 -1.37 2.45
CA SER C 494 17.58 -1.53 3.51
C SER C 494 16.11 -1.55 3.09
N ASP C 495 15.82 -1.23 1.81
CA ASP C 495 14.45 -1.26 1.28
C ASP C 495 14.08 -2.67 0.79
N CYS C 496 15.11 -3.51 0.62
CA CYS C 496 15.01 -4.85 0.12
C CYS C 496 14.74 -5.89 1.22
N PRO C 497 13.53 -6.53 1.26
CA PRO C 497 13.28 -7.55 2.31
C PRO C 497 14.11 -8.80 2.13
N PHE C 498 14.65 -9.35 3.26
CA PHE C 498 15.49 -10.53 3.30
C PHE C 498 14.90 -11.60 4.22
N GLY C 499 14.65 -12.77 3.66
CA GLY C 499 14.10 -13.89 4.38
C GLY C 499 14.11 -15.17 3.60
N GLY C 500 14.10 -16.29 4.32
CA GLY C 500 14.15 -17.60 3.70
C GLY C 500 12.82 -18.13 3.21
N ARG C 501 12.92 -19.27 2.52
CA ARG C 501 11.84 -20.10 2.02
C ARG C 501 12.25 -21.52 2.40
N LYS C 502 11.29 -22.44 2.50
CA LYS C 502 11.55 -23.84 2.89
C LYS C 502 12.27 -23.91 4.26
N MET C 503 13.37 -24.69 4.41
CA MET C 503 14.08 -24.78 5.70
C MET C 503 15.08 -23.65 6.00
N SER C 504 15.05 -22.59 5.20
CA SER C 504 15.87 -21.41 5.41
C SER C 504 15.08 -20.38 6.26
N GLY C 505 13.83 -20.74 6.57
CA GLY C 505 12.97 -19.95 7.44
C GLY C 505 11.78 -19.25 6.83
N PHE C 506 11.31 -18.25 7.58
CA PHE C 506 10.15 -17.40 7.29
C PHE C 506 10.31 -16.09 8.08
N GLY C 507 9.76 -15.00 7.53
CA GLY C 507 9.83 -13.68 8.13
C GLY C 507 10.88 -12.84 7.42
N LYS C 508 10.65 -11.52 7.36
CA LYS C 508 11.57 -10.63 6.66
C LYS C 508 12.38 -9.73 7.57
N ASP C 509 13.68 -9.58 7.27
CA ASP C 509 14.60 -8.60 7.87
C ASP C 509 14.84 -7.61 6.73
N GLU C 510 14.78 -6.29 7.02
CA GLU C 510 14.91 -5.18 6.08
C GLU C 510 13.60 -4.92 5.35
N GLY C 511 13.51 -3.77 4.69
CA GLY C 511 12.31 -3.31 4.02
C GLY C 511 11.26 -2.84 5.01
N MET C 512 10.17 -2.25 4.53
CA MET C 512 9.05 -1.86 5.41
C MET C 512 8.40 -3.13 5.99
N HIS C 513 8.68 -4.28 5.35
CA HIS C 513 8.29 -5.65 5.67
C HIS C 513 8.79 -6.07 7.06
N ALA C 514 10.01 -5.61 7.47
CA ALA C 514 10.66 -5.90 8.76
C ALA C 514 9.88 -5.40 10.00
N LEU C 515 8.99 -4.43 9.81
CA LEU C 515 8.18 -3.82 10.87
C LEU C 515 7.02 -4.69 11.36
N ASP C 516 6.44 -5.51 10.45
CA ASP C 516 5.27 -6.38 10.70
C ASP C 516 5.35 -7.21 11.94
N LYS C 517 6.51 -7.86 12.16
CA LYS C 517 6.79 -8.74 13.29
C LYS C 517 6.79 -8.04 14.66
N TYR C 518 7.02 -6.70 14.67
CA TYR C 518 7.11 -5.85 15.87
C TYR C 518 5.86 -5.02 16.14
N LEU C 519 4.83 -5.22 15.32
CA LEU C 519 3.59 -4.44 15.44
C LEU C 519 2.40 -5.32 15.73
N ALA C 520 1.44 -4.76 16.47
CA ALA C 520 0.17 -5.41 16.76
C ALA C 520 -0.86 -4.71 15.87
N VAL C 521 -1.51 -5.47 14.99
CA VAL C 521 -2.54 -4.95 14.11
C VAL C 521 -3.85 -5.16 14.85
N LYS C 522 -4.51 -4.05 15.19
CA LYS C 522 -5.76 -4.05 15.94
C LYS C 522 -6.91 -3.55 15.05
N SER C 523 -7.94 -4.40 14.84
CA SER C 523 -9.13 -4.01 14.08
C SER C 523 -10.16 -3.35 15.04
N VAL C 524 -10.71 -2.19 14.61
CA VAL C 524 -11.66 -1.40 15.39
C VAL C 524 -12.93 -1.18 14.56
N VAL C 525 -14.10 -1.57 15.11
CA VAL C 525 -15.40 -1.50 14.43
C VAL C 525 -16.45 -0.77 15.27
N THR C 526 -17.15 0.19 14.64
CA THR C 526 -18.24 0.92 15.28
C THR C 526 -19.40 1.15 14.28
N PRO C 527 -20.68 1.14 14.74
CA PRO C 527 -21.77 1.49 13.80
C PRO C 527 -21.73 2.97 13.42
N LEU C 528 -22.38 3.30 12.32
CA LEU C 528 -22.52 4.67 11.86
C LEU C 528 -23.98 4.99 11.83
N ARG C 529 -24.32 6.23 12.18
CA ARG C 529 -25.68 6.70 12.12
C ARG C 529 -25.80 7.68 10.97
N ALA C 530 -26.62 7.32 9.98
CA ALA C 530 -26.97 8.10 8.78
C ALA C 530 -25.78 8.67 7.97
N SER C 531 -24.77 7.83 7.70
CA SER C 531 -23.61 8.26 6.91
C SER C 531 -24.07 8.42 5.46
N PRO C 532 -23.79 9.57 4.80
CA PRO C 532 -24.25 9.75 3.40
C PRO C 532 -23.58 8.83 2.38
N TRP C 533 -22.48 8.19 2.78
CA TRP C 533 -21.71 7.23 1.99
C TRP C 533 -21.13 6.17 2.91
N ILE C 534 -20.84 4.98 2.35
CA ILE C 534 -20.15 3.85 2.99
C ILE C 534 -19.28 3.17 1.93
N LEU D 41 15.22 46.21 20.91
CA LEU D 41 13.91 45.57 20.84
C LEU D 41 13.83 44.29 21.67
N LEU D 42 12.72 43.53 21.55
CA LEU D 42 12.48 42.26 22.24
C LEU D 42 13.09 41.12 21.43
N PHE D 43 12.91 41.17 20.11
CA PHE D 43 13.49 40.22 19.18
C PHE D 43 14.43 41.00 18.26
N ASP D 44 15.61 40.44 18.00
CA ASP D 44 16.62 41.08 17.14
C ASP D 44 16.19 41.11 15.69
N VAL D 45 16.19 42.32 15.10
CA VAL D 45 15.86 42.57 13.69
C VAL D 45 17.01 41.97 12.85
N PRO D 46 16.72 41.08 11.88
CA PRO D 46 17.81 40.45 11.12
C PRO D 46 18.44 41.32 10.04
N GLU D 47 19.65 40.95 9.60
CA GLU D 47 20.35 41.64 8.52
C GLU D 47 20.05 40.95 7.18
N ILE D 48 19.50 41.72 6.23
CA ILE D 48 19.10 41.19 4.92
C ILE D 48 20.35 40.93 4.07
N ARG D 49 20.63 39.64 3.81
CA ARG D 49 21.80 39.13 3.08
C ARG D 49 21.51 38.70 1.66
N PHE D 50 20.33 38.07 1.42
CA PHE D 50 19.96 37.50 0.14
C PHE D 50 18.80 38.24 -0.49
N THR D 51 19.10 39.03 -1.55
CA THR D 51 18.15 39.88 -2.26
C THR D 51 18.12 39.63 -3.77
N LYS D 52 19.08 38.84 -4.30
CA LYS D 52 19.17 38.53 -5.74
C LYS D 52 18.41 37.24 -6.08
N LEU D 53 18.24 36.94 -7.40
CA LEU D 53 17.59 35.70 -7.87
C LEU D 53 18.55 34.53 -7.61
N PHE D 54 18.04 33.31 -7.48
CA PHE D 54 18.92 32.16 -7.27
C PHE D 54 18.82 31.15 -8.40
N ILE D 55 19.66 31.30 -9.42
CA ILE D 55 19.68 30.45 -10.60
C ILE D 55 21.02 29.72 -10.67
N ASN D 56 20.97 28.39 -10.89
CA ASN D 56 22.09 27.47 -11.06
C ASN D 56 23.18 27.55 -9.98
N GLY D 57 22.73 27.62 -8.72
CA GLY D 57 23.59 27.70 -7.54
C GLY D 57 24.20 29.05 -7.25
N SER D 58 23.77 30.10 -7.99
CA SER D 58 24.32 31.45 -7.82
C SER D 58 23.25 32.52 -7.60
N PHE D 59 23.62 33.57 -6.84
CA PHE D 59 22.78 34.75 -6.61
C PHE D 59 23.08 35.74 -7.71
N VAL D 60 22.13 35.92 -8.63
CA VAL D 60 22.27 36.79 -9.80
C VAL D 60 21.15 37.83 -9.88
N ASP D 61 21.43 38.95 -10.57
CA ASP D 61 20.44 40.01 -10.81
C ASP D 61 19.55 39.60 -11.98
N ALA D 62 18.40 40.28 -12.12
CA ALA D 62 17.48 40.05 -13.23
C ALA D 62 18.15 40.55 -14.51
N VAL D 63 17.81 39.94 -15.68
CA VAL D 63 18.34 40.31 -16.99
C VAL D 63 18.19 41.83 -17.24
N SER D 64 17.03 42.38 -16.82
CA SER D 64 16.64 43.80 -16.93
C SER D 64 17.36 44.71 -15.93
N GLY D 65 17.86 44.13 -14.83
CA GLY D 65 18.52 44.87 -13.77
C GLY D 65 17.51 45.51 -12.84
N ARG D 66 16.21 45.20 -13.04
CA ARG D 66 15.09 45.70 -12.26
C ARG D 66 15.00 45.07 -10.88
N THR D 67 14.51 45.87 -9.92
CA THR D 67 14.25 45.46 -8.55
C THR D 67 12.84 45.86 -8.15
N PHE D 68 12.30 45.20 -7.12
CA PHE D 68 11.01 45.52 -6.52
C PHE D 68 11.25 45.58 -5.02
N ASP D 69 10.52 46.43 -4.33
CA ASP D 69 10.70 46.57 -2.89
C ASP D 69 9.81 45.67 -2.08
N THR D 70 10.34 45.16 -0.98
CA THR D 70 9.62 44.39 0.03
C THR D 70 9.55 45.31 1.25
N ARG D 71 8.38 45.40 1.88
CA ARG D 71 8.17 46.32 3.00
C ARG D 71 7.81 45.63 4.31
N ASP D 72 8.06 46.33 5.45
CA ASP D 72 7.73 45.89 6.80
C ASP D 72 6.32 46.39 7.10
N PRO D 73 5.32 45.48 7.26
CA PRO D 73 3.94 45.92 7.58
C PRO D 73 3.78 46.66 8.91
N ARG D 74 4.77 46.53 9.83
CA ARG D 74 4.77 47.23 11.13
C ARG D 74 4.97 48.74 10.92
N THR D 75 5.73 49.13 9.87
CA THR D 75 6.07 50.53 9.57
C THR D 75 5.62 51.02 8.20
N GLY D 76 5.55 50.11 7.23
CA GLY D 76 5.20 50.42 5.85
C GLY D 76 6.41 50.79 5.03
N GLY D 77 7.60 50.73 5.65
CA GLY D 77 8.89 51.06 5.03
C GLY D 77 9.60 49.90 4.36
N VAL D 78 10.42 50.22 3.33
CA VAL D 78 11.21 49.27 2.53
C VAL D 78 12.25 48.54 3.39
N ILE D 79 12.22 47.20 3.36
CA ILE D 79 13.14 46.30 4.05
C ILE D 79 14.37 46.08 3.14
N ALA D 80 14.09 45.71 1.87
CA ALA D 80 15.11 45.41 0.87
C ALA D 80 14.59 45.65 -0.54
N SER D 81 15.52 45.78 -1.50
CA SER D 81 15.22 45.92 -2.92
C SER D 81 15.64 44.58 -3.55
N VAL D 82 14.64 43.78 -3.89
CA VAL D 82 14.78 42.42 -4.41
C VAL D 82 14.76 42.40 -5.95
N ALA D 83 15.65 41.59 -6.59
CA ALA D 83 15.74 41.41 -8.05
C ALA D 83 14.38 40.98 -8.62
N GLU D 84 13.90 41.67 -9.64
CA GLU D 84 12.59 41.44 -10.23
C GLU D 84 12.67 40.50 -11.45
N ALA D 85 12.31 39.21 -11.25
CA ALA D 85 12.31 38.23 -12.33
C ALA D 85 11.15 38.45 -13.30
N ASP D 86 11.44 38.23 -14.58
CA ASP D 86 10.49 38.30 -15.68
C ASP D 86 10.65 37.03 -16.52
N LYS D 87 10.00 36.96 -17.70
CA LYS D 87 10.02 35.84 -18.64
C LYS D 87 11.43 35.28 -18.92
N GLU D 88 12.40 36.17 -19.23
CA GLU D 88 13.79 35.82 -19.55
C GLU D 88 14.53 35.11 -18.40
N ASP D 89 14.27 35.54 -17.15
CA ASP D 89 14.85 34.98 -15.93
C ASP D 89 14.25 33.61 -15.60
N VAL D 90 12.94 33.44 -15.87
CA VAL D 90 12.22 32.19 -15.68
C VAL D 90 12.82 31.17 -16.67
N ASP D 91 13.04 31.60 -17.94
CA ASP D 91 13.64 30.79 -19.01
C ASP D 91 15.02 30.25 -18.57
N LEU D 92 15.88 31.15 -18.03
CA LEU D 92 17.22 30.83 -17.52
C LEU D 92 17.18 29.82 -16.39
N ALA D 93 16.24 30.00 -15.43
CA ALA D 93 16.01 29.10 -14.29
C ALA D 93 15.49 27.71 -14.75
N VAL D 94 14.55 27.68 -15.74
CA VAL D 94 14.01 26.44 -16.30
C VAL D 94 15.11 25.66 -17.06
N ARG D 95 16.02 26.39 -17.75
CA ARG D 95 17.16 25.81 -18.47
C ARG D 95 18.14 25.16 -17.51
N ALA D 96 18.39 25.81 -16.35
CA ALA D 96 19.26 25.35 -15.26
C ALA D 96 18.70 24.07 -14.64
N ALA D 97 17.35 24.02 -14.44
CA ALA D 97 16.65 22.88 -13.87
C ALA D 97 16.63 21.72 -14.85
N ARG D 98 16.42 22.02 -16.15
CA ARG D 98 16.44 21.04 -17.23
C ARG D 98 17.80 20.33 -17.30
N ALA D 99 18.91 21.11 -17.26
CA ALA D 99 20.27 20.56 -17.28
C ALA D 99 20.54 19.70 -16.03
N ALA D 100 20.06 20.15 -14.86
CA ALA D 100 20.21 19.45 -13.58
C ALA D 100 19.47 18.11 -13.57
N PHE D 101 18.27 18.06 -14.21
CA PHE D 101 17.49 16.84 -14.31
C PHE D 101 17.99 15.89 -15.40
N ASP D 102 18.17 16.40 -16.63
CA ASP D 102 18.58 15.60 -17.78
C ASP D 102 20.01 15.10 -17.72
N HIS D 103 20.94 15.88 -17.16
CA HIS D 103 22.35 15.53 -17.13
C HIS D 103 23.05 15.55 -15.78
N GLY D 104 22.43 16.21 -14.79
CA GLY D 104 22.98 16.34 -13.46
C GLY D 104 22.85 15.13 -12.56
N GLU D 105 23.53 15.24 -11.41
CA GLU D 105 23.67 14.24 -10.35
C GLU D 105 22.39 13.87 -9.60
N TRP D 106 21.53 14.87 -9.27
CA TRP D 106 20.31 14.68 -8.48
C TRP D 106 19.40 13.47 -8.79
N PRO D 107 18.91 13.27 -10.05
CA PRO D 107 18.07 12.07 -10.31
C PRO D 107 18.87 10.78 -10.35
N ARG D 108 20.21 10.89 -10.55
CA ARG D 108 21.13 9.76 -10.61
C ARG D 108 21.63 9.31 -9.23
N MET D 109 21.28 10.09 -8.18
CA MET D 109 21.61 9.80 -6.80
C MET D 109 20.62 8.79 -6.24
N SER D 110 21.08 7.93 -5.30
CA SER D 110 20.17 6.98 -4.66
C SER D 110 19.25 7.76 -3.73
N GLY D 111 18.06 7.21 -3.45
CA GLY D 111 17.11 7.79 -2.51
C GLY D 111 17.76 8.09 -1.18
N SER D 112 18.68 7.20 -0.74
CA SER D 112 19.47 7.34 0.48
C SER D 112 20.35 8.61 0.44
N GLU D 113 21.01 8.86 -0.72
CA GLU D 113 21.88 10.00 -0.97
C GLU D 113 21.09 11.32 -0.96
N ARG D 114 19.93 11.32 -1.62
CA ARG D 114 19.03 12.47 -1.69
C ARG D 114 18.44 12.81 -0.31
N GLY D 115 18.05 11.77 0.44
CA GLY D 115 17.51 11.88 1.79
C GLY D 115 18.55 12.34 2.79
N ARG D 116 19.83 12.02 2.52
CA ARG D 116 21.01 12.41 3.30
C ARG D 116 21.20 13.94 3.29
N ILE D 117 21.10 14.53 2.09
CA ILE D 117 21.25 15.95 1.83
C ILE D 117 20.01 16.70 2.34
N MET D 118 18.81 16.16 2.07
CA MET D 118 17.54 16.72 2.57
C MET D 118 17.46 16.86 4.11
N ALA D 119 18.09 15.92 4.85
CA ALA D 119 18.20 15.88 6.30
C ALA D 119 19.18 16.95 6.80
N ARG D 120 20.33 17.15 6.07
CA ARG D 120 21.33 18.17 6.36
C ARG D 120 20.65 19.56 6.22
N LEU D 121 19.73 19.70 5.23
CA LEU D 121 18.97 20.93 4.99
C LEU D 121 18.02 21.18 6.15
N ALA D 122 17.32 20.11 6.63
CA ALA D 122 16.43 20.16 7.79
C ALA D 122 17.21 20.60 9.04
N ASP D 123 18.46 20.08 9.20
CA ASP D 123 19.38 20.42 10.30
C ASP D 123 19.78 21.89 10.26
N LEU D 124 20.02 22.45 9.06
CA LEU D 124 20.38 23.84 8.82
C LEU D 124 19.24 24.82 9.14
N VAL D 125 18.00 24.46 8.73
CA VAL D 125 16.76 25.22 8.99
C VAL D 125 16.56 25.32 10.53
N GLU D 126 16.89 24.24 11.26
CA GLU D 126 16.80 24.14 12.71
C GLU D 126 17.91 24.97 13.40
N GLU D 127 19.14 24.91 12.87
CA GLU D 127 20.32 25.62 13.35
C GLU D 127 20.13 27.14 13.19
N HIS D 128 19.52 27.58 12.08
CA HIS D 128 19.27 28.98 11.75
C HIS D 128 17.80 29.39 11.93
N ALA D 129 17.05 28.65 12.76
CA ALA D 129 15.62 28.86 13.06
C ALA D 129 15.29 30.26 13.53
N GLY D 130 16.10 30.79 14.46
CA GLY D 130 15.94 32.11 15.02
C GLY D 130 16.01 33.19 13.97
N GLU D 131 17.10 33.17 13.16
CA GLU D 131 17.31 34.14 12.09
C GLU D 131 16.22 34.08 11.03
N LEU D 132 15.85 32.87 10.61
CA LEU D 132 14.79 32.63 9.63
C LEU D 132 13.43 33.11 10.14
N ALA D 133 13.13 32.86 11.44
CA ALA D 133 11.89 33.28 12.10
C ALA D 133 11.74 34.80 12.12
N ALA D 134 12.82 35.54 12.48
CA ALA D 134 12.81 37.01 12.53
C ALA D 134 12.65 37.60 11.12
N LEU D 135 13.39 37.04 10.11
CA LEU D 135 13.37 37.40 8.70
C LEU D 135 11.97 37.21 8.08
N GLU D 136 11.29 36.09 8.40
CA GLU D 136 9.92 35.83 7.95
C GLU D 136 8.92 36.76 8.69
N SER D 137 9.12 36.98 10.00
CA SER D 137 8.25 37.85 10.80
C SER D 137 8.26 39.30 10.34
N LEU D 138 9.46 39.88 10.14
CA LEU D 138 9.70 41.26 9.68
C LEU D 138 9.09 41.50 8.28
N ASP D 139 9.10 40.47 7.42
CA ASP D 139 8.58 40.51 6.06
C ASP D 139 7.06 40.27 5.96
N ALA D 140 6.50 39.37 6.82
CA ALA D 140 5.07 38.99 6.82
C ALA D 140 4.21 39.58 7.96
N GLY D 141 4.83 40.31 8.88
CA GLY D 141 4.17 40.96 10.00
C GLY D 141 3.60 40.00 11.01
N LYS D 142 4.45 39.12 11.55
CA LYS D 142 4.05 38.10 12.53
C LYS D 142 4.95 38.06 13.76
N HIS D 143 4.67 37.16 14.70
CA HIS D 143 5.42 37.07 15.95
C HIS D 143 6.63 36.16 15.77
N PRO D 144 7.87 36.65 16.04
CA PRO D 144 9.06 35.79 15.85
C PRO D 144 9.09 34.47 16.64
N ALA D 145 8.48 34.43 17.84
CA ALA D 145 8.42 33.20 18.64
C ALA D 145 7.41 32.18 18.07
N VAL D 146 6.29 32.69 17.51
CA VAL D 146 5.24 31.86 16.89
C VAL D 146 5.79 31.29 15.57
N THR D 147 6.48 32.14 14.76
CA THR D 147 7.09 31.76 13.48
C THR D 147 8.14 30.68 13.69
N ARG D 148 8.95 30.77 14.76
CA ARG D 148 9.97 29.76 15.09
C ARG D 148 9.35 28.42 15.47
N ALA D 149 8.40 28.43 16.41
CA ALA D 149 7.73 27.22 16.90
C ALA D 149 6.80 26.56 15.89
N VAL D 150 6.04 27.37 15.13
CA VAL D 150 5.07 26.86 14.16
C VAL D 150 5.66 26.76 12.75
N ASP D 151 5.81 27.89 12.05
CA ASP D 151 6.29 27.98 10.67
C ASP D 151 7.64 27.30 10.38
N VAL D 152 8.70 27.67 11.11
CA VAL D 152 10.06 27.11 10.92
C VAL D 152 10.11 25.64 11.33
N GLY D 153 9.44 25.30 12.45
CA GLY D 153 9.33 23.92 12.94
C GLY D 153 8.65 22.99 11.95
N ASN D 154 7.56 23.47 11.29
CA ASN D 154 6.84 22.70 10.27
C ASN D 154 7.67 22.57 9.00
N ALA D 155 8.49 23.61 8.67
CA ALA D 155 9.36 23.61 7.51
C ALA D 155 10.46 22.56 7.67
N ALA D 156 11.15 22.54 8.83
CA ALA D 156 12.18 21.57 9.19
C ALA D 156 11.57 20.14 9.22
N GLY D 157 10.37 20.02 9.80
CA GLY D 157 9.60 18.78 9.92
C GLY D 157 9.19 18.14 8.60
N SER D 158 8.79 18.97 7.62
CA SER D 158 8.41 18.55 6.27
C SER D 158 9.65 18.01 5.50
N LEU D 159 10.79 18.71 5.64
CA LEU D 159 12.08 18.33 5.04
C LEU D 159 12.56 16.97 5.58
N ARG D 160 12.40 16.74 6.90
CA ARG D 160 12.79 15.51 7.59
C ARG D 160 11.92 14.32 7.20
N TYR D 161 10.59 14.52 7.15
CA TYR D 161 9.62 13.51 6.75
C TYR D 161 9.91 12.96 5.35
N PHE D 162 10.18 13.85 4.37
CA PHE D 162 10.50 13.46 2.99
C PHE D 162 11.90 12.91 2.78
N ALA D 163 12.84 13.29 3.68
CA ALA D 163 14.22 12.76 3.69
C ALA D 163 14.13 11.24 4.02
N GLY D 164 13.18 10.91 4.89
CA GLY D 164 12.86 9.54 5.31
C GLY D 164 12.01 8.79 4.31
N ALA D 165 11.36 9.52 3.38
CA ALA D 165 10.54 8.95 2.30
C ALA D 165 11.39 8.55 1.08
N ALA D 166 12.49 9.29 0.85
CA ALA D 166 13.39 9.17 -0.31
C ALA D 166 13.95 7.79 -0.63
N ASP D 167 14.30 6.99 0.40
CA ASP D 167 14.88 5.63 0.27
C ASP D 167 13.83 4.50 0.30
N LYS D 168 12.53 4.85 0.27
CA LYS D 168 11.45 3.88 0.35
C LYS D 168 10.25 4.15 -0.56
N ILE D 169 10.46 4.86 -1.66
CA ILE D 169 9.42 5.12 -2.65
C ILE D 169 9.24 3.82 -3.44
N HIS D 170 8.02 3.28 -3.47
CA HIS D 170 7.74 2.01 -4.15
C HIS D 170 6.75 2.08 -5.30
N GLY D 171 7.04 1.28 -6.31
CA GLY D 171 6.14 0.99 -7.41
C GLY D 171 5.57 -0.39 -7.12
N GLU D 172 4.86 -0.99 -8.07
CA GLU D 172 4.28 -2.32 -7.89
C GLU D 172 4.75 -3.32 -8.92
N THR D 173 4.60 -4.62 -8.60
CA THR D 173 4.72 -5.77 -9.50
C THR D 173 3.26 -6.22 -9.56
N LEU D 174 2.72 -6.19 -10.77
CA LEU D 174 1.30 -6.40 -11.08
C LEU D 174 0.88 -7.84 -11.30
N LYS D 175 -0.44 -8.08 -11.26
CA LYS D 175 -1.05 -9.38 -11.52
C LYS D 175 -1.50 -9.34 -12.98
N MET D 176 -0.90 -10.20 -13.83
CA MET D 176 -1.11 -10.22 -15.28
C MET D 176 -2.16 -11.18 -15.81
N PRO D 177 -2.85 -10.83 -16.93
CA PRO D 177 -3.89 -11.73 -17.48
C PRO D 177 -3.43 -13.05 -18.16
N GLY D 178 -2.13 -13.32 -18.14
CA GLY D 178 -1.54 -14.53 -18.72
C GLY D 178 -0.05 -14.62 -18.44
N GLN D 179 0.69 -15.30 -19.33
CA GLN D 179 2.15 -15.48 -19.24
C GLN D 179 2.90 -14.19 -19.56
N PHE D 180 2.77 -13.22 -18.66
CA PHE D 180 3.35 -11.87 -18.71
C PHE D 180 3.84 -11.46 -17.34
N GLN D 181 4.87 -10.60 -17.29
CA GLN D 181 5.37 -10.00 -16.06
C GLN D 181 5.18 -8.49 -16.23
N GLY D 182 4.45 -7.90 -15.30
CA GLY D 182 4.16 -6.47 -15.33
C GLY D 182 4.56 -5.75 -14.07
N HIS D 183 5.10 -4.55 -14.24
CA HIS D 183 5.48 -3.74 -13.10
C HIS D 183 5.37 -2.25 -13.38
N THR D 184 5.30 -1.44 -12.30
CA THR D 184 5.28 0.02 -12.42
C THR D 184 6.55 0.56 -11.78
N LEU D 185 7.13 1.56 -12.40
CA LEU D 185 8.30 2.28 -11.91
C LEU D 185 7.80 3.67 -11.54
N ARG D 186 8.16 4.14 -10.36
CA ARG D 186 7.76 5.43 -9.78
C ARG D 186 9.02 6.34 -10.00
N GLU D 187 9.16 6.93 -11.22
CA GLU D 187 10.32 7.74 -11.65
C GLU D 187 10.23 9.21 -11.26
N PRO D 188 11.37 9.92 -11.07
CA PRO D 188 11.31 11.39 -10.93
C PRO D 188 10.70 11.96 -12.22
N LEU D 189 9.75 12.90 -12.10
CA LEU D 189 9.06 13.49 -13.26
C LEU D 189 9.94 14.35 -14.18
N GLY D 190 10.67 15.30 -13.59
CA GLY D 190 11.50 16.22 -14.33
C GLY D 190 11.60 17.57 -13.66
N VAL D 191 11.15 18.62 -14.37
CA VAL D 191 11.17 20.01 -13.92
C VAL D 191 9.82 20.40 -13.30
N ALA D 192 9.85 20.66 -11.97
CA ALA D 192 8.71 21.08 -11.16
C ALA D 192 8.66 22.61 -11.02
N GLY D 193 7.52 23.19 -11.42
CA GLY D 193 7.24 24.61 -11.28
C GLY D 193 6.42 24.82 -10.02
N VAL D 194 6.90 25.69 -9.12
CA VAL D 194 6.26 26.00 -7.83
C VAL D 194 5.92 27.49 -7.71
N ILE D 195 4.62 27.80 -7.49
CA ILE D 195 4.08 29.16 -7.31
C ILE D 195 3.34 29.17 -5.95
N ILE D 196 3.84 29.98 -4.99
CA ILE D 196 3.33 30.00 -3.63
C ILE D 196 2.91 31.38 -3.07
N PRO D 197 2.04 31.42 -2.01
CA PRO D 197 1.59 32.72 -1.49
C PRO D 197 2.51 33.30 -0.42
N TRP D 198 2.13 34.47 0.10
CA TRP D 198 2.87 35.27 1.07
C TRP D 198 2.62 34.96 2.55
N ASN D 199 1.53 34.24 2.89
CA ASN D 199 1.14 34.01 4.28
C ASN D 199 2.02 33.09 5.14
N PHE D 200 2.55 32.01 4.56
CA PHE D 200 3.46 31.10 5.26
C PHE D 200 4.67 30.88 4.35
N PRO D 201 5.57 31.90 4.20
CA PRO D 201 6.69 31.76 3.24
C PRO D 201 7.62 30.56 3.38
N SER D 202 8.17 30.30 4.58
CA SER D 202 9.08 29.17 4.85
C SER D 202 8.37 27.84 4.72
N THR D 203 7.17 27.71 5.32
CA THR D 203 6.36 26.50 5.26
C THR D 203 5.98 26.17 3.82
N MET D 204 5.53 27.18 3.04
CA MET D 204 5.18 27.03 1.62
C MET D 204 6.35 26.52 0.79
N PHE D 205 7.55 27.12 0.99
CA PHE D 205 8.77 26.71 0.32
C PHE D 205 9.06 25.21 0.60
N ALA D 206 9.09 24.80 1.90
CA ALA D 206 9.38 23.42 2.34
C ALA D 206 8.37 22.37 1.87
N VAL D 207 7.08 22.66 2.04
CA VAL D 207 5.95 21.79 1.68
C VAL D 207 5.90 21.42 0.17
N LYS D 208 6.50 22.26 -0.68
CA LYS D 208 6.55 22.01 -2.13
C LYS D 208 7.89 21.40 -2.51
N VAL D 209 8.99 22.04 -2.05
CA VAL D 209 10.37 21.63 -2.32
C VAL D 209 10.69 20.23 -1.77
N ALA D 210 10.35 19.93 -0.48
CA ALA D 210 10.62 18.62 0.16
C ALA D 210 10.13 17.37 -0.58
N PRO D 211 8.83 17.21 -0.97
CA PRO D 211 8.46 15.98 -1.69
C PRO D 211 9.06 15.91 -3.10
N ALA D 212 9.30 17.07 -3.76
CA ALA D 212 9.90 17.18 -5.09
C ALA D 212 11.36 16.74 -5.10
N LEU D 213 12.12 17.13 -4.05
CA LEU D 213 13.52 16.78 -3.86
C LEU D 213 13.68 15.25 -3.63
N ALA D 214 12.82 14.65 -2.76
CA ALA D 214 12.79 13.21 -2.45
C ALA D 214 12.41 12.39 -3.67
N ALA D 215 11.55 12.96 -4.54
CA ALA D 215 11.14 12.35 -5.80
C ALA D 215 12.26 12.37 -6.84
N GLY D 216 13.24 13.27 -6.70
CA GLY D 216 14.37 13.40 -7.62
C GLY D 216 14.19 14.43 -8.73
N CYS D 217 13.25 15.38 -8.52
CA CYS D 217 12.94 16.49 -9.44
C CYS D 217 13.89 17.65 -9.27
N ALA D 218 13.97 18.50 -10.32
CA ALA D 218 14.68 19.78 -10.32
C ALA D 218 13.55 20.81 -10.19
N LEU D 219 13.80 21.92 -9.48
CA LEU D 219 12.76 22.93 -9.18
C LEU D 219 13.00 24.35 -9.64
N VAL D 220 11.90 25.06 -9.91
CA VAL D 220 11.83 26.48 -10.23
C VAL D 220 10.70 27.03 -9.33
N VAL D 221 11.11 27.80 -8.31
CA VAL D 221 10.22 28.35 -7.29
C VAL D 221 9.99 29.84 -7.52
N LYS D 222 8.71 30.23 -7.63
CA LYS D 222 8.30 31.61 -7.76
C LYS D 222 7.59 32.00 -6.46
N PRO D 223 8.32 32.65 -5.50
CA PRO D 223 7.67 33.06 -4.24
C PRO D 223 6.84 34.34 -4.44
N ALA D 224 5.85 34.57 -3.55
CA ALA D 224 5.02 35.77 -3.61
C ALA D 224 5.88 37.01 -3.40
N GLU D 225 5.59 38.08 -4.18
CA GLU D 225 6.31 39.36 -4.19
C GLU D 225 6.27 40.12 -2.86
N GLN D 226 5.23 39.87 -2.03
CA GLN D 226 5.03 40.51 -0.71
C GLN D 226 6.04 40.04 0.34
N THR D 227 6.43 38.75 0.28
CA THR D 227 7.37 38.12 1.24
C THR D 227 8.43 37.27 0.51
N PRO D 228 9.33 37.85 -0.31
CA PRO D 228 10.27 37.00 -1.07
C PRO D 228 11.55 36.56 -0.34
N LEU D 229 11.81 37.13 0.85
CA LEU D 229 13.06 36.95 1.58
C LEU D 229 13.39 35.59 2.12
N SER D 230 12.42 34.91 2.76
CA SER D 230 12.63 33.57 3.34
C SER D 230 13.07 32.55 2.26
N ALA D 231 12.43 32.54 1.06
CA ALA D 231 12.74 31.63 -0.07
C ALA D 231 14.19 31.73 -0.55
N LEU D 232 14.78 32.95 -0.52
CA LEU D 232 16.18 33.22 -0.92
C LEU D 232 17.16 32.73 0.14
N TYR D 233 16.78 32.86 1.42
CA TYR D 233 17.58 32.39 2.56
C TYR D 233 17.65 30.84 2.53
N LEU D 234 16.48 30.18 2.34
CA LEU D 234 16.31 28.74 2.24
C LEU D 234 17.11 28.15 1.07
N ALA D 235 17.18 28.90 -0.07
CA ALA D 235 17.95 28.55 -1.27
C ALA D 235 19.44 28.44 -0.94
N GLN D 236 19.96 29.40 -0.13
CA GLN D 236 21.35 29.43 0.31
C GLN D 236 21.65 28.25 1.22
N LEU D 237 20.70 27.93 2.15
CA LEU D 237 20.82 26.77 3.06
C LEU D 237 20.85 25.45 2.30
N ALA D 238 20.08 25.32 1.19
CA ALA D 238 20.04 24.11 0.35
C ALA D 238 21.39 23.88 -0.36
N LYS D 239 22.07 24.99 -0.75
CA LYS D 239 23.38 24.99 -1.37
C LYS D 239 24.42 24.46 -0.37
N GLN D 240 24.35 24.94 0.89
CA GLN D 240 25.23 24.55 2.01
C GLN D 240 25.04 23.07 2.37
N ALA D 241 23.79 22.56 2.29
CA ALA D 241 23.40 21.18 2.60
C ALA D 241 23.92 20.17 1.56
N GLY D 242 24.24 20.65 0.36
CA GLY D 242 24.76 19.83 -0.71
C GLY D 242 23.83 19.57 -1.88
N VAL D 243 22.73 20.36 -1.99
CA VAL D 243 21.79 20.25 -3.11
C VAL D 243 22.56 20.75 -4.36
N PRO D 244 22.68 19.90 -5.41
CA PRO D 244 23.43 20.32 -6.61
C PRO D 244 22.87 21.58 -7.29
N ASP D 245 23.77 22.34 -7.93
CA ASP D 245 23.39 23.55 -8.65
C ASP D 245 22.38 23.21 -9.77
N GLY D 246 21.34 24.03 -9.88
CA GLY D 246 20.26 23.84 -10.85
C GLY D 246 19.04 23.13 -10.34
N VAL D 247 19.17 22.38 -9.21
CA VAL D 247 18.09 21.61 -8.60
C VAL D 247 17.07 22.53 -7.90
N ILE D 248 17.52 23.63 -7.26
CA ILE D 248 16.63 24.61 -6.64
C ILE D 248 16.93 25.99 -7.22
N ASN D 249 15.93 26.54 -7.93
CA ASN D 249 16.04 27.86 -8.55
C ASN D 249 14.90 28.72 -8.01
N VAL D 250 15.24 29.87 -7.42
CA VAL D 250 14.27 30.79 -6.81
C VAL D 250 14.20 32.07 -7.63
N VAL D 251 13.01 32.35 -8.19
CA VAL D 251 12.76 33.50 -9.04
C VAL D 251 11.70 34.50 -8.50
N PRO D 252 12.02 35.31 -7.44
CA PRO D 252 11.06 36.31 -6.95
C PRO D 252 10.72 37.36 -8.02
N GLY D 253 9.43 37.62 -8.15
CA GLY D 253 8.88 38.58 -9.10
C GLY D 253 7.38 38.67 -9.00
N PHE D 254 6.77 39.43 -9.91
CA PHE D 254 5.31 39.59 -9.89
C PHE D 254 4.63 38.38 -10.52
N GLY D 255 3.39 38.15 -10.11
CA GLY D 255 2.58 37.05 -10.61
C GLY D 255 2.32 37.05 -12.10
N PRO D 256 1.67 38.11 -12.65
CA PRO D 256 1.42 38.13 -14.11
C PRO D 256 2.68 38.16 -15.00
N THR D 257 3.88 38.40 -14.41
CA THR D 257 5.14 38.39 -15.15
C THR D 257 5.86 37.06 -14.94
N ALA D 258 6.61 36.93 -13.83
CA ALA D 258 7.40 35.76 -13.45
C ALA D 258 6.54 34.50 -13.28
N GLY D 259 5.43 34.62 -12.56
CA GLY D 259 4.50 33.54 -12.27
C GLY D 259 3.85 32.95 -13.50
N ALA D 260 3.33 33.83 -14.38
CA ALA D 260 2.67 33.45 -15.64
C ALA D 260 3.65 32.78 -16.61
N ALA D 261 4.91 33.27 -16.65
CA ALA D 261 5.98 32.73 -17.51
C ALA D 261 6.29 31.30 -17.11
N LEU D 262 6.30 31.02 -15.78
CA LEU D 262 6.55 29.71 -15.18
C LEU D 262 5.38 28.75 -15.42
N ALA D 263 4.14 29.24 -15.25
CA ALA D 263 2.93 28.45 -15.48
C ALA D 263 2.71 28.10 -16.98
N SER D 264 3.26 28.92 -17.89
CA SER D 264 3.17 28.81 -19.36
C SER D 264 4.40 28.18 -20.02
N HIS D 265 5.44 27.86 -19.24
CA HIS D 265 6.67 27.32 -19.81
C HIS D 265 6.50 25.96 -20.47
N MET D 266 7.01 25.85 -21.70
CA MET D 266 6.96 24.65 -22.54
C MET D 266 7.88 23.52 -22.08
N ASP D 267 8.83 23.81 -21.17
CA ASP D 267 9.78 22.82 -20.67
C ASP D 267 9.63 22.47 -19.17
N VAL D 268 8.51 22.90 -18.57
CA VAL D 268 8.14 22.63 -17.17
C VAL D 268 7.18 21.44 -17.23
N ASP D 269 7.48 20.38 -16.45
CA ASP D 269 6.71 19.13 -16.47
C ASP D 269 5.43 19.12 -15.64
N MET D 270 5.38 19.90 -14.56
CA MET D 270 4.20 20.04 -13.71
C MET D 270 4.19 21.39 -13.01
N VAL D 271 3.03 21.82 -12.52
CA VAL D 271 2.94 23.01 -11.70
C VAL D 271 2.14 22.78 -10.41
N SER D 272 2.76 23.08 -9.25
CA SER D 272 2.11 23.02 -7.95
C SER D 272 1.89 24.47 -7.54
N PHE D 273 0.61 24.85 -7.49
CA PHE D 273 0.21 26.20 -7.15
C PHE D 273 -0.56 26.29 -5.85
N THR D 274 -0.20 27.31 -5.05
CA THR D 274 -0.90 27.68 -3.83
C THR D 274 -1.19 29.17 -3.90
N GLY D 275 -2.45 29.52 -3.78
CA GLY D 275 -2.91 30.89 -3.83
C GLY D 275 -4.43 30.97 -3.93
N SER D 276 -4.94 32.08 -4.46
CA SER D 276 -6.38 32.31 -4.59
C SER D 276 -7.02 31.45 -5.67
N THR D 277 -8.35 31.21 -5.54
CA THR D 277 -9.20 30.45 -6.45
C THR D 277 -9.23 31.16 -7.81
N GLU D 278 -9.20 32.50 -7.82
CA GLU D 278 -9.21 33.27 -9.07
C GLU D 278 -7.92 33.15 -9.88
N VAL D 279 -6.75 33.12 -9.20
CA VAL D 279 -5.44 32.95 -9.88
C VAL D 279 -5.28 31.50 -10.35
N GLY D 280 -5.89 30.55 -9.62
CA GLY D 280 -5.92 29.14 -9.97
C GLY D 280 -6.46 28.90 -11.38
N ARG D 281 -7.45 29.72 -11.80
CA ARG D 281 -8.08 29.72 -13.13
C ARG D 281 -7.02 30.02 -14.20
N LEU D 282 -6.13 30.98 -13.91
CA LEU D 282 -5.05 31.42 -14.80
C LEU D 282 -3.94 30.40 -14.94
N ILE D 283 -3.67 29.60 -13.87
CA ILE D 283 -2.66 28.53 -13.85
C ILE D 283 -3.12 27.38 -14.75
N MET D 284 -4.43 27.05 -14.68
CA MET D 284 -5.07 26.02 -15.50
C MET D 284 -5.09 26.43 -16.96
N LYS D 285 -5.33 27.74 -17.23
CA LYS D 285 -5.34 28.30 -18.60
C LYS D 285 -3.92 28.30 -19.16
N ALA D 286 -2.92 28.71 -18.36
CA ALA D 286 -1.51 28.75 -18.76
C ALA D 286 -0.98 27.38 -19.21
N SER D 287 -1.45 26.28 -18.57
CA SER D 287 -1.09 24.92 -18.91
C SER D 287 -1.77 24.51 -20.22
N ALA D 288 -3.09 24.77 -20.33
CA ALA D 288 -3.90 24.50 -21.52
C ALA D 288 -3.36 25.19 -22.78
N GLU D 289 -2.85 26.44 -22.62
CA GLU D 289 -2.29 27.25 -23.71
C GLU D 289 -0.83 26.94 -24.00
N SER D 290 -0.20 26.09 -23.17
CA SER D 290 1.21 25.73 -23.35
C SER D 290 1.45 24.24 -23.68
N ASN D 291 1.95 23.44 -22.70
CA ASN D 291 2.30 22.03 -22.89
C ASN D 291 1.38 21.04 -22.13
N LEU D 292 0.23 21.54 -21.61
CA LEU D 292 -0.77 20.75 -20.88
C LEU D 292 -0.19 19.98 -19.69
N LYS D 293 0.74 20.62 -18.97
CA LYS D 293 1.38 20.02 -17.80
C LYS D 293 0.39 19.83 -16.68
N PRO D 294 0.47 18.72 -15.89
CA PRO D 294 -0.47 18.58 -14.77
C PRO D 294 -0.35 19.75 -13.80
N VAL D 295 -1.50 20.23 -13.34
CA VAL D 295 -1.64 21.36 -12.43
C VAL D 295 -2.21 20.84 -11.10
N TYR D 296 -1.67 21.33 -9.98
CA TYR D 296 -2.11 20.95 -8.63
C TYR D 296 -2.41 22.25 -7.91
N LEU D 297 -3.67 22.42 -7.48
CA LEU D 297 -4.17 23.66 -6.90
C LEU D 297 -4.59 23.57 -5.45
N GLU D 298 -3.95 24.40 -4.61
CA GLU D 298 -4.23 24.60 -3.18
C GLU D 298 -4.83 26.00 -3.16
N LEU D 299 -6.15 26.07 -3.15
CA LEU D 299 -6.86 27.33 -3.24
C LEU D 299 -7.41 27.83 -1.90
N GLY D 300 -8.30 28.83 -1.95
CA GLY D 300 -8.89 29.43 -0.76
C GLY D 300 -9.83 28.56 0.05
N GLY D 301 -10.46 29.17 1.04
CA GLY D 301 -11.43 28.50 1.89
C GLY D 301 -12.34 29.45 2.63
N LYS D 302 -13.40 28.88 3.20
CA LYS D 302 -14.39 29.54 4.06
C LYS D 302 -14.79 28.47 5.06
N SER D 303 -13.79 28.07 5.86
CA SER D 303 -13.85 26.97 6.81
C SER D 303 -14.83 27.08 7.98
N PRO D 304 -15.76 26.12 8.13
CA PRO D 304 -16.70 26.17 9.26
C PRO D 304 -16.24 25.40 10.51
N LEU D 305 -16.52 25.95 11.70
CA LEU D 305 -16.24 25.31 12.99
C LEU D 305 -17.60 25.08 13.66
N ILE D 306 -17.99 23.82 13.89
CA ILE D 306 -19.28 23.48 14.50
C ILE D 306 -19.12 23.09 15.97
N VAL D 307 -19.81 23.83 16.86
CA VAL D 307 -19.79 23.62 18.32
C VAL D 307 -21.17 23.13 18.78
N PHE D 308 -21.21 21.94 19.41
CA PHE D 308 -22.44 21.31 19.92
C PHE D 308 -22.73 21.65 21.37
N ASP D 309 -23.94 21.25 21.86
CA ASP D 309 -24.49 21.46 23.21
C ASP D 309 -23.60 20.94 24.34
N ASP D 310 -22.96 19.78 24.08
CA ASP D 310 -22.16 19.01 25.03
C ASP D 310 -20.70 19.45 25.18
N ALA D 311 -20.28 20.45 24.40
CA ALA D 311 -18.91 20.96 24.45
C ALA D 311 -18.61 21.74 25.74
N ASP D 312 -17.31 21.73 26.13
CA ASP D 312 -16.82 22.55 27.26
C ASP D 312 -16.64 23.91 26.60
N LEU D 313 -17.51 24.86 27.02
CA LEU D 313 -17.58 26.19 26.45
C LEU D 313 -16.28 26.99 26.51
N ASP D 314 -15.52 26.85 27.60
CA ASP D 314 -14.25 27.55 27.75
C ASP D 314 -13.22 27.04 26.76
N MET D 315 -13.18 25.70 26.52
CA MET D 315 -12.26 25.13 25.53
C MET D 315 -12.69 25.48 24.10
N ALA D 316 -14.03 25.48 23.85
CA ALA D 316 -14.63 25.77 22.53
C ALA D 316 -14.41 27.22 22.12
N VAL D 317 -14.50 28.18 23.08
CA VAL D 317 -14.26 29.60 22.84
C VAL D 317 -12.77 29.80 22.51
N GLU D 318 -11.86 29.24 23.36
CA GLU D 318 -10.41 29.32 23.19
C GLU D 318 -9.94 28.69 21.87
N LEU D 319 -10.61 27.60 21.45
CA LEU D 319 -10.33 26.93 20.20
C LEU D 319 -10.76 27.80 19.01
N ALA D 320 -11.96 28.41 19.11
CA ALA D 320 -12.52 29.30 18.06
C ALA D 320 -11.64 30.53 17.81
N VAL D 321 -11.16 31.17 18.89
CA VAL D 321 -10.27 32.35 18.86
C VAL D 321 -9.01 32.00 18.04
N GLY D 322 -8.35 30.89 18.40
CA GLY D 322 -7.16 30.42 17.71
C GLY D 322 -7.43 30.07 16.27
N ALA D 323 -8.53 29.35 16.03
CA ALA D 323 -8.97 28.91 14.71
C ALA D 323 -9.24 30.03 13.74
N SER D 324 -9.84 31.13 14.22
CA SER D 324 -10.20 32.31 13.41
C SER D 324 -9.11 33.35 13.31
N PHE D 325 -8.40 33.61 14.41
CA PHE D 325 -7.45 34.70 14.50
C PHE D 325 -5.96 34.40 14.43
N PHE D 326 -5.57 33.11 14.31
CA PHE D 326 -4.16 32.75 14.16
C PHE D 326 -3.61 33.42 12.91
N ASN D 327 -2.42 34.04 13.02
CA ASN D 327 -1.74 34.73 11.92
C ASN D 327 -2.65 35.83 11.30
N LYS D 328 -3.35 36.60 12.18
CA LYS D 328 -4.31 37.68 11.85
C LYS D 328 -5.31 37.31 10.73
N GLY D 329 -5.84 36.07 10.80
CA GLY D 329 -6.77 35.53 9.83
C GLY D 329 -6.18 35.25 8.45
N GLU D 330 -4.85 35.46 8.28
CA GLU D 330 -4.11 35.20 7.04
C GLU D 330 -3.64 33.73 7.02
N ALA D 331 -4.64 32.84 7.03
CA ALA D 331 -4.55 31.40 7.02
C ALA D 331 -5.70 30.91 6.13
N CYS D 332 -5.37 30.04 5.19
CA CYS D 332 -6.30 29.44 4.23
C CYS D 332 -7.35 28.55 4.92
N VAL D 333 -6.95 27.93 6.02
CA VAL D 333 -7.80 26.98 6.72
C VAL D 333 -8.49 27.59 7.96
N ALA D 334 -8.33 28.92 8.16
CA ALA D 334 -8.94 29.71 9.23
C ALA D 334 -10.44 29.47 9.35
N ALA D 335 -10.94 29.26 10.61
CA ALA D 335 -12.37 29.02 10.86
C ALA D 335 -13.16 30.34 10.81
N SER D 336 -13.42 30.78 9.58
CA SER D 336 -14.12 32.04 9.27
C SER D 336 -15.62 32.00 9.57
N ARG D 337 -16.16 30.78 9.76
CA ARG D 337 -17.57 30.56 10.09
C ARG D 337 -17.67 29.69 11.33
N VAL D 338 -18.15 30.25 12.44
CA VAL D 338 -18.31 29.51 13.69
C VAL D 338 -19.80 29.28 13.96
N TYR D 339 -20.19 27.98 14.09
CA TYR D 339 -21.57 27.55 14.32
C TYR D 339 -21.75 26.98 15.70
N VAL D 340 -22.60 27.64 16.50
CA VAL D 340 -22.83 27.20 17.88
C VAL D 340 -24.29 26.80 18.07
N GLN D 341 -24.53 25.59 18.63
CA GLN D 341 -25.88 25.05 18.85
C GLN D 341 -26.64 25.92 19.85
N GLU D 342 -27.90 26.26 19.49
CA GLU D 342 -28.82 27.17 20.23
C GLU D 342 -28.83 27.17 21.74
N ARG D 343 -28.71 26.01 22.39
CA ARG D 343 -28.73 25.89 23.86
C ARG D 343 -27.53 26.53 24.57
N VAL D 344 -26.36 26.58 23.89
CA VAL D 344 -25.13 27.14 24.46
C VAL D 344 -24.66 28.42 23.75
N TYR D 345 -25.42 28.85 22.70
CA TYR D 345 -25.09 30.02 21.90
C TYR D 345 -24.87 31.30 22.69
N ASP D 346 -25.85 31.68 23.54
CA ASP D 346 -25.78 32.91 24.32
C ASP D 346 -24.57 32.95 25.26
N ARG D 347 -24.25 31.82 25.92
CA ARG D 347 -23.08 31.69 26.79
C ARG D 347 -21.78 31.79 26.00
N PHE D 348 -21.69 31.08 24.85
CA PHE D 348 -20.54 31.10 23.96
C PHE D 348 -20.24 32.55 23.49
N GLU D 349 -21.28 33.25 23.00
CA GLU D 349 -21.21 34.64 22.51
C GLU D 349 -20.65 35.60 23.57
N GLU D 350 -21.11 35.47 24.83
CA GLU D 350 -20.68 36.29 25.96
C GLU D 350 -19.24 36.01 26.35
N ARG D 351 -18.87 34.72 26.43
CA ARG D 351 -17.52 34.26 26.78
C ARG D 351 -16.51 34.69 25.70
N LEU D 352 -16.92 34.65 24.41
CA LEU D 352 -16.09 35.06 23.27
C LEU D 352 -15.78 36.56 23.32
N ALA D 353 -16.81 37.40 23.56
CA ALA D 353 -16.67 38.85 23.65
C ALA D 353 -15.77 39.24 24.82
N GLU D 354 -15.88 38.52 25.96
CA GLU D 354 -15.07 38.71 27.16
C GLU D 354 -13.61 38.35 26.90
N ARG D 355 -13.38 37.20 26.22
CA ARG D 355 -12.05 36.69 25.86
C ARG D 355 -11.30 37.68 24.96
N MET D 356 -12.01 38.28 23.99
CA MET D 356 -11.44 39.24 23.04
C MET D 356 -10.97 40.55 23.64
N ARG D 357 -11.48 40.89 24.84
CA ARG D 357 -11.15 42.11 25.56
C ARG D 357 -9.70 42.10 26.09
N SER D 358 -9.11 40.89 26.29
CA SER D 358 -7.72 40.69 26.74
C SER D 358 -6.75 40.39 25.57
N TRP D 359 -7.26 40.40 24.31
CA TRP D 359 -6.48 40.14 23.11
C TRP D 359 -5.68 41.39 22.71
N VAL D 360 -4.36 41.25 22.47
CA VAL D 360 -3.47 42.36 22.12
C VAL D 360 -3.03 42.36 20.65
N VAL D 361 -3.30 43.48 19.95
CA VAL D 361 -2.88 43.72 18.58
C VAL D 361 -1.78 44.79 18.66
N GLY D 362 -0.58 44.47 18.19
CA GLY D 362 0.56 45.37 18.24
C GLY D 362 1.84 44.83 17.62
N ASP D 363 2.94 45.58 17.79
CA ASP D 363 4.27 45.26 17.28
C ASP D 363 4.85 44.03 18.02
N PRO D 364 4.99 42.87 17.34
CA PRO D 364 5.53 41.66 18.03
C PRO D 364 7.01 41.76 18.41
N PHE D 365 7.75 42.71 17.78
CA PHE D 365 9.18 42.95 18.04
C PHE D 365 9.43 43.86 19.24
N SER D 366 8.42 44.68 19.64
CA SER D 366 8.55 45.60 20.78
C SER D 366 7.55 45.37 21.93
N ASP D 367 6.41 44.70 21.66
CA ASP D 367 5.37 44.41 22.65
C ASP D 367 5.32 42.92 23.00
N PRO D 368 5.57 42.54 24.28
CA PRO D 368 5.53 41.10 24.65
C PRO D 368 4.11 40.50 24.64
N ARG D 369 3.11 41.32 25.07
CA ARG D 369 1.67 41.03 25.16
C ARG D 369 1.11 40.52 23.82
N ALA D 370 1.45 41.22 22.71
CA ALA D 370 1.05 41.00 21.33
C ALA D 370 0.64 39.57 20.98
N ASP D 371 -0.63 39.42 20.60
CA ASP D 371 -1.26 38.17 20.19
C ASP D 371 -1.43 38.18 18.68
N GLN D 372 -1.50 39.39 18.09
CA GLN D 372 -1.72 39.64 16.67
C GLN D 372 -0.81 40.76 16.14
N GLY D 373 -0.22 40.55 14.97
CA GLY D 373 0.63 41.53 14.31
C GLY D 373 -0.09 42.30 13.22
N PRO D 374 0.64 43.06 12.36
CA PRO D 374 -0.04 43.78 11.27
C PRO D 374 -0.33 42.87 10.07
N GLN D 375 -1.23 43.32 9.17
CA GLN D 375 -1.55 42.60 7.92
C GLN D 375 -0.35 42.79 6.98
N VAL D 376 -0.08 41.79 6.11
CA VAL D 376 1.06 41.74 5.18
C VAL D 376 1.52 43.06 4.51
N ASP D 377 0.58 43.85 3.97
CA ASP D 377 0.85 45.12 3.28
C ASP D 377 -0.36 46.05 3.23
N LYS D 378 -0.24 47.19 2.49
CA LYS D 378 -1.31 48.19 2.31
C LYS D 378 -2.54 47.58 1.62
N ALA D 379 -2.36 46.95 0.44
CA ALA D 379 -3.44 46.33 -0.36
C ALA D 379 -4.33 45.35 0.45
N GLN D 380 -3.72 44.46 1.27
CA GLN D 380 -4.46 43.50 2.10
C GLN D 380 -5.24 44.18 3.22
N TYR D 381 -4.63 45.21 3.85
CA TYR D 381 -5.19 46.00 4.94
C TYR D 381 -6.45 46.75 4.49
N GLU D 382 -6.47 47.26 3.25
CA GLU D 382 -7.61 47.98 2.65
C GLU D 382 -8.72 46.98 2.33
N ARG D 383 -8.33 45.79 1.84
CA ARG D 383 -9.22 44.69 1.46
C ARG D 383 -10.05 44.13 2.64
N VAL D 384 -9.43 43.92 3.83
CA VAL D 384 -10.12 43.43 5.03
C VAL D 384 -11.12 44.49 5.55
N LEU D 385 -10.68 45.76 5.66
CA LEU D 385 -11.54 46.85 6.12
C LEU D 385 -12.75 47.08 5.21
N SER D 386 -12.59 46.85 3.88
CA SER D 386 -13.66 46.91 2.87
C SER D 386 -14.70 45.82 3.16
N TYR D 387 -14.25 44.60 3.54
CA TYR D 387 -15.12 43.48 3.90
C TYR D 387 -15.83 43.75 5.23
N ILE D 388 -15.13 44.39 6.19
CA ILE D 388 -15.71 44.80 7.48
C ILE D 388 -16.81 45.83 7.17
N ASP D 389 -16.54 46.76 6.23
CA ASP D 389 -17.49 47.77 5.77
C ASP D 389 -18.70 47.11 5.09
N HIS D 390 -18.46 46.08 4.25
CA HIS D 390 -19.51 45.32 3.58
C HIS D 390 -20.41 44.59 4.59
N GLY D 391 -19.80 44.05 5.65
CA GLY D 391 -20.48 43.34 6.73
C GLY D 391 -21.43 44.23 7.51
N LYS D 392 -21.01 45.47 7.82
CA LYS D 392 -21.80 46.47 8.55
C LYS D 392 -23.02 46.90 7.72
N ARG D 393 -22.76 47.23 6.43
CA ARG D 393 -23.75 47.67 5.46
C ARG D 393 -24.84 46.64 5.15
N GLU D 394 -24.51 45.33 5.11
CA GLU D 394 -25.52 44.32 4.82
C GLU D 394 -26.43 43.90 5.99
N GLY D 395 -26.22 44.50 7.15
CA GLY D 395 -27.05 44.29 8.34
C GLY D 395 -26.51 43.40 9.44
N ALA D 396 -25.24 42.95 9.34
CA ALA D 396 -24.65 42.11 10.40
C ALA D 396 -24.25 42.96 11.60
N THR D 397 -24.48 42.41 12.82
CA THR D 397 -24.16 43.04 14.10
C THR D 397 -22.67 42.86 14.39
N LEU D 398 -22.04 43.90 14.93
CA LEU D 398 -20.64 43.90 15.30
C LEU D 398 -20.53 43.59 16.80
N LEU D 399 -20.02 42.39 17.13
CA LEU D 399 -19.84 41.97 18.52
C LEU D 399 -18.57 42.54 19.12
N THR D 400 -17.45 42.47 18.38
CA THR D 400 -16.15 42.99 18.80
C THR D 400 -15.34 43.45 17.57
N GLY D 401 -14.44 44.40 17.80
CA GLY D 401 -13.54 44.93 16.79
C GLY D 401 -14.20 45.77 15.71
N GLY D 402 -13.87 45.48 14.46
CA GLY D 402 -14.41 46.16 13.29
C GLY D 402 -13.87 47.55 13.01
N ARG D 403 -12.57 47.81 13.33
CA ARG D 403 -11.91 49.11 13.11
C ARG D 403 -10.35 49.00 13.16
N PRO D 404 -9.61 49.93 12.52
CA PRO D 404 -8.14 49.82 12.58
C PRO D 404 -7.59 50.29 13.93
N CYS D 405 -6.38 49.81 14.26
CA CYS D 405 -5.61 50.19 15.44
C CYS D 405 -4.15 50.48 15.00
N ALA D 406 -3.24 50.88 15.95
CA ALA D 406 -1.81 51.19 15.73
C ALA D 406 -1.13 51.65 17.04
N PRO D 407 -0.13 50.91 17.57
CA PRO D 407 0.53 51.35 18.82
C PRO D 407 1.50 52.50 18.58
N GLY D 411 0.96 51.45 11.89
CA GLY D 411 1.12 50.36 10.93
C GLY D 411 -0.18 49.84 10.36
N TYR D 412 -0.15 48.66 9.70
CA TYR D 412 -1.33 48.02 9.09
C TYR D 412 -2.02 47.04 10.07
N TYR D 413 -2.50 47.60 11.19
CA TYR D 413 -3.16 46.84 12.26
C TYR D 413 -4.68 46.98 12.23
N ILE D 414 -5.39 45.86 12.39
CA ILE D 414 -6.85 45.79 12.43
C ILE D 414 -7.19 44.94 13.66
N GLU D 415 -8.19 45.37 14.45
CA GLU D 415 -8.58 44.58 15.61
C GLU D 415 -9.42 43.36 15.23
N PRO D 416 -9.37 42.26 16.05
CA PRO D 416 -10.14 41.05 15.69
C PRO D 416 -11.65 41.29 15.69
N THR D 417 -12.25 41.06 14.54
CA THR D 417 -13.67 41.33 14.30
C THR D 417 -14.52 40.08 14.41
N VAL D 418 -15.64 40.22 15.14
CA VAL D 418 -16.64 39.17 15.29
C VAL D 418 -18.02 39.72 14.90
N PHE D 419 -18.56 39.19 13.80
CA PHE D 419 -19.88 39.51 13.27
C PHE D 419 -20.92 38.52 13.77
N THR D 420 -22.05 39.07 14.23
CA THR D 420 -23.19 38.37 14.80
C THR D 420 -24.44 38.71 13.95
N ASN D 421 -25.55 37.95 14.08
CA ASN D 421 -26.79 38.12 13.29
C ASN D 421 -26.44 38.11 11.80
N VAL D 422 -25.61 37.12 11.41
CA VAL D 422 -25.09 36.90 10.06
C VAL D 422 -26.04 35.95 9.34
N LYS D 423 -26.52 36.36 8.16
CA LYS D 423 -27.37 35.57 7.28
C LYS D 423 -26.41 34.84 6.34
N GLU D 424 -26.76 33.63 5.92
CA GLU D 424 -25.94 32.82 5.02
C GLU D 424 -25.64 33.50 3.67
N ASP D 425 -26.61 34.27 3.14
CA ASP D 425 -26.53 34.99 1.86
C ASP D 425 -25.56 36.20 1.85
N MET D 426 -25.16 36.72 3.04
CA MET D 426 -24.23 37.85 3.20
C MET D 426 -22.84 37.58 2.60
N ILE D 427 -22.19 38.64 2.08
CA ILE D 427 -20.85 38.64 1.45
C ILE D 427 -19.80 38.14 2.44
N ILE D 428 -19.86 38.63 3.69
CA ILE D 428 -18.94 38.23 4.76
C ILE D 428 -19.06 36.74 5.07
N ALA D 429 -20.28 36.16 4.93
CA ALA D 429 -20.56 34.73 5.17
C ALA D 429 -20.03 33.82 4.07
N LYS D 430 -19.99 34.31 2.83
CA LYS D 430 -19.59 33.52 1.66
C LYS D 430 -18.16 33.74 1.16
N GLU D 431 -17.68 34.98 1.17
CA GLU D 431 -16.37 35.31 0.62
C GLU D 431 -15.21 35.22 1.59
N GLU D 432 -14.03 34.78 1.08
CA GLU D 432 -12.78 34.70 1.84
C GLU D 432 -12.21 36.11 2.10
N ILE D 433 -12.30 36.55 3.35
CA ILE D 433 -11.83 37.84 3.80
C ILE D 433 -10.29 37.86 3.95
N PHE D 434 -9.72 36.77 4.49
CA PHE D 434 -8.27 36.58 4.72
C PHE D 434 -7.71 37.66 5.68
N GLY D 435 -8.48 37.92 6.73
CA GLY D 435 -8.20 38.89 7.78
C GLY D 435 -8.76 38.42 9.11
N PRO D 436 -8.55 39.16 10.22
CA PRO D 436 -9.07 38.67 11.52
C PRO D 436 -10.56 38.92 11.68
N VAL D 437 -11.37 38.19 10.89
CA VAL D 437 -12.83 38.34 10.86
C VAL D 437 -13.52 36.99 11.04
N MET D 438 -14.42 36.92 12.02
CA MET D 438 -15.18 35.72 12.36
C MET D 438 -16.70 35.98 12.27
N CYS D 439 -17.41 35.10 11.58
CA CYS D 439 -18.87 35.13 11.48
C CYS D 439 -19.40 34.09 12.49
N LEU D 440 -20.11 34.55 13.53
CA LEU D 440 -20.69 33.71 14.57
C LEU D 440 -22.17 33.47 14.31
N MET D 441 -22.55 32.21 14.20
CA MET D 441 -23.92 31.79 13.89
C MET D 441 -24.48 30.72 14.81
N LYS D 442 -25.80 30.72 14.93
CA LYS D 442 -26.59 29.82 15.76
C LYS D 442 -27.25 28.74 14.88
N PHE D 443 -27.38 27.50 15.41
CA PHE D 443 -28.06 26.40 14.73
C PHE D 443 -28.86 25.53 15.71
N LYS D 444 -29.84 24.76 15.19
CA LYS D 444 -30.64 23.87 16.04
C LYS D 444 -30.23 22.39 15.87
N THR D 445 -30.27 21.86 14.63
CA THR D 445 -30.00 20.44 14.36
C THR D 445 -28.66 20.10 13.74
N VAL D 446 -28.26 18.80 13.88
CA VAL D 446 -27.05 18.19 13.31
C VAL D 446 -27.14 18.34 11.78
N GLU D 447 -28.32 18.01 11.22
CA GLU D 447 -28.68 18.11 9.79
C GLU D 447 -28.46 19.53 9.28
N GLU D 448 -28.91 20.54 10.06
CA GLU D 448 -28.79 21.96 9.75
C GLU D 448 -27.33 22.40 9.77
N ALA D 449 -26.55 21.95 10.79
CA ALA D 449 -25.13 22.27 10.91
C ALA D 449 -24.35 21.78 9.68
N ILE D 450 -24.68 20.55 9.20
CA ILE D 450 -24.06 19.89 8.06
C ILE D 450 -24.33 20.64 6.75
N ALA D 451 -25.61 20.94 6.49
CA ALA D 451 -26.07 21.65 5.30
C ALA D 451 -25.48 23.06 5.20
N ARG D 452 -25.39 23.75 6.35
CA ARG D 452 -24.83 25.11 6.42
C ARG D 452 -23.32 25.12 6.27
N ALA D 453 -22.63 24.10 6.84
CA ALA D 453 -21.17 23.93 6.71
C ALA D 453 -20.82 23.73 5.23
N ASN D 454 -21.67 22.96 4.51
CA ASN D 454 -21.50 22.65 3.08
C ASN D 454 -21.96 23.74 2.13
N ASP D 455 -22.67 24.75 2.63
CA ASP D 455 -23.16 25.87 1.84
C ASP D 455 -22.06 26.89 1.48
N THR D 456 -21.09 26.43 0.69
CA THR D 456 -19.90 27.15 0.24
C THR D 456 -19.43 26.56 -1.08
N ARG D 457 -18.70 27.37 -1.85
CA ARG D 457 -18.05 27.00 -3.11
C ARG D 457 -16.80 26.19 -2.76
N TYR D 458 -16.25 26.47 -1.56
CA TYR D 458 -15.03 25.94 -0.96
C TYR D 458 -15.19 24.59 -0.26
N GLY D 459 -14.08 24.02 0.19
CA GLY D 459 -14.03 22.76 0.90
C GLY D 459 -12.63 22.35 1.29
N LEU D 460 -11.91 23.26 1.95
CA LEU D 460 -10.55 23.06 2.42
C LEU D 460 -10.54 22.35 3.80
N GLY D 461 -10.94 23.07 4.84
CA GLY D 461 -11.01 22.59 6.20
C GLY D 461 -12.35 22.79 6.88
N ALA D 462 -12.52 22.15 8.05
CA ALA D 462 -13.71 22.20 8.90
C ALA D 462 -13.35 21.65 10.28
N GLY D 463 -14.15 22.04 11.29
CA GLY D 463 -13.96 21.59 12.66
C GLY D 463 -15.26 21.20 13.34
N VAL D 464 -15.21 20.21 14.26
CA VAL D 464 -16.36 19.73 15.05
C VAL D 464 -15.98 19.70 16.51
N VAL D 465 -16.79 20.32 17.36
CA VAL D 465 -16.56 20.28 18.80
C VAL D 465 -17.76 19.58 19.43
N THR D 466 -17.53 18.31 19.87
CA THR D 466 -18.53 17.42 20.49
C THR D 466 -17.86 16.27 21.25
N ARG D 467 -18.54 15.76 22.27
CA ARG D 467 -18.09 14.61 23.06
C ARG D 467 -18.76 13.34 22.51
N ASP D 468 -19.87 13.51 21.75
CA ASP D 468 -20.63 12.39 21.18
C ASP D 468 -19.94 11.80 19.96
N LEU D 469 -19.56 10.51 20.08
CA LEU D 469 -18.88 9.73 19.06
C LEU D 469 -19.71 9.57 17.75
N ASP D 470 -21.03 9.36 17.87
CA ASP D 470 -21.92 9.22 16.72
C ASP D 470 -22.15 10.53 15.97
N VAL D 471 -22.21 11.66 16.71
CA VAL D 471 -22.38 13.00 16.13
C VAL D 471 -21.08 13.36 15.40
N ALA D 472 -19.91 13.24 16.07
CA ALA D 472 -18.59 13.49 15.47
C ALA D 472 -18.44 12.69 14.13
N ASN D 473 -18.72 11.34 14.14
CA ASN D 473 -18.63 10.48 12.96
C ASN D 473 -19.54 10.96 11.82
N ARG D 474 -20.80 11.30 12.13
CA ARG D 474 -21.76 11.77 11.14
C ARG D 474 -21.32 13.09 10.53
N VAL D 475 -20.91 14.05 11.39
CA VAL D 475 -20.47 15.38 10.94
C VAL D 475 -19.20 15.30 10.07
N VAL D 476 -18.17 14.57 10.53
CA VAL D 476 -16.90 14.32 9.82
C VAL D 476 -17.14 13.77 8.39
N ARG D 477 -18.01 12.75 8.27
CA ARG D 477 -18.31 12.07 7.03
C ARG D 477 -19.26 12.81 6.11
N SER D 478 -19.99 13.81 6.63
CA SER D 478 -20.98 14.58 5.87
C SER D 478 -20.47 15.94 5.34
N VAL D 479 -19.47 16.53 6.01
CA VAL D 479 -18.89 17.83 5.60
C VAL D 479 -17.88 17.61 4.46
N ARG D 480 -18.15 18.21 3.28
CA ARG D 480 -17.32 18.11 2.08
C ARG D 480 -16.06 18.99 2.14
N ALA D 481 -15.10 18.58 2.99
CA ALA D 481 -13.83 19.27 3.22
C ALA D 481 -12.68 18.29 3.20
N GLY D 482 -11.51 18.75 2.74
CA GLY D 482 -10.31 17.94 2.65
C GLY D 482 -9.73 17.50 3.97
N VAL D 483 -9.90 18.34 5.03
CA VAL D 483 -9.42 18.14 6.42
C VAL D 483 -10.53 18.46 7.41
N VAL D 484 -10.76 17.55 8.38
CA VAL D 484 -11.76 17.73 9.44
C VAL D 484 -11.14 17.46 10.79
N TRP D 485 -11.12 18.48 11.66
CA TRP D 485 -10.61 18.37 13.02
C TRP D 485 -11.76 18.15 13.97
N VAL D 486 -11.57 17.24 14.93
CA VAL D 486 -12.56 16.91 15.95
C VAL D 486 -11.90 17.28 17.26
N ASN D 487 -12.49 18.24 18.01
CA ASN D 487 -12.04 18.71 19.33
C ASN D 487 -10.63 19.31 19.36
N CYS D 488 -10.23 19.89 18.22
CA CYS D 488 -8.93 20.52 17.98
C CYS D 488 -9.05 21.35 16.71
N TYR D 489 -7.91 21.91 16.25
CA TYR D 489 -7.76 22.66 15.00
C TYR D 489 -6.28 22.76 14.61
N PHE D 490 -5.98 22.84 13.27
CA PHE D 490 -4.66 22.96 12.62
C PHE D 490 -3.77 21.73 12.67
N ALA D 491 -3.69 21.09 13.86
CA ALA D 491 -2.86 19.91 14.17
C ALA D 491 -2.93 18.85 13.09
N MET D 492 -1.78 18.52 12.49
CA MET D 492 -1.71 17.53 11.42
C MET D 492 -0.43 16.69 11.44
N GLY D 493 0.71 17.33 11.24
CA GLY D 493 2.02 16.69 11.07
C GLY D 493 2.24 16.39 9.62
N SER D 494 3.50 16.12 9.24
CA SER D 494 3.87 15.85 7.84
C SER D 494 3.35 14.51 7.26
N ASP D 495 2.76 13.65 8.07
CA ASP D 495 2.20 12.36 7.58
C ASP D 495 0.75 12.55 7.10
N CYS D 496 0.17 13.68 7.47
CA CYS D 496 -1.22 14.02 7.20
C CYS D 496 -1.39 14.75 5.87
N PRO D 497 -2.04 14.13 4.84
CA PRO D 497 -2.21 14.86 3.55
C PRO D 497 -3.14 16.06 3.68
N PHE D 498 -2.76 17.19 3.03
CA PHE D 498 -3.50 18.44 3.03
C PHE D 498 -3.85 18.88 1.62
N GLY D 499 -5.13 19.06 1.37
CA GLY D 499 -5.64 19.49 0.09
C GLY D 499 -7.12 19.79 0.12
N GLY D 500 -7.55 20.60 -0.84
CA GLY D 500 -8.95 20.98 -0.94
C GLY D 500 -9.87 20.00 -1.63
N ARG D 501 -11.15 20.34 -1.59
CA ARG D 501 -12.28 19.69 -2.23
C ARG D 501 -13.09 20.86 -2.79
N LYS D 502 -13.91 20.61 -3.81
CA LYS D 502 -14.72 21.62 -4.49
C LYS D 502 -13.81 22.78 -5.01
N MET D 503 -14.15 24.07 -4.79
CA MET D 503 -13.33 25.18 -5.27
C MET D 503 -12.08 25.54 -4.44
N SER D 504 -11.78 24.68 -3.43
CA SER D 504 -10.59 24.84 -2.59
C SER D 504 -9.40 24.11 -3.23
N GLY D 505 -9.66 23.50 -4.39
CA GLY D 505 -8.65 22.83 -5.18
C GLY D 505 -8.68 21.33 -5.19
N PHE D 506 -7.52 20.76 -5.56
CA PHE D 506 -7.24 19.33 -5.70
C PHE D 506 -5.72 19.13 -5.61
N GLY D 507 -5.33 17.92 -5.17
CA GLY D 507 -3.93 17.56 -4.98
C GLY D 507 -3.56 17.65 -3.51
N LYS D 508 -2.61 16.81 -3.07
CA LYS D 508 -2.20 16.80 -1.68
C LYS D 508 -0.80 17.34 -1.44
N ASP D 509 -0.65 18.14 -0.37
CA ASP D 509 0.64 18.61 0.13
C ASP D 509 0.79 17.88 1.45
N GLU D 510 2.02 17.46 1.81
CA GLU D 510 2.26 16.63 3.02
C GLU D 510 1.72 15.21 2.85
N GLY D 511 2.29 14.28 3.63
CA GLY D 511 2.00 12.85 3.57
C GLY D 511 2.77 12.20 2.43
N MET D 512 2.70 10.86 2.32
CA MET D 512 3.34 10.15 1.21
C MET D 512 2.63 10.49 -0.10
N HIS D 513 1.38 10.99 0.04
CA HIS D 513 0.45 11.43 -1.00
C HIS D 513 1.03 12.57 -1.86
N ALA D 514 1.85 13.44 -1.24
CA ALA D 514 2.49 14.63 -1.84
C ALA D 514 3.46 14.30 -2.97
N LEU D 515 4.08 13.12 -2.86
CA LEU D 515 5.07 12.61 -3.81
C LEU D 515 4.51 12.34 -5.20
N ASP D 516 3.21 11.94 -5.30
CA ASP D 516 2.53 11.57 -6.55
C ASP D 516 2.66 12.57 -7.70
N LYS D 517 2.47 13.87 -7.40
CA LYS D 517 2.55 14.95 -8.38
C LYS D 517 3.96 15.17 -8.98
N TYR D 518 5.00 14.63 -8.30
CA TYR D 518 6.42 14.77 -8.68
C TYR D 518 7.00 13.51 -9.28
N LEU D 519 6.17 12.49 -9.45
CA LEU D 519 6.62 11.20 -9.98
C LEU D 519 5.93 10.81 -11.26
N ALA D 520 6.64 10.10 -12.13
CA ALA D 520 6.10 9.56 -13.37
C ALA D 520 5.91 8.07 -13.10
N VAL D 521 4.65 7.59 -13.20
CA VAL D 521 4.35 6.17 -13.03
C VAL D 521 4.45 5.56 -14.42
N LYS D 522 5.38 4.61 -14.57
CA LYS D 522 5.63 3.93 -15.84
C LYS D 522 5.28 2.45 -15.73
N SER D 523 4.34 1.98 -16.56
CA SER D 523 3.94 0.57 -16.62
C SER D 523 4.85 -0.15 -17.61
N VAL D 524 5.40 -1.32 -17.21
CA VAL D 524 6.32 -2.13 -18.01
C VAL D 524 5.79 -3.55 -18.13
N VAL D 525 5.61 -4.05 -19.37
CA VAL D 525 5.05 -5.38 -19.65
C VAL D 525 5.97 -6.20 -20.56
N THR D 526 6.21 -7.46 -20.18
CA THR D 526 6.99 -8.41 -20.97
C THR D 526 6.39 -9.83 -20.89
N PRO D 527 6.45 -10.66 -21.97
CA PRO D 527 5.96 -12.04 -21.86
C PRO D 527 6.88 -12.89 -20.98
N LEU D 528 6.33 -14.00 -20.50
CA LEU D 528 7.08 -14.97 -19.73
C LEU D 528 7.07 -16.27 -20.48
N ARG D 529 8.18 -17.01 -20.44
CA ARG D 529 8.23 -18.33 -21.06
C ARG D 529 8.27 -19.37 -19.94
N ALA D 530 7.24 -20.22 -19.89
CA ALA D 530 7.08 -21.34 -18.95
C ALA D 530 7.25 -20.99 -17.45
N SER D 531 6.61 -19.92 -17.00
CA SER D 531 6.65 -19.56 -15.59
C SER D 531 5.78 -20.59 -14.82
N PRO D 532 6.32 -21.22 -13.74
CA PRO D 532 5.52 -22.21 -13.00
C PRO D 532 4.32 -21.64 -12.22
N TRP D 533 4.26 -20.32 -12.12
CA TRP D 533 3.17 -19.57 -11.48
C TRP D 533 3.01 -18.22 -12.19
N ILE D 534 1.79 -17.66 -12.12
CA ILE D 534 1.42 -16.30 -12.58
C ILE D 534 0.40 -15.72 -11.58
#